data_6O2B
#
_entry.id   6O2B
#
_cell.length_a   83.073
_cell.length_b   93.405
_cell.length_c   94.164
_cell.angle_alpha   82.740
_cell.angle_beta   76.860
_cell.angle_gamma   64.450
#
_symmetry.space_group_name_H-M   'P 1'
#
loop_
_entity.id
_entity.type
_entity.pdbx_description
1 polymer '4493 Fab heavy chain'
2 polymer '4493 Kappa light chain'
3 polymer 'Anti-kappa VHH domain'
4 polymer 'Circumsporozoite protein'
5 non-polymer 'ACETATE ION'
6 non-polymer 1,2-ETHANEDIOL
7 water water
#
loop_
_entity_poly.entity_id
_entity_poly.type
_entity_poly.pdbx_seq_one_letter_code
_entity_poly.pdbx_strand_id
1 'polypeptide(L)'
;EVQLVESGGGLVQPGRSLRLSCTASGFTFGDYAMSWVRQAPGKGLEWVGFIRSKANGGRTENPASVKGRFTISRDDSKSI
AYLQMNSLKTEDTAVYYCTRVELGSSWSLGYWGQGTLVTVSSASTKGPSVFPLAPSSKSTSGGTAALGCLVKDYFPEPVT
VSWNSGALTSGVHTFPAVLQSSGLYSLSSVVTVPSSSLGTQTYICNVNHKPSNTKVDKKVEPKSC
;
A,C,H,O
2 'polypeptide(L)'
;EIVLTQSPGTLSLSPGERATLSCRASQSVSSTYLAWYQQKPGQAPRLLIYGASSRATGIPDRFSGSGSGTDFTLTISRLE
PEDFAVYYCQQYGSSPWTFGQGTKVEIKRTVAAPSVFIFPPSDEQLKSGTASVVCLLNNFYPREAKVQWKVDNALQSGNS
QESVTEQDSKDSTYSLSSTLTLSKADYEKHKVYACEVTHQGLSSPVTKSFNRGEC
;
B,D,I,P
3 'polypeptide(L)'
;(UNK)VQL(UNK)(UNK)SGGG(UNK)VQ(UNK)G(UNK)SL(UNK)LSC(UNK)A(UNK)(UNK)(UNK)(UNK)
(UNK)(UNK)(UNK)(UNK)(UNK)(UNK)(UNK)W(UNK)RQ(UNK)PG(UNK)(UNK)RE(UNK)V(UNK)(UNK)
(UNK)(UNK)(UNK)(UNK)(UNK)(UNK)(UNK)(UNK)(UNK)(UNK)(UNK)DS(UNK)(UNK)GRFT(UNK)S
(UNK)D(UNK)(UNK)(UNK)(UNK)(UNK)(UNK)(UNK)LQ(UNK)(UNK)(UNK)L(UNK)(UNK)(UNK)D(UNK)
A(UNK)YYC(UNK)(UNK)(UNK)(UNK)(UNK)(UNK)(UNK)(UNK)(UNK)(UNK)(UNK)(UNK)(UNK)(UNK)W
G(UNK)GT(UNK)VTVSS
;
E,J,M,N
4 'polypeptide(L)' NVDPNANPNVDP F,G,K,L
#
# COMPACT_ATOMS: atom_id res chain seq x y z
N GLU A 1 -33.61 -42.75 34.98
CA GLU A 1 -32.87 -41.59 35.43
C GLU A 1 -33.16 -40.35 34.58
N VAL A 2 -32.69 -39.20 35.06
CA VAL A 2 -32.93 -37.93 34.39
C VAL A 2 -32.22 -37.92 33.03
N GLN A 3 -32.93 -37.50 31.99
CA GLN A 3 -32.34 -37.30 30.68
C GLN A 3 -32.85 -35.99 30.11
N LEU A 4 -31.92 -35.18 29.59
CA LEU A 4 -32.24 -33.92 28.93
C LEU A 4 -31.54 -33.91 27.59
N VAL A 5 -32.30 -33.66 26.53
CA VAL A 5 -31.79 -33.70 25.17
C VAL A 5 -32.12 -32.39 24.48
N GLU A 6 -31.09 -31.60 24.18
CA GLU A 6 -31.30 -30.37 23.41
C GLU A 6 -31.34 -30.69 21.92
N SER A 7 -32.11 -29.88 21.19
CA SER A 7 -32.17 -29.96 19.75
C SER A 7 -32.55 -28.59 19.19
N GLY A 8 -32.45 -28.46 17.87
CA GLY A 8 -32.79 -27.23 17.20
C GLY A 8 -31.62 -26.32 16.89
N GLY A 9 -30.40 -26.71 17.26
CA GLY A 9 -29.23 -25.90 16.95
C GLY A 9 -28.83 -26.02 15.49
N GLY A 10 -27.82 -25.27 15.13
CA GLY A 10 -27.30 -25.34 13.78
C GLY A 10 -26.82 -23.98 13.33
N LEU A 11 -26.68 -23.83 12.01
CA LEU A 11 -26.17 -22.62 11.40
C LEU A 11 -27.32 -21.66 11.13
N VAL A 12 -27.11 -20.39 11.51
CA VAL A 12 -28.15 -19.38 11.37
C VAL A 12 -27.46 -18.05 11.11
N GLN A 13 -28.11 -17.20 10.29
CA GLN A 13 -27.46 -15.93 9.97
C GLN A 13 -27.80 -14.86 10.99
N PRO A 14 -26.93 -13.85 11.14
CA PRO A 14 -27.22 -12.76 12.07
C PRO A 14 -28.54 -12.08 11.76
N GLY A 15 -29.27 -11.71 12.82
CA GLY A 15 -30.57 -11.10 12.68
C GLY A 15 -31.73 -12.06 12.63
N ARG A 16 -31.47 -13.34 12.35
CA ARG A 16 -32.52 -14.35 12.26
C ARG A 16 -32.84 -14.91 13.65
N SER A 17 -33.76 -15.88 13.67
CA SER A 17 -34.23 -16.49 14.90
C SER A 17 -34.03 -18.01 14.88
N LEU A 18 -33.95 -18.57 16.09
CA LEU A 18 -33.93 -20.01 16.29
C LEU A 18 -34.69 -20.33 17.57
N ARG A 19 -35.31 -21.51 17.60
CA ARG A 19 -35.93 -22.04 18.81
CA ARG A 19 -35.94 -22.04 18.80
C ARG A 19 -35.26 -23.36 19.15
N LEU A 20 -34.64 -23.42 20.32
CA LEU A 20 -34.06 -24.65 20.82
C LEU A 20 -35.12 -25.39 21.64
N SER A 21 -35.10 -26.70 21.56
CA SER A 21 -35.95 -27.54 22.40
C SER A 21 -35.09 -28.36 23.35
N CYS A 22 -35.63 -28.59 24.54
CA CYS A 22 -35.00 -29.45 25.53
C CYS A 22 -36.02 -30.51 25.95
N THR A 23 -35.84 -31.73 25.47
CA THR A 23 -36.77 -32.81 25.74
C THR A 23 -36.34 -33.55 27.00
N ALA A 24 -37.17 -33.53 28.03
CA ALA A 24 -36.84 -34.07 29.34
C ALA A 24 -37.57 -35.40 29.57
N SER A 25 -36.91 -36.30 30.29
CA SER A 25 -37.53 -37.54 30.71
C SER A 25 -36.87 -38.05 31.98
N GLY A 26 -37.56 -38.99 32.64
CA GLY A 26 -37.08 -39.60 33.86
C GLY A 26 -37.43 -38.86 35.14
N PHE A 27 -38.14 -37.75 35.05
CA PHE A 27 -38.59 -37.01 36.23
C PHE A 27 -39.87 -36.27 35.89
N THR A 28 -40.49 -35.70 36.91
CA THR A 28 -41.72 -34.93 36.73
C THR A 28 -41.31 -33.53 36.27
N PHE A 29 -41.29 -33.33 34.96
CA PHE A 29 -40.78 -32.10 34.37
C PHE A 29 -41.45 -30.87 34.97
N GLY A 30 -42.78 -30.89 35.08
CA GLY A 30 -43.53 -29.72 35.52
C GLY A 30 -43.23 -29.26 36.93
N ASP A 31 -42.55 -30.07 37.75
CA ASP A 31 -42.27 -29.71 39.13
C ASP A 31 -41.04 -28.83 39.29
N TYR A 32 -40.20 -28.72 38.26
CA TYR A 32 -38.87 -28.15 38.40
C TYR A 32 -38.75 -26.88 37.57
N ALA A 33 -37.99 -25.92 38.09
CA ALA A 33 -37.49 -24.85 37.24
C ALA A 33 -36.47 -25.42 36.25
N MET A 34 -36.40 -24.82 35.07
CA MET A 34 -35.42 -25.18 34.06
C MET A 34 -34.59 -23.95 33.71
N SER A 35 -33.34 -24.18 33.32
CA SER A 35 -32.42 -23.08 33.05
C SER A 35 -31.53 -23.44 31.87
N TRP A 36 -31.21 -22.42 31.06
CA TRP A 36 -30.30 -22.55 29.93
C TRP A 36 -28.96 -21.90 30.26
N VAL A 37 -27.89 -22.59 29.90
CA VAL A 37 -26.52 -22.11 30.09
C VAL A 37 -25.78 -22.31 28.77
N ARG A 38 -24.97 -21.34 28.38
CA ARG A 38 -24.25 -21.45 27.12
C ARG A 38 -22.75 -21.31 27.34
N GLN A 39 -22.00 -21.86 26.40
CA GLN A 39 -20.54 -21.86 26.45
C GLN A 39 -20.02 -21.57 25.04
N ALA A 40 -19.49 -20.37 24.83
CA ALA A 40 -18.89 -20.03 23.56
C ALA A 40 -17.62 -20.86 23.34
N PRO A 41 -17.25 -21.12 22.07
CA PRO A 41 -16.08 -21.97 21.81
C PRO A 41 -14.82 -21.53 22.55
N GLY A 42 -14.29 -22.42 23.38
CA GLY A 42 -13.07 -22.15 24.12
C GLY A 42 -13.22 -21.28 25.35
N LYS A 43 -14.44 -20.89 25.70
CA LYS A 43 -14.67 -19.96 26.80
C LYS A 43 -15.41 -20.67 27.94
N GLY A 44 -15.83 -19.88 28.93
CA GLY A 44 -16.49 -20.40 30.11
C GLY A 44 -18.00 -20.53 29.95
N LEU A 45 -18.68 -20.59 31.08
CA LEU A 45 -20.13 -20.80 31.13
C LEU A 45 -20.83 -19.48 31.41
N GLU A 46 -21.96 -19.27 30.73
CA GLU A 46 -22.76 -18.07 30.90
C GLU A 46 -24.23 -18.46 31.07
N TRP A 47 -24.82 -18.04 32.18
CA TRP A 47 -26.24 -18.26 32.42
C TRP A 47 -27.07 -17.44 31.42
N VAL A 48 -28.04 -18.09 30.79
CA VAL A 48 -28.88 -17.44 29.79
C VAL A 48 -30.32 -17.25 30.25
N GLY A 49 -30.72 -17.85 31.36
CA GLY A 49 -32.02 -17.58 31.96
C GLY A 49 -32.63 -18.81 32.58
N PHE A 50 -33.66 -18.61 33.40
CA PHE A 50 -34.43 -19.71 33.94
C PHE A 50 -35.93 -19.41 33.80
N ILE A 51 -36.72 -20.47 33.92
CA ILE A 51 -38.17 -20.39 34.00
C ILE A 51 -38.62 -21.21 35.21
N ARG A 52 -39.50 -20.63 36.01
CA ARG A 52 -39.97 -21.32 37.20
C ARG A 52 -41.00 -22.38 36.84
N SER A 53 -41.27 -23.27 37.79
CA SER A 53 -42.35 -24.23 37.61
C SER A 53 -43.69 -23.49 37.60
N LYS A 54 -44.68 -24.14 36.98
CA LYS A 54 -46.03 -23.57 36.97
C LYS A 54 -46.53 -23.28 38.38
N ALA A 55 -46.26 -24.20 39.32
CA ALA A 55 -46.71 -24.00 40.69
C ALA A 55 -46.07 -22.79 41.35
N ASN A 56 -44.96 -22.29 40.82
CA ASN A 56 -44.31 -21.09 41.33
C ASN A 56 -44.43 -19.91 40.37
N GLY A 57 -45.48 -19.89 39.55
CA GLY A 57 -45.78 -18.77 38.68
C GLY A 57 -45.34 -18.96 37.23
N GLY A 58 -44.35 -19.80 36.97
CA GLY A 58 -43.95 -20.08 35.60
C GLY A 58 -43.35 -18.92 34.85
N ARG A 59 -42.90 -17.88 35.55
CA ARG A 59 -42.26 -16.74 34.88
C ARG A 59 -40.76 -16.96 34.77
N THR A 60 -40.11 -16.08 34.00
CA THR A 60 -38.72 -16.24 33.62
C THR A 60 -37.87 -15.09 34.10
N GLU A 61 -36.56 -15.33 34.10
CA GLU A 61 -35.55 -14.31 34.38
C GLU A 61 -34.40 -14.53 33.41
N ASN A 62 -33.83 -13.42 32.93
CA ASN A 62 -32.76 -13.47 31.94
C ASN A 62 -31.70 -12.45 32.30
N PRO A 63 -30.44 -12.69 31.93
CA PRO A 63 -29.41 -11.67 32.10
C PRO A 63 -29.53 -10.59 31.05
N ALA A 64 -28.82 -9.48 31.29
CA ALA A 64 -28.89 -8.33 30.39
C ALA A 64 -28.36 -8.67 29.00
N SER A 65 -27.42 -9.61 28.91
CA SER A 65 -26.79 -9.93 27.63
C SER A 65 -27.78 -10.47 26.60
N VAL A 66 -28.89 -11.06 27.03
CA VAL A 66 -29.86 -11.62 26.09
C VAL A 66 -31.25 -11.07 26.36
N LYS A 67 -31.35 -10.10 27.27
CA LYS A 67 -32.63 -9.50 27.59
C LYS A 67 -33.27 -8.90 26.35
N GLY A 68 -34.56 -9.18 26.17
CA GLY A 68 -35.30 -8.68 25.03
C GLY A 68 -35.11 -9.47 23.76
N ARG A 69 -34.18 -10.41 23.72
CA ARG A 69 -33.92 -11.23 22.54
C ARG A 69 -34.22 -12.69 22.76
N PHE A 70 -33.91 -13.23 23.94
CA PHE A 70 -34.13 -14.64 24.26
C PHE A 70 -35.30 -14.77 25.22
N THR A 71 -36.18 -15.73 24.94
CA THR A 71 -37.32 -16.03 25.79
C THR A 71 -37.40 -17.51 26.05
N ILE A 72 -37.49 -17.88 27.32
CA ILE A 72 -37.67 -19.28 27.71
C ILE A 72 -39.17 -19.55 27.90
N SER A 73 -39.62 -20.69 27.43
CA SER A 73 -40.98 -21.15 27.65
C SER A 73 -40.96 -22.65 27.91
N ARG A 74 -42.10 -23.21 28.26
CA ARG A 74 -42.17 -24.62 28.59
C ARG A 74 -43.55 -25.17 28.21
N ASP A 75 -43.56 -26.44 27.83
CA ASP A 75 -44.79 -27.18 27.55
C ASP A 75 -44.77 -28.39 28.49
N ASP A 76 -45.49 -28.28 29.61
CA ASP A 76 -45.47 -29.34 30.61
C ASP A 76 -46.17 -30.61 30.13
N SER A 77 -47.13 -30.48 29.22
CA SER A 77 -47.82 -31.66 28.71
C SER A 77 -46.91 -32.49 27.82
N LYS A 78 -45.86 -31.88 27.25
CA LYS A 78 -44.88 -32.60 26.45
C LYS A 78 -43.55 -32.80 27.18
N SER A 79 -43.37 -32.19 28.35
CA SER A 79 -42.10 -32.21 29.07
C SER A 79 -40.96 -31.67 28.22
N ILE A 80 -41.17 -30.47 27.67
CA ILE A 80 -40.18 -29.80 26.81
C ILE A 80 -40.01 -28.37 27.28
N ALA A 81 -38.76 -27.94 27.41
CA ALA A 81 -38.43 -26.53 27.64
C ALA A 81 -37.86 -25.94 26.35
N TYR A 82 -38.18 -24.67 26.10
CA TYR A 82 -37.80 -24.01 24.86
C TYR A 82 -36.96 -22.77 25.14
N LEU A 83 -36.07 -22.46 24.19
CA LEU A 83 -35.33 -21.20 24.18
C LEU A 83 -35.56 -20.53 22.83
N GLN A 84 -36.36 -19.48 22.81
CA GLN A 84 -36.60 -18.68 21.60
C GLN A 84 -35.51 -17.63 21.48
N MET A 85 -34.73 -17.70 20.40
CA MET A 85 -33.55 -16.85 20.21
C MET A 85 -33.78 -15.92 19.01
N ASN A 86 -34.08 -14.66 19.29
CA ASN A 86 -34.30 -13.66 18.24
C ASN A 86 -33.13 -12.72 18.11
N SER A 87 -33.04 -12.06 16.95
CA SER A 87 -32.06 -11.01 16.69
C SER A 87 -30.64 -11.51 16.97
N LEU A 88 -30.32 -12.67 16.41
CA LEU A 88 -29.08 -13.35 16.75
C LEU A 88 -27.87 -12.57 16.25
N LYS A 89 -26.81 -12.59 17.06
CA LYS A 89 -25.54 -11.96 16.72
C LYS A 89 -24.45 -13.02 16.73
N THR A 90 -23.33 -12.70 16.08
CA THR A 90 -22.20 -13.63 16.04
C THR A 90 -21.73 -13.99 17.45
N GLU A 91 -21.85 -13.06 18.40
CA GLU A 91 -21.46 -13.33 19.78
C GLU A 91 -22.32 -14.39 20.44
N ASP A 92 -23.48 -14.70 19.86
CA ASP A 92 -24.34 -15.75 20.41
C ASP A 92 -23.88 -17.15 20.03
N THR A 93 -22.84 -17.27 19.20
CA THR A 93 -22.32 -18.57 18.84
C THR A 93 -21.84 -19.30 20.10
N ALA A 94 -22.39 -20.49 20.35
CA ALA A 94 -22.09 -21.22 21.58
C ALA A 94 -22.78 -22.57 21.53
N VAL A 95 -22.29 -23.47 22.39
CA VAL A 95 -23.05 -24.65 22.77
C VAL A 95 -24.05 -24.25 23.84
N TYR A 96 -25.32 -24.62 23.65
CA TYR A 96 -26.38 -24.27 24.59
C TYR A 96 -26.81 -25.51 25.35
N TYR A 97 -26.72 -25.45 26.67
CA TYR A 97 -27.09 -26.54 27.56
C TYR A 97 -28.41 -26.24 28.24
N CYS A 98 -29.27 -27.25 28.29
CA CYS A 98 -30.46 -27.23 29.11
C CYS A 98 -30.18 -27.92 30.44
N THR A 99 -30.69 -27.33 31.53
CA THR A 99 -30.41 -27.85 32.86
C THR A 99 -31.67 -27.85 33.72
N ARG A 100 -31.75 -28.83 34.62
CA ARG A 100 -32.80 -28.88 35.63
C ARG A 100 -32.33 -28.18 36.90
N VAL A 101 -33.16 -27.31 37.43
CA VAL A 101 -32.87 -26.58 38.66
C VAL A 101 -33.37 -27.39 39.85
N GLU A 102 -32.47 -27.66 40.81
CA GLU A 102 -32.80 -28.49 41.96
C GLU A 102 -33.80 -27.80 42.87
N LEU A 103 -34.62 -28.62 43.53
CA LEU A 103 -35.63 -28.13 44.46
C LEU A 103 -35.01 -27.66 45.77
N GLY A 104 -35.72 -26.80 46.47
CA GLY A 104 -35.37 -26.41 47.82
C GLY A 104 -34.67 -25.07 47.92
N SER A 105 -33.93 -24.93 49.03
CA SER A 105 -33.28 -23.68 49.37
C SER A 105 -31.97 -23.42 48.63
N SER A 106 -31.41 -24.43 47.96
CA SER A 106 -30.12 -24.32 47.28
C SER A 106 -30.32 -24.84 45.85
N TRP A 107 -30.65 -23.92 44.94
CA TRP A 107 -31.13 -24.27 43.61
C TRP A 107 -29.98 -24.32 42.61
N SER A 108 -29.10 -25.32 42.79
CA SER A 108 -28.05 -25.57 41.82
C SER A 108 -28.62 -26.21 40.56
N LEU A 109 -27.76 -26.38 39.55
CA LEU A 109 -28.15 -26.98 38.27
C LEU A 109 -27.72 -28.44 38.32
N GLY A 110 -28.65 -29.31 38.74
CA GLY A 110 -28.28 -30.67 39.09
C GLY A 110 -28.07 -31.60 37.92
N TYR A 111 -28.70 -31.33 36.78
CA TYR A 111 -28.57 -32.20 35.61
C TYR A 111 -28.46 -31.36 34.35
N TRP A 112 -27.60 -31.79 33.43
CA TRP A 112 -27.30 -31.08 32.21
C TRP A 112 -27.51 -32.00 31.01
N GLY A 113 -28.01 -31.43 29.91
CA GLY A 113 -28.03 -32.13 28.65
C GLY A 113 -26.66 -32.17 27.99
N GLN A 114 -26.60 -32.83 26.84
CA GLN A 114 -25.34 -32.90 26.10
C GLN A 114 -25.01 -31.58 25.40
N GLY A 115 -26.00 -30.71 25.23
CA GLY A 115 -25.80 -29.43 24.56
C GLY A 115 -26.05 -29.51 23.08
N THR A 116 -26.43 -28.37 22.50
CA THR A 116 -26.58 -28.24 21.06
C THR A 116 -25.84 -26.99 20.57
N LEU A 117 -25.11 -27.13 19.47
CA LEU A 117 -24.28 -26.05 18.98
C LEU A 117 -25.08 -25.09 18.11
N VAL A 118 -24.97 -23.79 18.43
CA VAL A 118 -25.57 -22.73 17.63
C VAL A 118 -24.44 -21.89 17.05
N THR A 119 -24.36 -21.83 15.73
CA THR A 119 -23.37 -21.03 15.02
C THR A 119 -24.07 -19.89 14.29
N VAL A 120 -23.75 -18.66 14.65
CA VAL A 120 -24.32 -17.47 14.02
C VAL A 120 -23.26 -16.88 13.10
N SER A 121 -23.51 -16.95 11.79
CA SER A 121 -22.56 -16.47 10.81
C SER A 121 -23.29 -16.21 9.50
N SER A 122 -22.82 -15.21 8.76
CA SER A 122 -23.31 -14.93 7.43
C SER A 122 -22.44 -15.57 6.34
N ALA A 123 -21.44 -16.36 6.73
CA ALA A 123 -20.54 -16.99 5.78
C ALA A 123 -21.24 -18.12 5.01
N SER A 124 -20.75 -18.37 3.81
CA SER A 124 -21.25 -19.43 2.94
C SER A 124 -20.36 -20.66 3.04
N THR A 125 -20.94 -21.83 2.76
CA THR A 125 -20.18 -23.06 2.75
C THR A 125 -19.03 -22.98 1.74
N LYS A 126 -17.83 -23.34 2.18
CA LYS A 126 -16.65 -23.27 1.33
C LYS A 126 -15.63 -24.30 1.78
N GLY A 127 -15.11 -25.07 0.82
CA GLY A 127 -14.05 -26.01 1.10
C GLY A 127 -12.70 -25.33 1.25
N PRO A 128 -11.80 -25.97 1.98
CA PRO A 128 -10.50 -25.34 2.24
C PRO A 128 -9.52 -25.49 1.09
N SER A 129 -8.57 -24.56 1.06
CA SER A 129 -7.32 -24.74 0.34
C SER A 129 -6.29 -25.31 1.29
N VAL A 130 -5.47 -26.23 0.81
CA VAL A 130 -4.46 -26.90 1.62
C VAL A 130 -3.09 -26.54 1.07
N PHE A 131 -2.29 -25.86 1.90
CA PHE A 131 -0.96 -25.41 1.50
C PHE A 131 0.11 -26.12 2.33
N PRO A 132 1.29 -26.34 1.75
CA PRO A 132 2.34 -27.05 2.48
C PRO A 132 3.05 -26.15 3.48
N LEU A 133 3.38 -26.74 4.62
CA LEU A 133 4.33 -26.16 5.57
C LEU A 133 5.60 -26.99 5.40
N ALA A 134 6.46 -26.57 4.48
CA ALA A 134 7.58 -27.40 4.03
C ALA A 134 8.73 -27.36 5.04
N PRO A 135 9.34 -28.50 5.32
CA PRO A 135 10.49 -28.53 6.24
C PRO A 135 11.72 -27.93 5.58
N SER A 136 12.48 -27.16 6.36
CA SER A 136 13.67 -26.50 5.83
C SER A 136 14.83 -27.48 5.74
N THR A 144 15.95 -33.89 13.76
CA THR A 144 14.49 -33.85 13.63
C THR A 144 14.03 -32.59 12.91
N ALA A 145 13.13 -32.77 11.94
CA ALA A 145 12.55 -31.68 11.18
C ALA A 145 11.04 -31.66 11.40
N ALA A 146 10.44 -30.48 11.23
CA ALA A 146 9.00 -30.31 11.36
C ALA A 146 8.41 -29.91 10.01
N LEU A 147 7.24 -30.47 9.70
CA LEU A 147 6.50 -30.14 8.50
C LEU A 147 5.02 -30.21 8.83
N GLY A 148 4.20 -29.70 7.92
CA GLY A 148 2.77 -29.70 8.21
C GLY A 148 1.94 -29.23 7.03
N CYS A 149 0.65 -29.02 7.31
CA CYS A 149 -0.31 -28.59 6.31
C CYS A 149 -1.11 -27.41 6.87
N LEU A 150 -1.26 -26.38 6.05
CA LEU A 150 -2.11 -25.25 6.38
C LEU A 150 -3.45 -25.42 5.65
N VAL A 151 -4.53 -25.55 6.42
CA VAL A 151 -5.87 -25.81 5.89
C VAL A 151 -6.65 -24.50 6.07
N LYS A 152 -6.74 -23.71 5.00
CA LYS A 152 -7.12 -22.31 5.15
C LYS A 152 -8.42 -22.00 4.41
N ASP A 153 -9.23 -21.13 5.04
CA ASP A 153 -10.41 -20.52 4.44
C ASP A 153 -11.51 -21.54 4.15
N TYR A 154 -11.98 -22.23 5.18
CA TYR A 154 -13.11 -23.14 5.04
C TYR A 154 -14.23 -22.72 5.97
N PHE A 155 -15.44 -23.21 5.68
CA PHE A 155 -16.63 -22.96 6.48
C PHE A 155 -17.69 -23.98 6.09
N PRO A 156 -18.43 -24.55 7.05
CA PRO A 156 -18.21 -24.32 8.48
C PRO A 156 -17.25 -25.34 9.08
N GLU A 157 -17.12 -25.32 10.40
CA GLU A 157 -16.42 -26.39 11.10
C GLU A 157 -17.20 -27.69 10.95
N PRO A 158 -16.53 -28.85 11.04
CA PRO A 158 -15.10 -29.06 11.24
C PRO A 158 -14.40 -29.62 10.00
N VAL A 159 -13.07 -29.67 10.05
CA VAL A 159 -12.27 -30.46 9.13
C VAL A 159 -11.53 -31.50 9.95
N THR A 160 -11.27 -32.65 9.34
CA THR A 160 -10.43 -33.68 9.93
C THR A 160 -9.12 -33.77 9.15
N VAL A 161 -8.02 -34.03 9.88
CA VAL A 161 -6.70 -34.15 9.27
C VAL A 161 -6.03 -35.41 9.81
N SER A 162 -5.53 -36.25 8.91
CA SER A 162 -4.66 -37.35 9.25
C SER A 162 -3.40 -37.27 8.41
N TRP A 163 -2.41 -38.08 8.75
CA TRP A 163 -1.16 -38.15 8.00
C TRP A 163 -0.91 -39.57 7.53
N ASN A 164 -0.55 -39.72 6.26
CA ASN A 164 -0.36 -41.02 5.62
C ASN A 164 -1.55 -41.93 5.89
N SER A 165 -2.76 -41.38 5.75
CA SER A 165 -4.01 -42.10 5.90
C SER A 165 -4.15 -42.73 7.29
N GLY A 166 -3.57 -42.08 8.30
CA GLY A 166 -3.67 -42.55 9.67
C GLY A 166 -2.51 -43.43 10.13
N ALA A 167 -1.61 -43.80 9.22
CA ALA A 167 -0.46 -44.60 9.60
C ALA A 167 0.58 -43.79 10.36
N LEU A 168 0.56 -42.47 10.24
CA LEU A 168 1.54 -41.61 10.91
C LEU A 168 0.81 -40.84 12.01
N THR A 169 1.14 -41.14 13.26
CA THR A 169 0.49 -40.52 14.41
C THR A 169 1.52 -39.97 15.38
N SER A 170 2.71 -40.57 15.41
CA SER A 170 3.74 -40.12 16.35
C SER A 170 4.20 -38.71 15.96
N GLY A 171 4.17 -37.81 16.93
CA GLY A 171 4.60 -36.45 16.70
C GLY A 171 3.62 -35.58 15.94
N VAL A 172 2.39 -36.02 15.75
CA VAL A 172 1.39 -35.24 15.02
C VAL A 172 0.69 -34.31 16.01
N HIS A 173 0.55 -33.04 15.62
CA HIS A 173 -0.23 -32.06 16.36
C HIS A 173 -1.17 -31.37 15.38
N THR A 174 -2.48 -31.57 15.55
CA THR A 174 -3.48 -30.84 14.79
C THR A 174 -4.10 -29.79 15.70
N PHE A 175 -3.90 -28.52 15.35
CA PHE A 175 -4.26 -27.42 16.23
C PHE A 175 -5.73 -27.04 16.09
N PRO A 176 -6.32 -26.47 17.15
CA PRO A 176 -7.67 -25.90 17.02
C PRO A 176 -7.74 -24.84 15.92
N ALA A 177 -8.87 -24.82 15.22
CA ALA A 177 -9.09 -23.83 14.19
C ALA A 177 -9.25 -22.45 14.79
N VAL A 178 -8.85 -21.43 14.03
CA VAL A 178 -9.07 -20.04 14.40
C VAL A 178 -10.08 -19.45 13.42
N LEU A 179 -10.99 -18.63 13.95
CA LEU A 179 -11.95 -17.89 13.13
C LEU A 179 -11.29 -16.60 12.66
N GLN A 180 -11.12 -16.46 11.35
CA GLN A 180 -10.49 -15.27 10.79
C GLN A 180 -11.52 -14.15 10.69
N SER A 181 -11.02 -12.93 10.48
CA SER A 181 -11.92 -11.78 10.37
C SER A 181 -12.82 -11.86 9.15
N SER A 182 -12.47 -12.68 8.16
CA SER A 182 -13.34 -12.90 7.01
C SER A 182 -14.55 -13.76 7.34
N GLY A 183 -14.62 -14.31 8.55
CA GLY A 183 -15.65 -15.27 8.88
C GLY A 183 -15.34 -16.69 8.48
N LEU A 184 -14.16 -16.95 7.91
CA LEU A 184 -13.75 -18.28 7.51
C LEU A 184 -12.72 -18.80 8.49
N TYR A 185 -12.68 -20.13 8.64
CA TYR A 185 -11.79 -20.77 9.58
C TYR A 185 -10.47 -21.11 8.91
N SER A 186 -9.46 -21.36 9.75
CA SER A 186 -8.16 -21.83 9.29
C SER A 186 -7.52 -22.62 10.41
N LEU A 187 -6.86 -23.72 10.06
CA LEU A 187 -6.12 -24.48 11.05
C LEU A 187 -4.87 -25.07 10.40
N SER A 188 -3.91 -25.42 11.25
CA SER A 188 -2.69 -26.10 10.83
C SER A 188 -2.59 -27.45 11.52
N SER A 189 -2.00 -28.40 10.81
CA SER A 189 -1.62 -29.69 11.37
C SER A 189 -0.16 -29.92 11.04
N VAL A 190 0.64 -30.24 12.05
CA VAL A 190 2.08 -30.40 11.88
C VAL A 190 2.49 -31.77 12.40
N VAL A 191 3.67 -32.19 11.98
CA VAL A 191 4.27 -33.44 12.48
C VAL A 191 5.77 -33.28 12.45
N THR A 192 6.44 -33.87 13.45
CA THR A 192 7.90 -33.94 13.48
C THR A 192 8.35 -35.32 13.04
N VAL A 193 9.41 -35.34 12.23
CA VAL A 193 9.92 -36.57 11.63
C VAL A 193 11.44 -36.50 11.63
N PRO A 194 12.10 -37.65 11.49
CA PRO A 194 13.57 -37.62 11.41
C PRO A 194 14.03 -36.88 10.16
N SER A 195 14.98 -35.97 10.36
CA SER A 195 15.51 -35.19 9.24
C SER A 195 16.23 -36.08 8.23
N SER A 196 16.92 -37.12 8.69
CA SER A 196 17.65 -38.00 7.78
C SER A 196 16.72 -38.81 6.88
N SER A 197 15.43 -38.85 7.17
CA SER A 197 14.45 -39.62 6.41
C SER A 197 13.75 -38.82 5.34
N LEU A 198 13.90 -37.50 5.30
CA LEU A 198 13.13 -36.67 4.37
C LEU A 198 13.37 -37.06 2.92
N GLY A 199 14.61 -37.39 2.57
CA GLY A 199 14.92 -37.75 1.19
C GLY A 199 14.19 -38.97 0.66
N THR A 200 13.76 -39.88 1.55
CA THR A 200 13.14 -41.12 1.13
C THR A 200 11.70 -41.32 1.57
N GLN A 201 11.26 -40.69 2.65
CA GLN A 201 9.92 -40.93 3.17
C GLN A 201 8.94 -39.90 2.63
N THR A 202 7.78 -40.40 2.19
CA THR A 202 6.70 -39.56 1.67
C THR A 202 5.73 -39.25 2.80
N TYR A 203 5.40 -37.98 2.96
CA TYR A 203 4.48 -37.53 4.01
C TYR A 203 3.31 -36.81 3.36
N ILE A 204 2.09 -37.31 3.61
CA ILE A 204 0.88 -36.79 3.00
C ILE A 204 -0.14 -36.52 4.11
N CYS A 205 -0.70 -35.31 4.13
CA CYS A 205 -1.78 -34.98 5.04
C CYS A 205 -3.10 -35.16 4.31
N ASN A 206 -4.04 -35.84 4.95
CA ASN A 206 -5.35 -36.14 4.36
C ASN A 206 -6.38 -35.22 5.01
N VAL A 207 -6.93 -34.30 4.24
CA VAL A 207 -7.87 -33.30 4.73
C VAL A 207 -9.26 -33.66 4.22
N ASN A 208 -10.24 -33.65 5.11
CA ASN A 208 -11.63 -33.94 4.78
C ASN A 208 -12.50 -32.85 5.36
N HIS A 209 -13.27 -32.17 4.50
CA HIS A 209 -14.24 -31.16 4.92
C HIS A 209 -15.60 -31.65 4.45
N LYS A 210 -16.26 -32.44 5.29
CA LYS A 210 -17.52 -33.07 4.91
C LYS A 210 -18.62 -32.06 4.53
N PRO A 211 -18.78 -30.92 5.21
CA PRO A 211 -19.87 -29.99 4.80
C PRO A 211 -19.79 -29.54 3.35
N SER A 212 -18.61 -29.53 2.74
CA SER A 212 -18.47 -29.13 1.34
C SER A 212 -18.11 -30.29 0.43
N ASN A 213 -18.06 -31.52 0.94
CA ASN A 213 -17.64 -32.69 0.18
C ASN A 213 -16.27 -32.48 -0.46
N THR A 214 -15.35 -31.92 0.31
CA THR A 214 -14.00 -31.63 -0.14
C THR A 214 -13.04 -32.57 0.60
N LYS A 215 -12.36 -33.43 -0.14
CA LYS A 215 -11.28 -34.23 0.42
C LYS A 215 -10.02 -33.97 -0.39
N VAL A 216 -8.91 -33.72 0.31
CA VAL A 216 -7.65 -33.36 -0.34
C VAL A 216 -6.52 -34.17 0.26
N ASP A 217 -5.67 -34.73 -0.59
CA ASP A 217 -4.42 -35.38 -0.19
C ASP A 217 -3.27 -34.49 -0.63
N LYS A 218 -2.54 -33.93 0.33
CA LYS A 218 -1.43 -33.01 0.06
C LYS A 218 -0.12 -33.65 0.47
N LYS A 219 0.76 -33.88 -0.50
CA LYS A 219 2.10 -34.34 -0.24
C LYS A 219 2.98 -33.15 0.15
N VAL A 220 3.66 -33.25 1.29
CA VAL A 220 4.53 -32.20 1.78
C VAL A 220 5.97 -32.69 1.74
N GLU A 221 6.81 -31.99 0.99
CA GLU A 221 8.21 -32.36 0.83
C GLU A 221 9.05 -31.09 0.92
N PRO A 222 10.36 -31.22 1.17
CA PRO A 222 11.23 -30.04 1.20
C PRO A 222 11.18 -29.27 -0.11
N LYS A 223 11.14 -27.94 0.00
CA LYS A 223 11.14 -27.09 -1.18
C LYS A 223 12.48 -27.19 -1.90
N SER A 224 12.45 -26.95 -3.21
CA SER A 224 13.64 -26.99 -4.05
C SER A 224 14.73 -26.04 -3.55
N GLU B 1 -23.45 -6.97 39.40
CA GLU B 1 -23.34 -8.42 39.34
C GLU B 1 -22.12 -8.91 40.12
N ILE B 2 -22.29 -10.04 40.80
CA ILE B 2 -21.22 -10.62 41.61
C ILE B 2 -20.24 -11.31 40.68
N VAL B 3 -18.99 -10.84 40.68
CA VAL B 3 -17.93 -11.45 39.89
C VAL B 3 -17.25 -12.53 40.72
N LEU B 4 -17.15 -13.73 40.16
CA LEU B 4 -16.43 -14.82 40.79
C LEU B 4 -15.07 -14.96 40.12
N THR B 5 -14.00 -14.82 40.90
CA THR B 5 -12.64 -14.91 40.42
C THR B 5 -12.02 -16.19 40.95
N GLN B 6 -11.72 -17.13 40.06
CA GLN B 6 -11.11 -18.39 40.45
C GLN B 6 -9.59 -18.29 40.31
N SER B 7 -8.89 -18.94 41.23
CA SER B 7 -7.44 -18.95 41.20
C SER B 7 -6.93 -20.26 41.77
N PRO B 8 -5.80 -20.77 41.27
CA PRO B 8 -5.11 -20.20 40.11
C PRO B 8 -5.83 -20.53 38.81
N GLY B 9 -5.44 -19.89 37.71
CA GLY B 9 -6.03 -20.22 36.43
C GLY B 9 -5.78 -21.66 36.04
N THR B 10 -4.55 -22.13 36.26
CA THR B 10 -4.18 -23.51 36.00
C THR B 10 -3.50 -24.08 37.23
N LEU B 11 -3.94 -25.26 37.64
CA LEU B 11 -3.38 -25.96 38.80
C LEU B 11 -2.61 -27.15 38.28
N SER B 12 -1.30 -27.17 38.53
CA SER B 12 -0.39 -28.18 38.00
C SER B 12 -0.04 -29.14 39.12
N LEU B 13 -0.58 -30.37 39.04
CA LEU B 13 -0.41 -31.34 40.12
C LEU B 13 -0.21 -32.73 39.53
N SER B 14 0.30 -33.62 40.37
CA SER B 14 0.48 -35.02 40.00
C SER B 14 -0.69 -35.86 40.51
N PRO B 15 -0.98 -36.98 39.84
CA PRO B 15 -2.04 -37.87 40.33
C PRO B 15 -1.73 -38.39 41.72
N GLY B 16 -2.75 -38.45 42.56
CA GLY B 16 -2.59 -38.83 43.95
C GLY B 16 -2.37 -37.67 44.90
N GLU B 17 -2.07 -36.48 44.39
CA GLU B 17 -1.93 -35.30 45.22
C GLU B 17 -3.29 -34.70 45.55
N ARG B 18 -3.28 -33.77 46.51
CA ARG B 18 -4.48 -33.04 46.89
C ARG B 18 -4.57 -31.74 46.09
N ALA B 19 -5.78 -31.45 45.61
CA ALA B 19 -6.05 -30.23 44.85
C ALA B 19 -6.91 -29.30 45.69
N THR B 20 -6.49 -28.04 45.78
CA THR B 20 -7.22 -27.00 46.49
C THR B 20 -7.52 -25.88 45.51
N LEU B 21 -8.80 -25.68 45.21
CA LEU B 21 -9.23 -24.70 44.23
C LEU B 21 -9.97 -23.57 44.94
N SER B 22 -9.65 -22.33 44.55
CA SER B 22 -10.21 -21.15 45.20
C SER B 22 -11.19 -20.43 44.28
N CYS B 23 -12.22 -19.86 44.90
CA CYS B 23 -13.23 -19.05 44.20
C CYS B 23 -13.52 -17.86 45.09
N ARG B 24 -13.11 -16.66 44.66
CA ARG B 24 -13.29 -15.44 45.43
C ARG B 24 -14.38 -14.60 44.77
N ALA B 25 -15.33 -14.15 45.59
CA ALA B 25 -16.47 -13.36 45.11
C ALA B 25 -16.26 -11.89 45.40
N SER B 26 -16.65 -11.03 44.45
CA SER B 26 -16.53 -9.60 44.64
C SER B 26 -17.50 -9.08 45.71
N GLN B 27 -18.51 -9.87 46.05
CA GLN B 27 -19.47 -9.51 47.10
C GLN B 27 -19.71 -10.73 47.97
N SER B 28 -20.18 -10.48 49.19
CA SER B 28 -20.47 -11.56 50.11
C SER B 28 -21.58 -12.44 49.56
N VAL B 29 -21.34 -13.74 49.53
CA VAL B 29 -22.32 -14.73 49.09
C VAL B 29 -22.50 -15.75 50.20
N SER B 30 -23.74 -15.97 50.60
CA SER B 30 -24.01 -17.04 51.56
C SER B 30 -23.62 -18.38 50.94
N SER B 31 -23.05 -19.26 51.78
CA SER B 31 -22.58 -20.56 51.29
C SER B 31 -23.72 -21.35 50.66
N THR B 32 -24.96 -21.10 51.11
CA THR B 32 -26.13 -21.77 50.57
C THR B 32 -26.25 -21.61 49.05
N TYR B 33 -25.69 -20.53 48.49
CA TYR B 33 -25.91 -20.18 47.09
C TYR B 33 -24.67 -20.32 46.22
N LEU B 34 -23.75 -21.22 46.59
CA LEU B 34 -22.56 -21.44 45.79
C LEU B 34 -22.46 -22.91 45.42
N ALA B 35 -22.05 -23.17 44.18
CA ALA B 35 -21.94 -24.53 43.67
C ALA B 35 -20.67 -24.68 42.85
N TRP B 36 -20.23 -25.92 42.71
CA TRP B 36 -19.05 -26.25 41.91
C TRP B 36 -19.43 -27.26 40.83
N TYR B 37 -18.88 -27.06 39.63
CA TYR B 37 -19.13 -27.94 38.51
C TYR B 37 -17.81 -28.41 37.92
N GLN B 38 -17.84 -29.61 37.36
CA GLN B 38 -16.71 -30.21 36.67
C GLN B 38 -17.03 -30.38 35.21
N GLN B 39 -16.07 -30.04 34.35
CA GLN B 39 -16.20 -30.26 32.91
C GLN B 39 -14.96 -31.00 32.45
N LYS B 40 -15.15 -32.25 32.04
CA LYS B 40 -14.11 -33.07 31.47
C LYS B 40 -13.98 -32.77 29.99
N PRO B 41 -12.81 -33.01 29.40
CA PRO B 41 -12.61 -32.65 27.99
C PRO B 41 -13.66 -33.28 27.09
N GLY B 42 -14.29 -32.43 26.27
CA GLY B 42 -15.30 -32.90 25.33
C GLY B 42 -16.66 -33.22 25.92
N GLN B 43 -16.91 -32.88 27.18
CA GLN B 43 -18.13 -33.26 27.85
C GLN B 43 -18.89 -32.05 28.39
N ALA B 44 -20.16 -32.28 28.72
CA ALA B 44 -20.97 -31.26 29.36
C ALA B 44 -20.56 -31.09 30.82
N PRO B 45 -20.79 -29.92 31.41
CA PRO B 45 -20.55 -29.76 32.85
C PRO B 45 -21.46 -30.69 33.66
N ARG B 46 -21.00 -31.02 34.86
CA ARG B 46 -21.81 -31.77 35.82
C ARG B 46 -21.63 -31.19 37.21
N LEU B 47 -22.71 -31.22 37.98
CA LEU B 47 -22.70 -30.71 39.35
C LEU B 47 -21.83 -31.57 40.26
N LEU B 48 -20.97 -30.91 41.05
CA LEU B 48 -20.16 -31.59 42.05
C LEU B 48 -20.64 -31.28 43.47
N ILE B 49 -20.56 -30.01 43.87
CA ILE B 49 -20.87 -29.57 45.22
C ILE B 49 -21.84 -28.41 45.12
N TYR B 50 -22.85 -28.38 45.98
CA TYR B 50 -23.74 -27.23 46.07
C TYR B 50 -23.98 -26.90 47.53
N GLY B 51 -24.40 -25.67 47.77
CA GLY B 51 -24.48 -25.18 49.13
C GLY B 51 -23.10 -25.13 49.76
N ALA B 52 -22.07 -24.87 48.94
CA ALA B 52 -20.67 -24.75 49.33
C ALA B 52 -20.07 -26.08 49.78
N SER B 53 -20.85 -26.93 50.43
CA SER B 53 -20.31 -28.12 51.06
C SER B 53 -21.08 -29.41 50.81
N SER B 54 -22.27 -29.38 50.19
CA SER B 54 -23.10 -30.56 50.02
C SER B 54 -22.83 -31.23 48.68
N ARG B 55 -22.68 -32.55 48.71
CA ARG B 55 -22.31 -33.33 47.53
C ARG B 55 -23.52 -33.66 46.67
N ALA B 56 -23.33 -33.64 45.35
CA ALA B 56 -24.37 -34.08 44.43
C ALA B 56 -24.40 -35.61 44.38
N THR B 57 -25.51 -36.13 43.85
CA THR B 57 -25.73 -37.57 43.84
C THR B 57 -24.68 -38.31 43.00
N GLY B 58 -24.06 -39.32 43.59
CA GLY B 58 -23.08 -40.14 42.90
C GLY B 58 -21.69 -39.58 42.83
N ILE B 59 -21.45 -38.39 43.35
CA ILE B 59 -20.12 -37.78 43.29
C ILE B 59 -19.23 -38.44 44.35
N PRO B 60 -18.03 -38.87 44.00
CA PRO B 60 -17.21 -39.62 44.96
C PRO B 60 -16.78 -38.78 46.16
N ASP B 61 -16.38 -39.48 47.22
CA ASP B 61 -16.12 -38.87 48.51
C ASP B 61 -14.96 -37.89 48.51
N ARG B 62 -14.03 -38.00 47.55
CA ARG B 62 -12.84 -37.16 47.57
C ARG B 62 -13.11 -35.69 47.26
N PHE B 63 -14.29 -35.35 46.75
CA PHE B 63 -14.66 -33.96 46.50
C PHE B 63 -15.35 -33.38 47.73
N SER B 64 -14.84 -32.25 48.21
CA SER B 64 -15.47 -31.55 49.33
C SER B 64 -15.27 -30.05 49.18
N GLY B 65 -16.17 -29.28 49.79
CA GLY B 65 -16.13 -27.84 49.70
C GLY B 65 -16.26 -27.19 51.06
N SER B 66 -15.87 -25.92 51.11
CA SER B 66 -15.95 -25.14 52.34
C SER B 66 -15.89 -23.66 51.97
N GLY B 67 -16.11 -22.81 52.96
CA GLY B 67 -16.01 -21.38 52.79
C GLY B 67 -17.35 -20.69 52.95
N SER B 68 -17.28 -19.37 53.17
CA SER B 68 -18.48 -18.55 53.32
C SER B 68 -18.07 -17.10 53.05
N GLY B 69 -19.06 -16.28 52.71
CA GLY B 69 -18.79 -14.89 52.43
C GLY B 69 -18.20 -14.65 51.06
N THR B 70 -16.88 -14.42 50.99
CA THR B 70 -16.24 -14.13 49.72
C THR B 70 -15.20 -15.16 49.27
N ASP B 71 -14.73 -16.05 50.14
CA ASP B 71 -13.64 -16.96 49.80
C ASP B 71 -14.12 -18.39 49.97
N PHE B 72 -14.17 -19.13 48.87
CA PHE B 72 -14.68 -20.50 48.86
C PHE B 72 -13.61 -21.42 48.32
N THR B 73 -13.68 -22.69 48.74
CA THR B 73 -12.64 -23.67 48.42
C THR B 73 -13.28 -24.97 47.99
N LEU B 74 -12.77 -25.54 46.91
CA LEU B 74 -13.07 -26.91 46.52
C LEU B 74 -11.81 -27.74 46.73
N THR B 75 -11.95 -28.84 47.48
CA THR B 75 -10.82 -29.71 47.78
C THR B 75 -11.08 -31.08 47.15
N ILE B 76 -10.07 -31.57 46.45
CA ILE B 76 -10.05 -32.96 45.97
C ILE B 76 -8.92 -33.63 46.73
N SER B 77 -9.29 -34.57 47.62
CA SER B 77 -8.32 -35.10 48.57
C SER B 77 -7.20 -35.86 47.86
N ARG B 78 -7.52 -36.59 46.80
CA ARG B 78 -6.53 -37.32 46.02
C ARG B 78 -6.94 -37.26 44.56
N LEU B 79 -6.06 -36.72 43.72
CA LEU B 79 -6.41 -36.58 42.30
C LEU B 79 -6.36 -37.96 41.64
N GLU B 80 -7.46 -38.34 41.04
CA GLU B 80 -7.48 -39.49 40.16
C GLU B 80 -7.31 -39.03 38.72
N PRO B 81 -6.87 -39.92 37.82
CA PRO B 81 -6.64 -39.50 36.43
C PRO B 81 -7.81 -38.75 35.79
N GLU B 82 -9.04 -39.16 36.06
CA GLU B 82 -10.21 -38.50 35.49
C GLU B 82 -10.52 -37.16 36.14
N ASP B 83 -9.81 -36.78 37.20
CA ASP B 83 -10.08 -35.50 37.86
C ASP B 83 -9.37 -34.34 37.17
N PHE B 84 -8.48 -34.62 36.22
CA PHE B 84 -7.82 -33.56 35.50
C PHE B 84 -8.78 -33.01 34.45
N ALA B 85 -9.28 -31.82 34.69
CA ALA B 85 -10.45 -31.27 34.00
C ALA B 85 -10.57 -29.81 34.40
N VAL B 86 -11.64 -29.17 33.95
CA VAL B 86 -11.92 -27.79 34.29
C VAL B 86 -13.03 -27.74 35.34
N TYR B 87 -12.87 -26.86 36.32
CA TYR B 87 -13.81 -26.73 37.43
C TYR B 87 -14.32 -25.30 37.47
N TYR B 88 -15.64 -25.14 37.56
CA TYR B 88 -16.29 -23.84 37.62
C TYR B 88 -17.03 -23.69 38.95
N CYS B 89 -16.90 -22.53 39.58
CA CYS B 89 -17.77 -22.16 40.68
C CYS B 89 -18.90 -21.29 40.15
N GLN B 90 -20.00 -21.28 40.90
CA GLN B 90 -21.21 -20.59 40.49
C GLN B 90 -21.91 -20.06 41.72
N GLN B 91 -22.43 -18.84 41.64
CA GLN B 91 -23.31 -18.32 42.67
C GLN B 91 -24.69 -18.09 42.05
N TYR B 92 -25.72 -18.43 42.81
CA TYR B 92 -27.09 -18.22 42.36
C TYR B 92 -27.92 -17.50 43.42
N GLY B 93 -27.27 -16.75 44.31
CA GLY B 93 -27.98 -15.98 45.31
C GLY B 93 -28.36 -14.59 44.88
N SER B 94 -27.84 -14.12 43.75
CA SER B 94 -28.19 -12.81 43.23
C SER B 94 -28.29 -12.88 41.71
N SER B 95 -29.06 -11.96 41.15
CA SER B 95 -29.25 -11.93 39.71
C SER B 95 -28.34 -10.89 39.09
N PRO B 96 -27.62 -11.21 38.01
CA PRO B 96 -27.65 -12.51 37.33
C PRO B 96 -26.87 -13.61 38.04
N TRP B 97 -27.32 -14.85 37.94
CA TRP B 97 -26.45 -15.97 38.28
C TRP B 97 -25.16 -15.87 37.48
N THR B 98 -24.04 -16.15 38.13
CA THR B 98 -22.75 -16.01 37.47
C THR B 98 -21.87 -17.22 37.76
N PHE B 99 -20.94 -17.47 36.85
CA PHE B 99 -19.92 -18.51 36.98
C PHE B 99 -18.55 -17.86 37.03
N GLY B 100 -17.63 -18.50 37.72
CA GLY B 100 -16.23 -18.14 37.62
C GLY B 100 -15.68 -18.47 36.25
N GLN B 101 -14.46 -17.99 35.99
CA GLN B 101 -13.87 -18.20 34.67
C GLN B 101 -13.25 -19.59 34.51
N GLY B 102 -13.22 -20.39 35.56
CA GLY B 102 -12.74 -21.75 35.46
C GLY B 102 -11.30 -21.95 35.90
N THR B 103 -11.02 -23.09 36.52
CA THR B 103 -9.67 -23.51 36.85
C THR B 103 -9.40 -24.86 36.21
N LYS B 104 -8.29 -24.98 35.48
CA LYS B 104 -7.89 -26.24 34.88
C LYS B 104 -6.90 -26.95 35.78
N VAL B 105 -7.14 -28.23 36.04
CA VAL B 105 -6.21 -29.08 36.78
C VAL B 105 -5.48 -29.94 35.76
N GLU B 106 -4.19 -29.66 35.59
CA GLU B 106 -3.36 -30.32 34.59
C GLU B 106 -2.25 -31.14 35.26
N ILE B 107 -1.67 -32.06 34.49
CA ILE B 107 -0.58 -32.88 34.97
C ILE B 107 0.70 -32.05 35.03
N LYS B 108 1.36 -32.05 36.18
CA LYS B 108 2.63 -31.35 36.32
C LYS B 108 3.78 -32.19 35.80
N ARG B 109 4.72 -31.55 35.12
CA ARG B 109 5.96 -32.18 34.66
C ARG B 109 7.09 -31.16 34.77
N THR B 110 8.28 -31.57 34.37
CA THR B 110 9.43 -30.66 34.39
C THR B 110 9.34 -29.67 33.23
N VAL B 111 10.03 -28.55 33.39
CA VAL B 111 9.99 -27.48 32.39
C VAL B 111 10.65 -27.93 31.11
N ALA B 112 10.01 -27.64 29.98
CA ALA B 112 10.55 -27.96 28.66
C ALA B 112 10.40 -26.73 27.77
N ALA B 113 11.53 -26.21 27.29
CA ALA B 113 11.50 -25.06 26.40
C ALA B 113 10.99 -25.51 25.02
N PRO B 114 10.27 -24.63 24.31
CA PRO B 114 9.74 -25.03 23.01
C PRO B 114 10.84 -25.18 21.97
N SER B 115 10.61 -26.10 21.04
CA SER B 115 11.32 -26.11 19.77
C SER B 115 10.58 -25.21 18.80
N VAL B 116 11.29 -24.32 18.11
CA VAL B 116 10.68 -23.30 17.29
C VAL B 116 11.01 -23.57 15.83
N PHE B 117 9.99 -23.45 14.97
CA PHE B 117 10.13 -23.62 13.54
C PHE B 117 9.32 -22.51 12.87
N ILE B 118 9.83 -21.98 11.77
CA ILE B 118 9.13 -20.97 10.99
C ILE B 118 8.92 -21.50 9.59
N PHE B 119 7.76 -21.19 9.01
CA PHE B 119 7.41 -21.67 7.69
C PHE B 119 7.03 -20.46 6.84
N PRO B 120 7.70 -20.23 5.71
CA PRO B 120 7.29 -19.16 4.81
C PRO B 120 5.98 -19.52 4.13
N PRO B 121 5.27 -18.54 3.57
CA PRO B 121 4.11 -18.88 2.75
C PRO B 121 4.52 -19.67 1.53
N SER B 122 3.70 -20.64 1.15
CA SER B 122 3.98 -21.43 -0.02
C SER B 122 3.79 -20.60 -1.29
N ASP B 123 4.49 -21.00 -2.34
CA ASP B 123 4.29 -20.37 -3.65
C ASP B 123 2.85 -20.56 -4.11
N GLU B 124 2.25 -21.70 -3.79
CA GLU B 124 0.86 -21.95 -4.16
C GLU B 124 -0.06 -20.91 -3.54
N GLN B 125 0.12 -20.61 -2.26
CA GLN B 125 -0.73 -19.60 -1.63
C GLN B 125 -0.46 -18.22 -2.19
N LEU B 126 0.81 -17.90 -2.51
CA LEU B 126 1.14 -16.57 -3.01
C LEU B 126 0.42 -16.26 -4.31
N LYS B 127 0.18 -17.26 -5.17
CA LYS B 127 -0.58 -16.99 -6.38
C LYS B 127 -2.00 -16.56 -6.07
N SER B 128 -2.53 -16.93 -4.89
CA SER B 128 -3.89 -16.60 -4.53
C SER B 128 -4.06 -15.16 -4.04
N GLY B 129 -2.96 -14.46 -3.75
CA GLY B 129 -3.02 -13.08 -3.34
C GLY B 129 -2.83 -12.83 -1.86
N THR B 130 -2.70 -13.87 -1.06
CA THR B 130 -2.51 -13.74 0.38
C THR B 130 -1.28 -14.54 0.81
N ALA B 131 -0.69 -14.13 1.92
CA ALA B 131 0.50 -14.77 2.46
C ALA B 131 0.29 -15.07 3.94
N SER B 132 0.47 -16.33 4.31
CA SER B 132 0.43 -16.74 5.71
C SER B 132 1.81 -17.22 6.12
N VAL B 133 2.38 -16.60 7.15
CA VAL B 133 3.62 -17.05 7.76
C VAL B 133 3.27 -17.73 9.08
N VAL B 134 3.80 -18.93 9.28
CA VAL B 134 3.41 -19.78 10.40
C VAL B 134 4.63 -20.02 11.28
N CYS B 135 4.46 -19.83 12.59
CA CYS B 135 5.47 -20.12 13.59
C CYS B 135 4.95 -21.25 14.48
N LEU B 136 5.76 -22.28 14.64
CA LEU B 136 5.39 -23.46 15.43
C LEU B 136 6.26 -23.54 16.67
N LEU B 137 5.62 -23.65 17.83
CA LEU B 137 6.30 -23.89 19.11
C LEU B 137 5.91 -25.31 19.55
N ASN B 138 6.88 -26.21 19.59
CA ASN B 138 6.61 -27.63 19.75
C ASN B 138 7.03 -28.15 21.12
N ASN B 139 6.10 -28.86 21.78
CA ASN B 139 6.37 -29.71 22.94
C ASN B 139 7.04 -28.94 24.07
N PHE B 140 6.31 -27.97 24.62
CA PHE B 140 6.82 -27.17 25.73
C PHE B 140 5.91 -27.30 26.94
N TYR B 141 6.46 -26.91 28.09
CA TYR B 141 5.74 -26.95 29.35
C TYR B 141 6.47 -26.02 30.32
N PRO B 142 5.76 -25.20 31.11
CA PRO B 142 4.29 -25.12 31.10
C PRO B 142 3.71 -24.39 29.88
N ARG B 143 2.41 -24.14 29.93
CA ARG B 143 1.67 -23.73 28.73
C ARG B 143 1.99 -22.28 28.34
N GLU B 144 2.31 -21.42 29.30
CA GLU B 144 2.47 -20.00 29.03
C GLU B 144 3.67 -19.75 28.12
N ALA B 145 3.46 -19.00 27.05
CA ALA B 145 4.52 -18.65 26.10
C ALA B 145 4.06 -17.44 25.29
N LYS B 146 5.04 -16.73 24.73
CA LYS B 146 4.75 -15.56 23.90
C LYS B 146 5.48 -15.66 22.57
N VAL B 147 4.75 -15.36 21.50
CA VAL B 147 5.29 -15.28 20.14
C VAL B 147 5.21 -13.83 19.68
N GLN B 148 6.33 -13.29 19.21
CA GLN B 148 6.36 -11.95 18.67
C GLN B 148 6.84 -12.04 17.21
N TRP B 149 6.02 -11.52 16.30
CA TRP B 149 6.36 -11.48 14.89
C TRP B 149 7.12 -10.19 14.59
N LYS B 150 8.21 -10.32 13.84
CA LYS B 150 8.98 -9.17 13.39
C LYS B 150 9.19 -9.26 11.88
N VAL B 151 8.89 -8.17 11.19
CA VAL B 151 9.06 -8.06 9.74
C VAL B 151 10.02 -6.90 9.50
N ASP B 152 11.24 -7.21 9.06
CA ASP B 152 12.31 -6.22 8.93
C ASP B 152 12.47 -5.40 10.22
N ASN B 153 12.54 -6.12 11.35
CA ASN B 153 12.71 -5.57 12.69
C ASN B 153 11.52 -4.77 13.18
N ALA B 154 10.38 -4.82 12.48
CA ALA B 154 9.17 -4.15 12.92
C ALA B 154 8.29 -5.14 13.65
N LEU B 155 7.99 -4.86 14.92
CA LEU B 155 7.14 -5.74 15.70
C LEU B 155 5.71 -5.65 15.20
N GLN B 156 5.13 -6.81 14.88
CA GLN B 156 3.77 -6.88 14.37
C GLN B 156 2.80 -7.08 15.52
N SER B 157 1.71 -6.33 15.49
CA SER B 157 0.70 -6.39 16.56
C SER B 157 -0.67 -6.28 15.95
N GLY B 158 -1.53 -7.27 16.21
CA GLY B 158 -2.91 -7.26 15.77
C GLY B 158 -3.18 -7.96 14.46
N ASN B 159 -2.17 -8.53 13.81
CA ASN B 159 -2.36 -9.21 12.53
C ASN B 159 -1.91 -10.68 12.60
N SER B 160 -1.99 -11.28 13.78
CA SER B 160 -1.66 -12.69 13.96
C SER B 160 -2.72 -13.37 14.82
N GLN B 161 -2.80 -14.70 14.69
CA GLN B 161 -3.70 -15.50 15.52
C GLN B 161 -2.96 -16.75 15.99
N GLU B 162 -3.27 -17.19 17.21
CA GLU B 162 -2.63 -18.33 17.85
C GLU B 162 -3.64 -19.43 18.14
N SER B 163 -3.14 -20.66 18.17
CA SER B 163 -3.91 -21.82 18.56
C SER B 163 -3.01 -22.76 19.36
N VAL B 164 -3.55 -23.38 20.41
CA VAL B 164 -2.77 -24.21 21.32
C VAL B 164 -3.43 -25.57 21.45
N THR B 165 -2.62 -26.63 21.41
CA THR B 165 -3.14 -27.98 21.60
C THR B 165 -3.49 -28.22 23.07
N GLU B 166 -4.29 -29.25 23.31
CA GLU B 166 -4.47 -29.75 24.65
C GLU B 166 -3.23 -30.51 25.12
N GLN B 167 -3.12 -30.68 26.43
CA GLN B 167 -1.97 -31.36 27.00
C GLN B 167 -1.81 -32.75 26.41
N ASP B 168 -0.60 -33.07 25.96
CA ASP B 168 -0.34 -34.34 25.32
C ASP B 168 -0.50 -35.48 26.32
N SER B 169 -1.11 -36.57 25.88
CA SER B 169 -1.39 -37.69 26.77
C SER B 169 -0.14 -38.46 27.16
N LYS B 170 0.93 -38.39 26.37
CA LYS B 170 2.12 -39.18 26.65
C LYS B 170 3.24 -38.40 27.35
N ASP B 171 3.52 -37.17 26.94
CA ASP B 171 4.59 -36.40 27.57
C ASP B 171 4.12 -35.15 28.28
N SER B 172 2.81 -34.86 28.28
CA SER B 172 2.21 -33.78 29.04
C SER B 172 2.68 -32.39 28.59
N THR B 173 3.16 -32.26 27.36
CA THR B 173 3.56 -30.97 26.84
C THR B 173 2.41 -30.31 26.07
N TYR B 174 2.65 -29.06 25.69
CA TYR B 174 1.76 -28.30 24.82
C TYR B 174 2.51 -27.92 23.55
N SER B 175 1.75 -27.64 22.50
CA SER B 175 2.29 -27.05 21.28
C SER B 175 1.41 -25.89 20.84
N LEU B 176 2.02 -24.93 20.15
CA LEU B 176 1.34 -23.71 19.75
C LEU B 176 1.67 -23.39 18.30
N SER B 177 0.65 -22.96 17.56
CA SER B 177 0.83 -22.47 16.19
C SER B 177 0.34 -21.04 16.12
N SER B 178 1.16 -20.17 15.54
CA SER B 178 0.81 -18.77 15.30
C SER B 178 0.93 -18.46 13.82
N THR B 179 -0.10 -17.82 13.26
CA THR B 179 -0.14 -17.46 11.85
C THR B 179 -0.12 -15.94 11.71
N LEU B 180 0.90 -15.43 11.02
CA LEU B 180 0.95 -14.02 10.64
C LEU B 180 0.38 -13.88 9.23
N THR B 181 -0.61 -13.00 9.08
CA THR B 181 -1.30 -12.81 7.81
C THR B 181 -0.94 -11.46 7.20
N LEU B 182 -0.46 -11.49 5.96
CA LEU B 182 -0.16 -10.28 5.20
C LEU B 182 -0.72 -10.44 3.79
N SER B 183 -1.01 -9.31 3.15
CA SER B 183 -1.28 -9.33 1.74
C SER B 183 -0.02 -9.70 0.96
N LYS B 184 -0.21 -10.24 -0.25
CA LYS B 184 0.93 -10.58 -1.09
C LYS B 184 1.78 -9.34 -1.37
N ALA B 185 1.14 -8.20 -1.63
CA ALA B 185 1.89 -6.97 -1.88
C ALA B 185 2.73 -6.58 -0.67
N ASP B 186 2.15 -6.67 0.53
CA ASP B 186 2.91 -6.37 1.74
C ASP B 186 4.04 -7.36 1.93
N TYR B 187 3.78 -8.65 1.70
CA TYR B 187 4.80 -9.67 1.90
C TYR B 187 6.01 -9.42 1.00
N GLU B 188 5.78 -9.02 -0.25
CA GLU B 188 6.87 -8.83 -1.20
C GLU B 188 7.60 -7.50 -1.01
N LYS B 189 7.11 -6.62 -0.13
CA LYS B 189 7.79 -5.36 0.14
C LYS B 189 8.86 -5.49 1.21
N HIS B 190 9.03 -6.67 1.82
CA HIS B 190 9.93 -6.84 2.95
C HIS B 190 10.78 -8.09 2.77
N LYS B 191 11.87 -8.15 3.55
CA LYS B 191 12.89 -9.17 3.40
C LYS B 191 12.93 -10.17 4.56
N VAL B 192 13.13 -9.68 5.78
CA VAL B 192 13.41 -10.54 6.93
C VAL B 192 12.11 -10.79 7.70
N TYR B 193 11.75 -12.07 7.83
CA TYR B 193 10.59 -12.48 8.60
C TYR B 193 11.04 -13.36 9.75
N ALA B 194 10.65 -12.98 10.98
CA ALA B 194 11.11 -13.65 12.18
C ALA B 194 9.98 -13.77 13.18
N CYS B 195 9.93 -14.89 13.89
CA CYS B 195 9.13 -15.01 15.11
C CYS B 195 10.07 -15.21 16.28
N GLU B 196 9.86 -14.43 17.33
CA GLU B 196 10.68 -14.44 18.52
C GLU B 196 9.87 -15.03 19.66
N VAL B 197 10.41 -16.06 20.31
CA VAL B 197 9.67 -16.87 21.28
C VAL B 197 10.26 -16.65 22.66
N THR B 198 9.41 -16.39 23.64
CA THR B 198 9.80 -16.35 25.04
C THR B 198 9.02 -17.42 25.80
N HIS B 199 9.67 -17.97 26.82
CA HIS B 199 9.12 -19.02 27.66
C HIS B 199 9.93 -19.00 28.95
N GLN B 200 9.29 -19.35 30.06
CA GLN B 200 10.00 -19.28 31.34
C GLN B 200 11.20 -20.21 31.37
N GLY B 201 11.25 -21.22 30.50
CA GLY B 201 12.42 -22.07 30.35
C GLY B 201 13.52 -21.53 29.44
N LEU B 202 13.36 -20.35 28.87
CA LEU B 202 14.37 -19.74 28.00
C LEU B 202 15.06 -18.59 28.72
N SER B 203 16.40 -18.64 28.76
CA SER B 203 17.17 -17.56 29.38
C SER B 203 17.16 -16.31 28.52
N SER B 204 16.95 -16.46 27.22
CA SER B 204 16.79 -15.34 26.31
C SER B 204 15.89 -15.81 25.18
N PRO B 205 15.22 -14.87 24.49
CA PRO B 205 14.24 -15.28 23.47
C PRO B 205 14.91 -16.05 22.33
N VAL B 206 14.16 -17.00 21.77
CA VAL B 206 14.60 -17.78 20.61
C VAL B 206 13.95 -17.19 19.38
N THR B 207 14.77 -16.90 18.37
CA THR B 207 14.30 -16.32 17.11
C THR B 207 14.61 -17.25 15.96
N LYS B 208 13.58 -17.61 15.21
CA LYS B 208 13.73 -18.29 13.93
C LYS B 208 13.28 -17.35 12.83
N SER B 209 14.03 -17.31 11.73
CA SER B 209 13.74 -16.34 10.70
C SER B 209 14.16 -16.90 9.34
N PHE B 210 13.60 -16.29 8.29
CA PHE B 210 14.03 -16.54 6.92
C PHE B 210 14.06 -15.23 6.16
N ASN B 211 14.82 -15.21 5.07
CA ASN B 211 14.80 -14.10 4.13
C ASN B 211 13.94 -14.51 2.94
N ARG B 212 12.95 -13.68 2.62
CA ARG B 212 12.05 -13.98 1.51
C ARG B 212 12.84 -14.16 0.22
N GLY B 213 12.63 -15.29 -0.45
CA GLY B 213 13.27 -15.54 -1.73
C GLY B 213 14.58 -16.29 -1.67
N GLU B 214 14.90 -16.94 -0.55
CA GLU B 214 16.15 -17.69 -0.46
C GLU B 214 15.88 -19.15 -0.10
N GLU C 1 -26.97 -4.01 -20.31
CA GLU C 1 -26.38 -2.97 -19.49
C GLU C 1 -26.84 -1.60 -19.96
N VAL C 2 -26.53 -0.57 -19.16
CA VAL C 2 -26.92 0.79 -19.49
C VAL C 2 -26.20 1.22 -20.76
N GLN C 3 -26.96 1.76 -21.73
CA GLN C 3 -26.40 2.27 -22.97
C GLN C 3 -27.03 3.62 -23.31
N LEU C 4 -26.18 4.56 -23.69
CA LEU C 4 -26.62 5.87 -24.16
C LEU C 4 -25.93 6.16 -25.48
N VAL C 5 -26.70 6.50 -26.52
CA VAL C 5 -26.17 6.72 -27.85
C VAL C 5 -26.65 8.08 -28.33
N GLU C 6 -25.72 9.03 -28.47
CA GLU C 6 -26.06 10.34 -29.00
C GLU C 6 -26.05 10.32 -30.52
N SER C 7 -26.90 11.16 -31.10
CA SER C 7 -26.95 11.35 -32.54
C SER C 7 -27.47 12.75 -32.83
N GLY C 8 -27.37 13.15 -34.09
CA GLY C 8 -27.84 14.44 -34.52
C GLY C 8 -26.79 15.53 -34.61
N GLY C 9 -25.53 15.24 -34.26
CA GLY C 9 -24.47 16.20 -34.36
C GLY C 9 -23.99 16.39 -35.79
N GLY C 10 -23.03 17.30 -35.95
CA GLY C 10 -22.43 17.54 -37.24
C GLY C 10 -22.05 19.00 -37.40
N LEU C 11 -21.82 19.38 -38.66
CA LEU C 11 -21.38 20.72 -39.01
C LEU C 11 -22.57 21.62 -39.29
N VAL C 12 -22.55 22.81 -38.71
CA VAL C 12 -23.66 23.75 -38.85
C VAL C 12 -23.11 25.17 -38.74
N GLN C 13 -23.74 26.13 -39.44
CA GLN C 13 -23.27 27.51 -39.44
C GLN C 13 -23.82 28.28 -38.24
N PRO C 14 -23.15 29.36 -37.83
CA PRO C 14 -23.67 30.18 -36.73
C PRO C 14 -25.08 30.69 -37.00
N GLY C 15 -25.89 30.73 -35.94
CA GLY C 15 -27.26 31.16 -36.03
C GLY C 15 -28.26 30.05 -36.33
N ARG C 16 -27.78 28.90 -36.79
CA ARG C 16 -28.65 27.78 -37.13
C ARG C 16 -29.01 26.96 -35.87
N SER C 17 -29.78 25.91 -36.08
CA SER C 17 -30.23 25.04 -35.00
C SER C 17 -29.85 23.59 -35.27
N LEU C 18 -29.72 22.84 -34.19
CA LEU C 18 -29.51 21.40 -34.21
C LEU C 18 -30.29 20.79 -33.06
N ARG C 19 -30.73 19.55 -33.24
CA ARG C 19 -31.39 18.81 -32.17
C ARG C 19 -30.66 17.49 -31.99
N LEU C 20 -30.05 17.31 -30.82
CA LEU C 20 -29.38 16.06 -30.49
C LEU C 20 -30.37 15.11 -29.84
N SER C 21 -30.23 13.83 -30.16
CA SER C 21 -31.00 12.78 -29.51
C SER C 21 -30.08 11.89 -28.70
N CYS C 22 -30.59 11.39 -27.58
CA CYS C 22 -29.88 10.43 -26.74
C CYS C 22 -30.78 9.22 -26.56
N THR C 23 -30.47 8.13 -27.24
CA THR C 23 -31.26 6.91 -27.19
C THR C 23 -30.76 6.03 -26.06
N ALA C 24 -31.63 5.77 -25.09
CA ALA C 24 -31.27 5.04 -23.88
C ALA C 24 -31.81 3.62 -23.92
N SER C 25 -31.06 2.70 -23.32
CA SER C 25 -31.51 1.33 -23.14
C SER C 25 -30.79 0.74 -21.93
N GLY C 26 -31.32 -0.39 -21.44
CA GLY C 26 -30.73 -1.10 -20.33
C GLY C 26 -31.15 -0.64 -18.95
N PHE C 27 -32.04 0.35 -18.85
CA PHE C 27 -32.54 0.81 -17.57
C PHE C 27 -33.92 1.41 -17.78
N THR C 28 -34.60 1.72 -16.67
CA THR C 28 -35.92 2.35 -16.74
C THR C 28 -35.70 3.84 -16.93
N PHE C 29 -35.73 4.26 -18.21
CA PHE C 29 -35.41 5.63 -18.57
C PHE C 29 -36.23 6.65 -17.79
N GLY C 30 -37.54 6.42 -17.71
CA GLY C 30 -38.43 7.39 -17.09
C GLY C 30 -38.17 7.64 -15.61
N ASP C 31 -37.40 6.79 -14.95
CA ASP C 31 -37.13 6.97 -13.53
C ASP C 31 -35.99 7.95 -13.25
N TYR C 32 -35.21 8.29 -14.27
CA TYR C 32 -33.94 8.99 -14.08
C TYR C 32 -33.95 10.40 -14.64
N ALA C 33 -33.27 11.29 -13.93
CA ALA C 33 -32.85 12.54 -14.53
C ALA C 33 -31.77 12.27 -15.57
N MET C 34 -31.74 13.10 -16.61
CA MET C 34 -30.74 13.02 -17.65
C MET C 34 -30.02 14.36 -17.75
N SER C 35 -28.76 14.33 -18.16
CA SER C 35 -27.95 15.54 -18.21
C SER C 35 -27.05 15.52 -19.43
N TRP C 36 -26.85 16.70 -20.00
CA TRP C 36 -25.94 16.88 -21.14
C TRP C 36 -24.68 17.61 -20.67
N VAL C 37 -23.54 17.12 -21.13
CA VAL C 37 -22.23 17.70 -20.82
C VAL C 37 -21.47 17.83 -22.13
N ARG C 38 -20.76 18.94 -22.31
CA ARG C 38 -20.01 19.15 -23.53
C ARG C 38 -18.54 19.36 -23.23
N GLN C 39 -17.71 19.09 -24.23
CA GLN C 39 -16.26 19.23 -24.12
C GLN C 39 -15.76 19.86 -25.41
N ALA C 40 -15.36 21.13 -25.33
CA ALA C 40 -14.78 21.80 -26.48
C ALA C 40 -13.43 21.17 -26.82
N PRO C 41 -13.01 21.23 -28.10
CA PRO C 41 -11.74 20.60 -28.49
C PRO C 41 -10.55 21.01 -27.64
N GLY C 42 -9.92 20.02 -26.99
CA GLY C 42 -8.76 20.27 -26.18
C GLY C 42 -9.02 20.87 -24.81
N LYS C 43 -10.27 21.05 -24.42
CA LYS C 43 -10.59 21.69 -23.15
C LYS C 43 -11.28 20.69 -22.23
N GLY C 44 -11.79 21.20 -21.11
CA GLY C 44 -12.41 20.38 -20.08
C GLY C 44 -13.89 20.16 -20.30
N LEU C 45 -14.57 19.80 -19.21
CA LEU C 45 -15.98 19.45 -19.25
C LEU C 45 -16.83 20.61 -18.75
N GLU C 46 -17.96 20.84 -19.41
CA GLU C 46 -18.90 21.90 -19.04
C GLU C 46 -20.30 21.32 -19.02
N TRP C 47 -20.96 21.43 -17.87
CA TRP C 47 -22.35 21.02 -17.75
C TRP C 47 -23.25 21.93 -18.59
N VAL C 48 -24.14 21.32 -19.37
CA VAL C 48 -25.03 22.06 -20.25
C VAL C 48 -26.49 22.01 -19.78
N GLY C 49 -26.81 21.17 -18.80
CA GLY C 49 -28.13 21.19 -18.20
C GLY C 49 -28.65 19.81 -17.82
N PHE C 50 -29.70 19.75 -17.01
CA PHE C 50 -30.36 18.49 -16.72
C PHE C 50 -31.87 18.65 -16.82
N ILE C 51 -32.55 17.51 -16.93
CA ILE C 51 -34.01 17.43 -16.85
C ILE C 51 -34.37 16.36 -15.85
N ARG C 52 -35.30 16.68 -14.95
CA ARG C 52 -35.71 15.73 -13.94
C ARG C 52 -36.67 14.69 -14.53
N SER C 53 -36.87 13.61 -13.78
CA SER C 53 -37.89 12.66 -14.17
C SER C 53 -39.28 13.26 -14.01
N LYS C 54 -40.24 12.70 -14.75
CA LYS C 54 -41.62 13.14 -14.64
C LYS C 54 -42.13 13.06 -13.20
N ALA C 55 -41.77 11.98 -12.49
CA ALA C 55 -42.21 11.82 -11.11
C ALA C 55 -41.66 12.91 -10.19
N ASN C 56 -40.62 13.63 -10.61
CA ASN C 56 -40.06 14.74 -9.87
C ASN C 56 -40.33 16.08 -10.55
N GLY C 57 -41.39 16.18 -11.33
CA GLY C 57 -41.80 17.42 -11.94
C GLY C 57 -41.35 17.58 -13.38
N GLY C 58 -40.29 16.90 -13.79
CA GLY C 58 -39.86 16.92 -15.18
C GLY C 58 -39.36 18.25 -15.70
N ARG C 59 -39.01 19.18 -14.83
CA ARG C 59 -38.50 20.46 -15.29
C ARG C 59 -36.99 20.43 -15.43
N THR C 60 -36.44 21.48 -16.03
CA THR C 60 -35.04 21.52 -16.44
C THR C 60 -34.29 22.64 -15.72
N GLU C 61 -32.96 22.53 -15.77
CA GLU C 61 -32.05 23.56 -15.30
C GLU C 61 -30.89 23.67 -16.28
N ASN C 62 -30.45 24.90 -16.52
CA ASN C 62 -29.39 25.15 -17.49
C ASN C 62 -28.45 26.22 -16.95
N PRO C 63 -27.18 26.18 -17.33
CA PRO C 63 -26.27 27.27 -16.99
C PRO C 63 -26.52 28.49 -17.87
N ALA C 64 -25.96 29.62 -17.43
CA ALA C 64 -26.19 30.87 -18.13
C ALA C 64 -25.63 30.85 -19.55
N SER C 65 -24.57 30.06 -19.79
CA SER C 65 -23.92 30.04 -21.09
C SER C 65 -24.86 29.58 -22.21
N VAL C 66 -25.90 28.82 -21.90
CA VAL C 66 -26.83 28.31 -22.89
C VAL C 66 -28.27 28.66 -22.57
N LYS C 67 -28.52 29.41 -21.51
CA LYS C 67 -29.89 29.78 -21.14
C LYS C 67 -30.57 30.52 -22.27
N GLY C 68 -31.82 30.15 -22.54
CA GLY C 68 -32.60 30.76 -23.59
C GLY C 68 -32.31 30.25 -24.98
N ARG C 69 -31.26 29.45 -25.16
CA ARG C 69 -30.89 28.92 -26.46
C ARG C 69 -31.02 27.41 -26.54
N PHE C 70 -30.65 26.69 -25.49
CA PHE C 70 -30.71 25.23 -25.46
C PHE C 70 -31.87 24.78 -24.59
N THR C 71 -32.61 23.79 -25.07
CA THR C 71 -33.73 23.24 -24.30
C THR C 71 -33.62 21.73 -24.26
N ILE C 72 -33.65 21.17 -23.06
CA ILE C 72 -33.68 19.74 -22.87
C ILE C 72 -35.12 19.28 -22.74
N SER C 73 -35.45 18.18 -23.41
CA SER C 73 -36.76 17.57 -23.29
C SER C 73 -36.57 16.06 -23.29
N ARG C 74 -37.65 15.33 -23.06
CA ARG C 74 -37.57 13.88 -23.00
C ARG C 74 -38.85 13.27 -23.53
N ASP C 75 -38.71 12.10 -24.14
CA ASP C 75 -39.83 11.29 -24.60
C ASP C 75 -39.69 9.96 -23.88
N ASP C 76 -40.44 9.79 -22.79
CA ASP C 76 -40.31 8.58 -21.98
C ASP C 76 -40.85 7.36 -22.71
N SER C 77 -41.81 7.53 -23.62
CA SER C 77 -42.33 6.38 -24.34
C SER C 77 -41.33 5.82 -25.33
N LYS C 78 -40.35 6.63 -25.76
CA LYS C 78 -39.29 6.17 -26.64
C LYS C 78 -37.96 5.98 -25.93
N SER C 79 -37.88 6.40 -24.66
CA SER C 79 -36.62 6.39 -23.91
C SER C 79 -35.54 7.21 -24.63
N ILE C 80 -35.87 8.45 -24.95
CA ILE C 80 -34.97 9.37 -25.64
C ILE C 80 -34.98 10.70 -24.92
N ALA C 81 -33.79 11.24 -24.65
CA ALA C 81 -33.63 12.61 -24.20
C ALA C 81 -33.10 13.46 -25.34
N TYR C 82 -33.54 14.72 -25.40
CA TYR C 82 -33.21 15.61 -26.50
C TYR C 82 -32.49 16.85 -25.99
N LEU C 83 -31.65 17.40 -26.85
CA LEU C 83 -31.05 18.72 -26.64
C LEU C 83 -31.34 19.56 -27.88
N GLN C 84 -32.29 20.49 -27.76
CA GLN C 84 -32.59 21.42 -28.83
C GLN C 84 -31.64 22.60 -28.73
N MET C 85 -30.81 22.80 -29.76
CA MET C 85 -29.74 23.79 -29.73
C MET C 85 -30.05 24.87 -30.77
N ASN C 86 -30.54 26.01 -30.31
CA ASN C 86 -30.87 27.13 -31.18
C ASN C 86 -29.81 28.22 -31.04
N SER C 87 -29.77 29.10 -32.06
CA SER C 87 -28.91 30.29 -32.03
C SER C 87 -27.45 29.93 -31.78
N LEU C 88 -26.96 28.96 -32.54
CA LEU C 88 -25.64 28.40 -32.28
C LEU C 88 -24.54 29.42 -32.57
N LYS C 89 -23.49 29.37 -31.74
CA LYS C 89 -22.30 30.20 -31.90
C LYS C 89 -21.10 29.29 -32.10
N THR C 90 -20.02 29.85 -32.65
CA THR C 90 -18.81 29.06 -32.84
C THR C 90 -18.30 28.49 -31.51
N GLU C 91 -18.50 29.22 -30.41
CA GLU C 91 -18.10 28.73 -29.09
C GLU C 91 -18.90 27.52 -28.62
N ASP C 92 -20.00 27.19 -29.28
CA ASP C 92 -20.75 25.98 -28.94
C ASP C 92 -20.10 24.72 -29.51
N THR C 93 -19.04 24.87 -30.30
CA THR C 93 -18.33 23.72 -30.86
C THR C 93 -17.79 22.84 -29.73
N ALA C 94 -18.18 21.57 -29.74
CA ALA C 94 -17.81 20.64 -28.68
C ALA C 94 -18.32 19.26 -29.03
N VAL C 95 -17.76 18.25 -28.37
CA VAL C 95 -18.40 16.95 -28.28
C VAL C 95 -19.46 17.03 -27.18
N TYR C 96 -20.68 16.60 -27.49
CA TYR C 96 -21.78 16.66 -26.53
C TYR C 96 -22.08 15.25 -26.03
N TYR C 97 -22.03 15.09 -24.71
CA TYR C 97 -22.30 13.81 -24.07
C TYR C 97 -23.67 13.84 -23.39
N CYS C 98 -24.41 12.76 -23.57
CA CYS C 98 -25.60 12.50 -22.79
C CYS C 98 -25.22 11.62 -21.59
N THR C 99 -25.78 11.93 -20.43
CA THR C 99 -25.40 11.22 -19.21
C THR C 99 -26.65 10.88 -18.40
N ARG C 100 -26.58 9.76 -17.67
CA ARG C 100 -27.60 9.38 -16.72
C ARG C 100 -27.24 9.90 -15.34
N VAL C 101 -28.19 10.56 -14.69
CA VAL C 101 -28.01 11.07 -13.34
C VAL C 101 -28.42 9.98 -12.36
N GLU C 102 -27.51 9.60 -11.47
CA GLU C 102 -27.79 8.50 -10.55
C GLU C 102 -28.84 8.92 -9.52
N LEU C 103 -29.63 7.92 -9.09
CA LEU C 103 -30.67 8.15 -8.10
C LEU C 103 -30.06 8.29 -6.70
N GLY C 104 -30.82 8.92 -5.81
CA GLY C 104 -30.44 8.92 -4.42
C GLY C 104 -29.82 10.21 -3.93
N SER C 105 -29.02 10.12 -2.86
CA SER C 105 -28.47 11.29 -2.21
C SER C 105 -27.28 11.88 -2.95
N SER C 106 -26.69 11.14 -3.89
CA SER C 106 -25.47 11.54 -4.58
C SER C 106 -25.69 11.40 -6.09
N TRP C 107 -26.10 12.49 -6.73
CA TRP C 107 -26.55 12.43 -8.12
C TRP C 107 -25.37 12.70 -9.07
N SER C 108 -24.42 11.78 -9.05
CA SER C 108 -23.31 11.81 -9.99
C SER C 108 -23.80 11.38 -11.38
N LEU C 109 -22.89 11.49 -12.35
CA LEU C 109 -23.20 11.13 -13.74
C LEU C 109 -22.64 9.74 -13.95
N GLY C 110 -23.49 8.72 -13.72
CA GLY C 110 -23.00 7.36 -13.62
C GLY C 110 -22.69 6.72 -14.95
N TYR C 111 -23.35 7.15 -16.02
CA TYR C 111 -23.13 6.55 -17.32
C TYR C 111 -23.13 7.65 -18.37
N TRP C 112 -22.22 7.51 -19.33
CA TRP C 112 -22.01 8.49 -20.39
C TRP C 112 -22.10 7.79 -21.74
N GLY C 113 -22.69 8.48 -22.71
CA GLY C 113 -22.62 8.01 -24.09
C GLY C 113 -21.26 8.29 -24.68
N GLN C 114 -21.07 7.81 -25.91
CA GLN C 114 -19.80 8.04 -26.60
C GLN C 114 -19.65 9.49 -27.05
N GLY C 115 -20.72 10.25 -27.10
CA GLY C 115 -20.67 11.64 -27.50
C GLY C 115 -20.88 11.84 -28.99
N THR C 116 -21.37 13.02 -29.34
CA THR C 116 -21.52 13.43 -30.73
C THR C 116 -20.93 14.81 -30.91
N LEU C 117 -20.18 14.98 -32.00
CA LEU C 117 -19.46 16.22 -32.26
C LEU C 117 -20.35 17.24 -32.94
N VAL C 118 -20.39 18.46 -32.38
CA VAL C 118 -21.08 19.59 -32.99
C VAL C 118 -20.03 20.62 -33.36
N THR C 119 -19.93 20.93 -34.64
CA THR C 119 -19.00 21.94 -35.14
C THR C 119 -19.80 23.11 -35.70
N VAL C 120 -19.63 24.28 -35.09
CA VAL C 120 -20.30 25.50 -35.54
C VAL C 120 -19.26 26.36 -36.24
N SER C 121 -19.41 26.52 -37.54
CA SER C 121 -18.45 27.29 -38.32
C SER C 121 -19.09 27.74 -39.62
N SER C 122 -18.67 28.92 -40.08
CA SER C 122 -19.07 29.45 -41.37
C SER C 122 -18.07 29.12 -42.47
N ALA C 123 -17.04 28.33 -42.17
CA ALA C 123 -16.04 27.99 -43.17
C ALA C 123 -16.62 27.05 -44.22
N SER C 124 -16.07 27.13 -45.43
CA SER C 124 -16.48 26.29 -46.55
C SER C 124 -15.52 25.12 -46.71
N THR C 125 -16.03 24.02 -47.25
CA THR C 125 -15.20 22.86 -47.54
C THR C 125 -14.09 23.24 -48.52
N LYS C 126 -12.86 22.86 -48.18
CA LYS C 126 -11.70 23.21 -48.99
C LYS C 126 -10.62 22.16 -48.79
N GLY C 127 -10.03 21.71 -49.89
CA GLY C 127 -8.91 20.81 -49.82
C GLY C 127 -7.65 21.55 -49.43
N PRO C 128 -6.71 20.85 -48.80
CA PRO C 128 -5.51 21.52 -48.29
C PRO C 128 -4.49 21.79 -49.38
N SER C 129 -3.66 22.80 -49.11
CA SER C 129 -2.40 22.95 -49.83
C SER C 129 -1.31 22.23 -49.07
N VAL C 130 -0.45 21.52 -49.80
CA VAL C 130 0.61 20.71 -49.20
C VAL C 130 1.95 21.26 -49.67
N PHE C 131 2.76 21.74 -48.73
CA PHE C 131 4.06 22.29 -49.03
C PHE C 131 5.16 21.45 -48.39
N PRO C 132 6.33 21.35 -49.02
CA PRO C 132 7.41 20.55 -48.44
C PRO C 132 8.10 21.28 -47.30
N LEU C 133 8.49 20.50 -46.30
CA LEU C 133 9.43 20.95 -45.27
C LEU C 133 10.76 20.28 -45.60
N ALA C 134 11.57 20.99 -46.36
CA ALA C 134 12.75 20.41 -46.98
C ALA C 134 13.87 20.23 -45.94
N PRO C 135 14.58 19.12 -46.00
CA PRO C 135 15.67 18.91 -45.04
C PRO C 135 16.82 19.86 -45.33
N SER C 136 17.40 20.41 -44.26
CA SER C 136 18.45 21.41 -44.42
C SER C 136 19.77 20.78 -44.81
N SER C 137 20.07 19.59 -44.28
CA SER C 137 21.33 18.90 -44.54
C SER C 137 22.54 19.78 -44.19
N LYS C 138 22.33 20.72 -43.27
CA LYS C 138 23.39 21.60 -42.81
C LYS C 138 23.74 21.27 -41.37
N GLY C 142 26.98 13.44 -40.94
CA GLY C 142 26.33 12.16 -41.15
C GLY C 142 25.61 11.64 -39.92
N GLY C 143 24.41 12.17 -39.67
CA GLY C 143 23.62 11.75 -38.52
C GLY C 143 22.16 11.57 -38.85
N THR C 144 21.31 12.44 -38.30
CA THR C 144 19.87 12.37 -38.47
C THR C 144 19.36 13.68 -39.03
N ALA C 145 18.49 13.60 -40.05
CA ALA C 145 17.87 14.76 -40.65
C ALA C 145 16.36 14.68 -40.48
N ALA C 146 15.72 15.85 -40.45
CA ALA C 146 14.28 15.95 -40.36
C ALA C 146 13.73 16.59 -41.62
N LEU C 147 12.60 16.07 -42.09
CA LEU C 147 11.89 16.62 -43.24
C LEU C 147 10.40 16.43 -42.97
N GLY C 148 9.57 17.07 -43.79
CA GLY C 148 8.15 16.94 -43.54
C GLY C 148 7.30 17.61 -44.59
N CYS C 149 6.01 17.69 -44.29
CA CYS C 149 5.01 18.31 -45.14
C CYS C 149 4.14 19.23 -44.30
N LEU C 150 3.89 20.42 -44.82
CA LEU C 150 2.96 21.37 -44.21
C LEU C 150 1.62 21.27 -44.93
N VAL C 151 0.58 20.85 -44.20
CA VAL C 151 -0.75 20.63 -44.76
C VAL C 151 -1.63 21.77 -44.28
N LYS C 152 -1.83 22.78 -45.12
CA LYS C 152 -2.33 24.08 -44.70
C LYS C 152 -3.67 24.41 -45.37
N ASP C 153 -4.56 25.04 -44.61
CA ASP C 153 -5.78 25.66 -45.10
C ASP C 153 -6.81 24.65 -45.65
N TYR C 154 -7.24 23.72 -44.82
CA TYR C 154 -8.31 22.80 -45.19
C TYR C 154 -9.45 22.89 -44.19
N PHE C 155 -10.62 22.40 -44.62
CA PHE C 155 -11.82 22.34 -43.81
C PHE C 155 -12.79 21.36 -44.44
N PRO C 156 -13.46 20.51 -43.66
CA PRO C 156 -13.24 20.37 -42.22
C PRO C 156 -12.20 19.31 -41.90
N GLU C 157 -12.03 19.00 -40.62
CA GLU C 157 -11.25 17.84 -40.23
C GLU C 157 -11.99 16.57 -40.71
N PRO C 158 -11.26 15.47 -40.93
CA PRO C 158 -9.81 15.32 -40.79
C PRO C 158 -9.07 15.17 -42.11
N VAL C 159 -7.73 15.20 -42.00
CA VAL C 159 -6.85 14.75 -43.07
C VAL C 159 -6.07 13.55 -42.54
N THR C 160 -5.69 12.66 -43.46
CA THR C 160 -4.77 11.58 -43.14
C THR C 160 -3.47 11.82 -43.90
N VAL C 161 -2.35 11.47 -43.26
CA VAL C 161 -1.03 11.61 -43.86
C VAL C 161 -0.27 10.32 -43.67
N SER C 162 0.27 9.79 -44.76
CA SER C 162 1.23 8.69 -44.71
C SER C 162 2.47 9.11 -45.47
N TRP C 163 3.52 8.32 -45.34
CA TRP C 163 4.78 8.57 -46.04
C TRP C 163 5.14 7.36 -46.90
N ASN C 164 5.53 7.65 -48.14
CA ASN C 164 5.88 6.61 -49.12
C ASN C 164 4.78 5.56 -49.21
N SER C 165 3.53 6.02 -49.24
CA SER C 165 2.36 5.15 -49.39
C SER C 165 2.28 4.11 -48.26
N GLY C 166 2.74 4.48 -47.07
CA GLY C 166 2.68 3.60 -45.92
C GLY C 166 3.92 2.78 -45.65
N ALA C 167 4.91 2.82 -46.55
CA ALA C 167 6.14 2.06 -46.33
C ALA C 167 7.03 2.68 -45.26
N LEU C 168 6.88 3.98 -44.98
CA LEU C 168 7.68 4.69 -43.99
C LEU C 168 6.78 5.07 -42.81
N THR C 169 7.06 4.47 -41.65
CA THR C 169 6.25 4.74 -40.47
C THR C 169 7.12 5.11 -39.27
N SER C 170 8.33 4.56 -39.20
CA SER C 170 9.21 4.80 -38.07
C SER C 170 9.69 6.25 -38.04
N GLY C 171 9.61 6.88 -36.87
CA GLY C 171 10.06 8.24 -36.71
C GLY C 171 9.14 9.31 -37.27
N VAL C 172 7.92 8.95 -37.61
CA VAL C 172 6.95 9.90 -38.14
C VAL C 172 6.20 10.54 -36.98
N HIS C 173 6.03 11.86 -37.03
CA HIS C 173 5.15 12.58 -36.12
C HIS C 173 4.21 13.43 -36.95
N THR C 174 2.92 13.10 -36.91
CA THR C 174 1.89 13.91 -37.51
C THR C 174 1.18 14.66 -36.38
N PHE C 175 1.29 15.97 -36.40
CA PHE C 175 0.84 16.76 -35.26
C PHE C 175 -0.67 16.98 -35.30
N PRO C 176 -1.30 17.18 -34.14
CA PRO C 176 -2.71 17.58 -34.12
C PRO C 176 -2.92 18.85 -34.92
N ALA C 177 -4.05 18.92 -35.61
CA ALA C 177 -4.36 20.10 -36.39
C ALA C 177 -4.64 21.30 -35.47
N VAL C 178 -4.30 22.49 -35.96
CA VAL C 178 -4.59 23.73 -35.28
C VAL C 178 -5.60 24.51 -36.11
N LEU C 179 -6.57 25.12 -35.43
CA LEU C 179 -7.54 25.99 -36.08
C LEU C 179 -6.96 27.40 -36.21
N GLN C 180 -6.77 27.86 -37.45
CA GLN C 180 -6.21 29.18 -37.69
C GLN C 180 -7.32 30.23 -37.57
N SER C 181 -6.90 31.50 -37.48
CA SER C 181 -7.86 32.60 -37.34
C SER C 181 -8.77 32.72 -38.55
N SER C 182 -8.37 32.18 -39.69
CA SER C 182 -9.21 32.17 -40.89
C SER C 182 -10.36 31.18 -40.80
N GLY C 183 -10.42 30.36 -39.75
CA GLY C 183 -11.39 29.29 -39.68
C GLY C 183 -10.98 28.01 -40.40
N LEU C 184 -9.79 27.97 -40.97
CA LEU C 184 -9.28 26.79 -41.65
C LEU C 184 -8.19 26.14 -40.79
N TYR C 185 -8.05 24.83 -40.95
CA TYR C 185 -7.10 24.07 -40.17
C TYR C 185 -5.74 24.01 -40.87
N SER C 186 -4.72 23.67 -40.10
CA SER C 186 -3.38 23.46 -40.63
C SER C 186 -2.63 22.51 -39.71
N LEU C 187 -1.84 21.62 -40.30
CA LEU C 187 -1.01 20.72 -39.51
C LEU C 187 0.28 20.45 -40.29
N SER C 188 1.27 19.96 -39.56
CA SER C 188 2.51 19.48 -40.14
C SER C 188 2.67 18.01 -39.83
N SER C 189 3.31 17.29 -40.76
CA SER C 189 3.73 15.93 -40.53
C SER C 189 5.21 15.87 -40.82
N VAL C 190 6.00 15.35 -39.88
CA VAL C 190 7.44 15.33 -40.00
C VAL C 190 7.93 13.90 -39.80
N VAL C 191 9.15 13.66 -40.26
CA VAL C 191 9.81 12.37 -40.06
C VAL C 191 11.31 12.63 -39.99
N THR C 192 11.98 11.86 -39.14
CA THR C 192 13.44 11.87 -39.07
C THR C 192 14.00 10.66 -39.80
N VAL C 193 15.06 10.88 -40.57
CA VAL C 193 15.66 9.84 -41.40
C VAL C 193 17.17 10.00 -41.36
N PRO C 194 17.91 8.94 -41.71
CA PRO C 194 19.37 9.05 -41.76
C PRO C 194 19.81 10.08 -42.79
N SER C 195 20.77 10.92 -42.38
CA SER C 195 21.28 11.96 -43.28
C SER C 195 21.87 11.36 -44.54
N SER C 196 22.51 10.19 -44.41
CA SER C 196 23.12 9.53 -45.56
C SER C 196 22.11 9.04 -46.58
N SER C 197 20.82 9.02 -46.24
CA SER C 197 19.80 8.56 -47.17
C SER C 197 19.25 9.69 -48.03
N LEU C 198 19.52 10.93 -47.66
CA LEU C 198 19.06 12.07 -48.44
C LEU C 198 19.76 12.05 -49.79
N GLY C 199 19.01 12.36 -50.85
CA GLY C 199 19.56 12.32 -52.18
C GLY C 199 19.46 10.98 -52.88
N THR C 200 19.33 9.89 -52.12
CA THR C 200 19.21 8.55 -52.69
C THR C 200 17.87 7.90 -52.39
N GLN C 201 17.25 8.24 -51.27
CA GLN C 201 15.92 7.75 -50.92
C GLN C 201 14.90 8.83 -51.24
N THR C 202 13.80 8.44 -51.89
CA THR C 202 12.75 9.38 -52.24
C THR C 202 11.71 9.39 -51.13
N TYR C 203 11.33 10.59 -50.69
CA TYR C 203 10.36 10.76 -49.62
C TYR C 203 9.16 11.53 -50.14
N ILE C 204 7.98 10.90 -50.05
CA ILE C 204 6.73 11.45 -50.54
C ILE C 204 5.72 11.36 -49.43
N CYS C 205 5.06 12.47 -49.11
CA CYS C 205 3.96 12.46 -48.15
C CYS C 205 2.65 12.39 -48.93
N ASN C 206 1.78 11.48 -48.50
CA ASN C 206 0.49 11.25 -49.14
C ASN C 206 -0.59 11.83 -48.23
N VAL C 207 -1.25 12.89 -48.70
CA VAL C 207 -2.27 13.59 -47.94
C VAL C 207 -3.63 13.29 -48.56
N ASN C 208 -4.58 12.90 -47.73
CA ASN C 208 -5.94 12.57 -48.17
C ASN C 208 -6.93 13.35 -47.33
N HIS C 209 -7.77 14.14 -47.99
CA HIS C 209 -8.84 14.90 -47.33
C HIS C 209 -10.17 14.44 -47.91
N LYS C 210 -10.77 13.44 -47.26
CA LYS C 210 -12.01 12.86 -47.79
C LYS C 210 -13.16 13.85 -47.96
N PRO C 211 -13.41 14.81 -47.07
CA PRO C 211 -14.54 15.73 -47.29
C PRO C 211 -14.51 16.48 -48.61
N SER C 212 -13.32 16.68 -49.21
CA SER C 212 -13.21 17.37 -50.49
C SER C 212 -12.76 16.44 -51.61
N ASN C 213 -12.65 15.13 -51.37
CA ASN C 213 -12.15 14.18 -52.36
C ASN C 213 -10.79 14.62 -52.89
N THR C 214 -9.91 15.03 -51.98
CA THR C 214 -8.59 15.53 -52.31
C THR C 214 -7.52 14.55 -51.84
N LYS C 215 -6.74 14.05 -52.78
CA LYS C 215 -5.53 13.29 -52.51
C LYS C 215 -4.36 14.00 -53.17
N VAL C 216 -3.28 14.21 -52.41
CA VAL C 216 -2.11 14.92 -52.90
C VAL C 216 -0.88 14.11 -52.52
N ASP C 217 0.00 13.89 -53.49
CA ASP C 217 1.30 13.26 -53.26
C ASP C 217 2.38 14.32 -53.50
N LYS C 218 3.09 14.69 -52.43
CA LYS C 218 4.11 15.74 -52.48
C LYS C 218 5.48 15.14 -52.21
N LYS C 219 6.38 15.27 -53.18
CA LYS C 219 7.76 14.83 -53.02
C LYS C 219 8.56 15.88 -52.24
N VAL C 220 9.26 15.46 -51.20
CA VAL C 220 10.08 16.34 -50.36
C VAL C 220 11.54 15.99 -50.59
N GLU C 221 12.31 16.95 -51.08
CA GLU C 221 13.71 16.74 -51.43
C GLU C 221 14.54 17.93 -50.97
N PRO C 222 15.86 17.74 -50.83
CA PRO C 222 16.73 18.88 -50.49
C PRO C 222 16.66 19.98 -51.53
N LYS C 223 16.59 21.22 -51.05
CA LYS C 223 16.54 22.37 -51.95
C LYS C 223 17.88 22.55 -52.67
N GLU D 1 -20.53 30.81 -8.50
CA GLU D 1 -20.09 29.55 -9.08
C GLU D 1 -18.91 28.97 -8.30
N ILE D 2 -18.96 27.67 -8.02
CA ILE D 2 -17.88 27.01 -7.30
C ILE D 2 -16.80 26.60 -8.30
N VAL D 3 -15.60 27.14 -8.11
CA VAL D 3 -14.46 26.80 -8.96
C VAL D 3 -13.71 25.63 -8.34
N LEU D 4 -13.48 24.59 -9.13
CA LEU D 4 -12.70 23.44 -8.72
C LEU D 4 -11.31 23.56 -9.35
N THR D 5 -10.28 23.61 -8.51
CA THR D 5 -8.89 23.76 -8.96
C THR D 5 -8.16 22.45 -8.69
N GLN D 6 -7.76 21.77 -9.75
CA GLN D 6 -7.05 20.52 -9.63
C GLN D 6 -5.55 20.77 -9.71
N SER D 7 -4.80 19.99 -8.93
CA SER D 7 -3.34 20.09 -8.89
C SER D 7 -2.77 18.71 -8.61
N PRO D 8 -1.58 18.40 -9.15
CA PRO D 8 -0.88 19.27 -10.10
C PRO D 8 -1.51 19.20 -11.49
N GLY D 9 -1.10 20.08 -12.40
CA GLY D 9 -1.63 19.99 -13.75
C GLY D 9 -1.26 18.69 -14.43
N THR D 10 0.00 18.27 -14.29
CA THR D 10 0.46 17.00 -14.82
C THR D 10 1.23 16.27 -13.74
N LEU D 11 0.91 14.99 -13.55
CA LEU D 11 1.56 14.12 -12.58
C LEU D 11 2.39 13.10 -13.32
N SER D 12 3.71 13.11 -13.08
CA SER D 12 4.64 12.23 -13.80
C SER D 12 5.07 11.11 -12.87
N LEU D 13 4.61 9.89 -13.16
CA LEU D 13 4.85 8.74 -12.30
C LEU D 13 5.13 7.51 -13.15
N SER D 14 5.73 6.51 -12.51
CA SER D 14 6.01 5.22 -13.12
C SER D 14 4.94 4.21 -12.72
N PRO D 15 4.72 3.18 -13.54
CA PRO D 15 3.75 2.13 -13.14
C PRO D 15 4.19 1.47 -11.85
N GLY D 16 3.21 1.22 -10.97
CA GLY D 16 3.49 0.70 -9.66
C GLY D 16 3.64 1.75 -8.57
N GLU D 17 3.79 3.02 -8.92
CA GLU D 17 3.85 4.07 -7.92
C GLU D 17 2.44 4.47 -7.48
N ARG D 18 2.37 5.20 -6.37
CA ARG D 18 1.09 5.71 -5.89
C ARG D 18 0.88 7.13 -6.42
N ALA D 19 -0.34 7.39 -6.89
CA ALA D 19 -0.73 8.68 -7.42
C ALA D 19 -1.71 9.36 -6.47
N THR D 20 -1.44 10.63 -6.14
CA THR D 20 -2.29 11.44 -5.28
C THR D 20 -2.72 12.68 -6.06
N LEU D 21 -4.03 12.79 -6.32
CA LEU D 21 -4.59 13.89 -7.09
C LEU D 21 -5.41 14.78 -6.18
N SER D 22 -5.24 16.09 -6.33
CA SER D 22 -5.88 17.06 -5.46
C SER D 22 -6.95 17.84 -6.22
N CYS D 23 -8.02 18.18 -5.52
CA CYS D 23 -9.11 18.99 -6.06
C CYS D 23 -9.51 19.97 -4.96
N ARG D 24 -9.23 21.25 -5.16
CA ARG D 24 -9.54 22.29 -4.18
C ARG D 24 -10.74 23.08 -4.68
N ALA D 25 -11.74 23.24 -3.82
CA ALA D 25 -12.96 23.94 -4.18
C ALA D 25 -12.94 25.36 -3.63
N SER D 26 -13.40 26.31 -4.44
CA SER D 26 -13.44 27.70 -4.01
C SER D 26 -14.46 27.93 -2.91
N GLN D 27 -15.42 27.03 -2.75
CA GLN D 27 -16.43 27.11 -1.71
C GLN D 27 -16.60 25.72 -1.12
N SER D 28 -17.11 25.68 0.11
CA SER D 28 -17.29 24.39 0.77
C SER D 28 -18.26 23.51 0.01
N VAL D 29 -17.86 22.28 -0.25
CA VAL D 29 -18.70 21.28 -0.91
C VAL D 29 -18.79 20.10 0.03
N SER D 30 -20.01 19.71 0.38
CA SER D 30 -20.20 18.51 1.17
C SER D 30 -19.68 17.30 0.40
N SER D 31 -19.08 16.36 1.12
CA SER D 31 -18.48 15.20 0.45
C SER D 31 -19.49 14.44 -0.38
N THR D 32 -20.77 14.47 0.01
CA THR D 32 -21.83 13.81 -0.73
C THR D 32 -21.93 14.31 -2.18
N TYR D 33 -21.48 15.55 -2.45
CA TYR D 33 -21.71 16.17 -3.75
C TYR D 33 -20.43 16.34 -4.57
N LEU D 34 -19.43 15.50 -4.35
CA LEU D 34 -18.21 15.56 -5.13
C LEU D 34 -17.95 14.21 -5.80
N ALA D 35 -17.52 14.25 -7.05
CA ALA D 35 -17.28 13.05 -7.83
C ALA D 35 -15.99 13.19 -8.63
N TRP D 36 -15.44 12.03 -9.01
CA TRP D 36 -14.23 11.96 -9.84
C TRP D 36 -14.52 11.14 -11.09
N TYR D 37 -13.99 11.58 -12.22
CA TYR D 37 -14.16 10.90 -13.50
C TYR D 37 -12.79 10.66 -14.14
N GLN D 38 -12.71 9.59 -14.92
CA GLN D 38 -11.51 9.26 -15.69
C GLN D 38 -11.84 9.37 -17.18
N GLN D 39 -10.92 9.99 -17.93
CA GLN D 39 -11.09 10.10 -19.38
C GLN D 39 -9.83 9.67 -20.09
N LYS D 40 -9.92 8.58 -20.84
CA LYS D 40 -8.80 8.18 -21.69
C LYS D 40 -8.89 8.91 -23.02
N PRO D 41 -7.76 9.09 -23.70
CA PRO D 41 -7.74 9.89 -24.94
C PRO D 41 -8.74 9.38 -25.98
N GLY D 42 -9.53 10.30 -26.51
CA GLY D 42 -10.50 9.97 -27.54
C GLY D 42 -11.75 9.27 -27.04
N GLN D 43 -11.96 9.17 -25.74
CA GLN D 43 -13.08 8.45 -25.18
C GLN D 43 -13.91 9.35 -24.27
N ALA D 44 -15.12 8.90 -23.98
CA ALA D 44 -15.97 9.60 -23.05
C ALA D 44 -15.48 9.38 -21.62
N PRO D 45 -15.74 10.33 -20.72
CA PRO D 45 -15.42 10.10 -19.31
C PRO D 45 -16.18 8.90 -18.75
N ARG D 46 -15.63 8.36 -17.66
CA ARG D 46 -16.28 7.30 -16.91
C ARG D 46 -16.25 7.66 -15.43
N LEU D 47 -17.33 7.33 -14.73
CA LEU D 47 -17.40 7.62 -13.31
C LEU D 47 -16.43 6.70 -12.55
N LEU D 48 -15.65 7.30 -11.65
CA LEU D 48 -14.78 6.55 -10.75
C LEU D 48 -15.29 6.58 -9.33
N ILE D 49 -15.41 7.78 -8.75
CA ILE D 49 -15.76 7.97 -7.36
C ILE D 49 -16.92 8.95 -7.31
N TYR D 50 -17.91 8.66 -6.45
CA TYR D 50 -18.99 9.61 -6.20
C TYR D 50 -19.13 9.72 -4.69
N GLY D 51 -19.69 10.84 -4.24
CA GLY D 51 -19.75 11.05 -2.80
C GLY D 51 -18.38 11.12 -2.15
N ALA D 52 -17.39 11.65 -2.87
CA ALA D 52 -16.01 11.85 -2.40
C ALA D 52 -15.26 10.54 -2.16
N SER D 53 -15.94 9.49 -1.70
CA SER D 53 -15.27 8.28 -1.27
C SER D 53 -15.89 6.99 -1.77
N SER D 54 -17.05 7.02 -2.41
CA SER D 54 -17.75 5.80 -2.79
C SER D 54 -17.38 5.37 -4.19
N ARG D 55 -17.07 4.08 -4.34
CA ARG D 55 -16.57 3.54 -5.60
C ARG D 55 -17.73 3.23 -6.54
N ALA D 56 -17.53 3.51 -7.83
CA ALA D 56 -18.52 3.15 -8.84
C ALA D 56 -18.45 1.66 -9.17
N THR D 57 -19.50 1.17 -9.82
CA THR D 57 -19.57 -0.25 -10.15
C THR D 57 -18.44 -0.63 -11.10
N GLY D 58 -17.71 -1.69 -10.75
CA GLY D 58 -16.63 -2.18 -11.58
C GLY D 58 -15.30 -1.47 -11.44
N ILE D 59 -15.22 -0.44 -10.61
CA ILE D 59 -13.94 0.27 -10.44
C ILE D 59 -13.06 -0.57 -9.51
N PRO D 60 -11.80 -0.81 -9.89
CA PRO D 60 -10.94 -1.67 -9.06
C PRO D 60 -10.60 -1.02 -7.73
N ASP D 61 -10.16 -1.87 -6.79
CA ASP D 61 -9.93 -1.45 -5.42
C ASP D 61 -8.81 -0.43 -5.27
N ARG D 62 -7.89 -0.34 -6.23
CA ARG D 62 -6.75 0.56 -6.09
C ARG D 62 -7.15 2.03 -6.14
N PHE D 63 -8.37 2.33 -6.58
CA PHE D 63 -8.88 3.70 -6.58
C PHE D 63 -9.61 3.98 -5.27
N SER D 64 -9.24 5.06 -4.60
CA SER D 64 -9.95 5.49 -3.40
C SER D 64 -9.93 7.01 -3.34
N GLY D 65 -10.95 7.57 -2.70
CA GLY D 65 -11.08 9.01 -2.59
C GLY D 65 -11.38 9.40 -1.16
N SER D 66 -11.14 10.67 -0.85
CA SER D 66 -11.36 11.18 0.49
C SER D 66 -11.48 12.69 0.44
N GLY D 67 -11.85 13.27 1.57
CA GLY D 67 -11.92 14.70 1.74
C GLY D 67 -13.35 15.18 1.92
N SER D 68 -13.46 16.41 2.43
CA SER D 68 -14.75 17.08 2.62
C SER D 68 -14.48 18.56 2.75
N GLY D 69 -15.52 19.35 2.48
CA GLY D 69 -15.38 20.79 2.54
C GLY D 69 -14.71 21.39 1.32
N THR D 70 -13.42 21.73 1.42
CA THR D 70 -12.70 22.36 0.33
C THR D 70 -11.55 21.54 -0.23
N ASP D 71 -11.12 20.48 0.44
CA ASP D 71 -9.94 19.71 0.06
C ASP D 71 -10.33 18.27 -0.24
N PHE D 72 -10.16 17.85 -1.48
CA PHE D 72 -10.52 16.51 -1.89
C PHE D 72 -9.32 15.82 -2.53
N THR D 73 -9.27 14.50 -2.41
CA THR D 73 -8.13 13.72 -2.85
C THR D 73 -8.60 12.44 -3.52
N LEU D 74 -8.01 12.12 -4.67
CA LEU D 74 -8.16 10.81 -5.29
C LEU D 74 -6.82 10.10 -5.22
N THR D 75 -6.82 8.89 -4.68
CA THR D 75 -5.60 8.10 -4.51
C THR D 75 -5.68 6.84 -5.37
N ILE D 76 -4.62 6.60 -6.14
CA ILE D 76 -4.44 5.35 -6.89
C ILE D 76 -3.25 4.64 -6.25
N SER D 77 -3.50 3.51 -5.59
CA SER D 77 -2.49 2.93 -4.71
C SER D 77 -1.27 2.45 -5.47
N ARG D 78 -1.47 1.79 -6.61
CA ARG D 78 -0.36 1.39 -7.46
C ARG D 78 -0.80 1.48 -8.91
N LEU D 79 -0.11 2.31 -9.67
CA LEU D 79 -0.52 2.62 -11.03
C LEU D 79 -0.32 1.45 -11.98
N GLU D 80 -1.38 1.09 -12.67
CA GLU D 80 -1.33 0.20 -13.81
C GLU D 80 -1.22 1.00 -15.10
N PRO D 81 -0.68 0.41 -16.18
CA PRO D 81 -0.57 1.15 -17.44
C PRO D 81 -1.87 1.80 -17.92
N GLU D 82 -3.01 1.15 -17.70
CA GLU D 82 -4.27 1.71 -18.18
C GLU D 82 -4.72 2.90 -17.33
N ASP D 83 -4.05 3.18 -16.21
CA ASP D 83 -4.44 4.28 -15.34
C ASP D 83 -3.88 5.62 -15.78
N PHE D 84 -2.97 5.64 -16.75
CA PHE D 84 -2.40 6.90 -17.23
C PHE D 84 -3.42 7.55 -18.16
N ALA D 85 -3.99 8.65 -17.71
CA ALA D 85 -5.19 9.24 -18.30
C ALA D 85 -5.40 10.61 -17.66
N VAL D 86 -6.52 11.25 -17.99
CA VAL D 86 -6.90 12.53 -17.40
C VAL D 86 -8.01 12.29 -16.39
N TYR D 87 -7.94 12.98 -15.25
CA TYR D 87 -8.90 12.82 -14.16
C TYR D 87 -9.55 14.15 -13.84
N TYR D 88 -10.88 14.15 -13.79
CA TYR D 88 -11.66 15.35 -13.48
C TYR D 88 -12.43 15.15 -12.19
N CYS D 89 -12.44 16.17 -11.34
CA CYS D 89 -13.37 16.24 -10.23
C CYS D 89 -14.57 17.09 -10.62
N GLN D 90 -15.68 16.87 -9.92
CA GLN D 90 -16.94 17.53 -10.24
C GLN D 90 -17.71 17.74 -8.95
N GLN D 91 -18.36 18.89 -8.84
CA GLN D 91 -19.30 19.14 -7.75
C GLN D 91 -20.69 19.33 -8.34
N TYR D 92 -21.69 18.74 -7.68
CA TYR D 92 -23.07 18.89 -8.11
C TYR D 92 -23.97 19.31 -6.95
N GLY D 93 -23.39 19.90 -5.91
CA GLY D 93 -24.13 20.42 -4.77
C GLY D 93 -24.58 21.85 -4.91
N SER D 94 -24.11 22.55 -5.94
CA SER D 94 -24.47 23.93 -6.17
C SER D 94 -24.67 24.16 -7.66
N SER D 95 -25.49 25.13 -7.99
CA SER D 95 -25.77 25.43 -9.39
C SER D 95 -24.97 26.64 -9.84
N PRO D 96 -24.28 26.57 -10.98
CA PRO D 96 -24.19 25.42 -11.90
C PRO D 96 -23.28 24.31 -11.41
N TRP D 97 -23.58 23.06 -11.77
CA TRP D 97 -22.60 22.00 -11.63
C TRP D 97 -21.32 22.39 -12.36
N THR D 98 -20.17 22.10 -11.76
CA THR D 98 -18.90 22.51 -12.34
C THR D 98 -17.90 21.37 -12.25
N PHE D 99 -16.94 21.38 -13.19
CA PHE D 99 -15.83 20.44 -13.21
C PHE D 99 -14.52 21.18 -13.01
N GLY D 100 -13.56 20.50 -12.39
CA GLY D 100 -12.19 20.98 -12.40
C GLY D 100 -11.59 20.89 -13.79
N GLN D 101 -10.44 21.53 -13.97
CA GLN D 101 -9.82 21.58 -15.28
C GLN D 101 -9.06 20.31 -15.65
N GLY D 102 -8.97 19.35 -14.74
CA GLY D 102 -8.36 18.08 -15.06
C GLY D 102 -6.92 17.94 -14.64
N THR D 103 -6.53 16.72 -14.24
CA THR D 103 -5.14 16.38 -13.97
C THR D 103 -4.74 15.22 -14.87
N LYS D 104 -3.62 15.39 -15.56
CA LYS D 104 -3.07 14.35 -16.44
C LYS D 104 -2.05 13.53 -15.68
N VAL D 105 -2.21 12.20 -15.71
CA VAL D 105 -1.23 11.28 -15.16
C VAL D 105 -0.48 10.66 -16.32
N GLU D 106 0.80 11.02 -16.45
CA GLU D 106 1.64 10.60 -17.57
C GLU D 106 2.75 9.67 -17.10
N ILE D 107 3.32 8.94 -18.06
CA ILE D 107 4.43 8.04 -17.79
C ILE D 107 5.71 8.85 -17.63
N LYS D 108 6.38 8.65 -16.51
CA LYS D 108 7.65 9.33 -16.25
C LYS D 108 8.81 8.61 -16.90
N ARG D 109 9.74 9.38 -17.46
CA ARG D 109 10.97 8.84 -18.04
C ARG D 109 12.13 9.79 -17.74
N THR D 110 13.30 9.46 -18.26
CA THR D 110 14.46 10.31 -18.04
C THR D 110 14.39 11.56 -18.91
N VAL D 111 15.11 12.60 -18.49
CA VAL D 111 15.07 13.87 -19.20
C VAL D 111 15.75 13.72 -20.56
N ALA D 112 15.09 14.23 -21.60
CA ALA D 112 15.65 14.25 -22.95
C ALA D 112 15.43 15.63 -23.53
N ALA D 113 16.52 16.31 -23.87
CA ALA D 113 16.41 17.63 -24.48
C ALA D 113 15.94 17.49 -25.92
N PRO D 114 15.16 18.44 -26.42
CA PRO D 114 14.65 18.33 -27.79
C PRO D 114 15.77 18.48 -28.81
N SER D 115 15.64 17.75 -29.91
CA SER D 115 16.38 18.07 -31.12
C SER D 115 15.55 19.10 -31.90
N VAL D 116 16.20 20.16 -32.34
CA VAL D 116 15.51 21.32 -32.91
C VAL D 116 15.84 21.43 -34.39
N PHE D 117 14.82 21.70 -35.20
CA PHE D 117 14.96 21.90 -36.63
C PHE D 117 14.10 23.09 -37.05
N ILE D 118 14.59 23.87 -38.00
CA ILE D 118 13.84 25.00 -38.54
C ILE D 118 13.67 24.77 -40.05
N PHE D 119 12.49 25.14 -40.56
CA PHE D 119 12.18 24.96 -41.98
C PHE D 119 11.72 26.29 -42.57
N PRO D 120 12.38 26.79 -43.60
CA PRO D 120 11.91 28.01 -44.27
C PRO D 120 10.63 27.73 -45.06
N PRO D 121 9.90 28.76 -45.45
CA PRO D 121 8.77 28.55 -46.36
C PRO D 121 9.26 28.03 -47.70
N SER D 122 8.46 27.15 -48.30
CA SER D 122 8.77 26.65 -49.63
C SER D 122 8.53 27.75 -50.66
N ASP D 123 9.23 27.63 -51.80
CA ASP D 123 8.99 28.56 -52.90
C ASP D 123 7.56 28.47 -53.40
N GLU D 124 6.98 27.27 -53.40
CA GLU D 124 5.60 27.10 -53.84
C GLU D 124 4.64 27.93 -53.00
N GLN D 125 4.80 27.89 -51.66
CA GLN D 125 3.91 28.66 -50.81
C GLN D 125 4.12 30.15 -51.02
N LEU D 126 5.38 30.57 -51.22
CA LEU D 126 5.66 32.00 -51.41
C LEU D 126 4.95 32.54 -52.63
N LYS D 127 4.75 31.72 -53.67
CA LYS D 127 3.99 32.16 -54.82
C LYS D 127 2.55 32.48 -54.46
N SER D 128 2.03 31.86 -53.40
CA SER D 128 0.65 32.07 -52.98
C SER D 128 0.46 33.34 -52.16
N GLY D 129 1.54 33.98 -51.69
CA GLY D 129 1.44 35.22 -50.95
C GLY D 129 1.61 35.11 -49.46
N THR D 130 1.79 33.91 -48.92
CA THR D 130 1.98 33.73 -47.48
C THR D 130 3.24 32.92 -47.23
N ALA D 131 3.80 33.09 -46.03
CA ALA D 131 5.02 32.40 -45.65
C ALA D 131 4.82 31.76 -44.29
N SER D 132 5.07 30.45 -44.21
CA SER D 132 5.02 29.72 -42.96
C SER D 132 6.43 29.22 -42.63
N VAL D 133 6.93 29.62 -41.47
CA VAL D 133 8.20 29.12 -40.94
C VAL D 133 7.88 28.15 -39.82
N VAL D 134 8.49 26.96 -39.87
CA VAL D 134 8.18 25.89 -38.94
C VAL D 134 9.41 25.55 -38.11
N CYS D 135 9.22 25.47 -36.80
CA CYS D 135 10.24 25.04 -35.87
C CYS D 135 9.76 23.74 -35.23
N LEU D 136 10.61 22.72 -35.26
CA LEU D 136 10.29 21.40 -34.75
C LEU D 136 11.14 21.08 -33.53
N LEU D 137 10.49 20.70 -32.44
CA LEU D 137 11.16 20.18 -31.25
C LEU D 137 10.83 18.70 -31.18
N ASN D 138 11.82 17.84 -31.36
CA ASN D 138 11.58 16.42 -31.55
C ASN D 138 12.01 15.60 -30.34
N ASN D 139 11.09 14.75 -29.86
CA ASN D 139 11.38 13.68 -28.90
C ASN D 139 12.05 14.20 -27.63
N PHE D 140 11.31 15.03 -26.90
CA PHE D 140 11.83 15.59 -25.66
C PHE D 140 10.95 15.20 -24.49
N TYR D 141 11.51 15.35 -23.29
CA TYR D 141 10.81 15.07 -22.05
C TYR D 141 11.58 15.76 -20.93
N PRO D 142 10.92 16.40 -19.97
CA PRO D 142 9.45 16.51 -19.87
C PRO D 142 8.84 17.51 -20.85
N ARG D 143 7.53 17.74 -20.69
CA ARG D 143 6.74 18.44 -21.69
C ARG D 143 7.02 19.95 -21.74
N GLU D 144 7.37 20.57 -20.61
CA GLU D 144 7.48 22.02 -20.57
C GLU D 144 8.64 22.50 -21.42
N ALA D 145 8.37 23.49 -22.27
CA ALA D 145 9.38 24.07 -23.14
C ALA D 145 8.90 25.44 -23.59
N LYS D 146 9.85 26.28 -23.99
CA LYS D 146 9.55 27.62 -24.48
C LYS D 146 10.20 27.79 -25.84
N VAL D 147 9.42 28.23 -26.81
CA VAL D 147 9.89 28.52 -28.16
C VAL D 147 9.72 30.01 -28.42
N GLN D 148 10.81 30.67 -28.83
CA GLN D 148 10.77 32.08 -29.16
C GLN D 148 11.20 32.28 -30.60
N TRP D 149 10.37 32.95 -31.38
CA TRP D 149 10.69 33.32 -32.75
C TRP D 149 11.37 34.68 -32.77
N LYS D 150 12.47 34.78 -33.50
CA LYS D 150 13.15 36.05 -33.72
C LYS D 150 13.38 36.23 -35.21
N VAL D 151 13.00 37.39 -35.73
CA VAL D 151 13.18 37.75 -37.12
C VAL D 151 14.02 39.01 -37.14
N ASP D 152 15.28 38.89 -37.57
CA ASP D 152 16.27 39.97 -37.48
C ASP D 152 16.32 40.52 -36.05
N ASN D 153 16.38 39.61 -35.09
CA ASN D 153 16.44 39.89 -33.66
C ASN D 153 15.18 40.55 -33.11
N ALA D 154 14.08 40.55 -33.86
CA ALA D 154 12.81 41.07 -33.37
C ALA D 154 11.99 39.91 -32.82
N LEU D 155 11.66 39.97 -31.53
CA LEU D 155 10.89 38.90 -30.91
C LEU D 155 9.47 38.91 -31.46
N GLN D 156 9.02 37.76 -31.96
CA GLN D 156 7.70 37.65 -32.55
C GLN D 156 6.72 37.24 -31.45
N SER D 157 5.58 37.93 -31.39
CA SER D 157 4.61 37.67 -30.33
C SER D 157 3.21 37.74 -30.94
N GLY D 158 2.47 36.64 -30.83
CA GLY D 158 1.09 36.59 -31.26
C GLY D 158 0.85 36.12 -32.68
N ASN D 159 1.90 35.80 -33.44
CA ASN D 159 1.74 35.38 -34.83
C ASN D 159 2.29 33.98 -35.05
N SER D 160 2.28 33.15 -34.02
CA SER D 160 2.70 31.76 -34.12
C SER D 160 1.68 30.87 -33.40
N GLN D 161 1.67 29.59 -33.78
CA GLN D 161 0.81 28.60 -33.15
C GLN D 161 1.61 27.33 -32.91
N GLU D 162 1.28 26.64 -31.83
CA GLU D 162 1.98 25.44 -31.42
C GLU D 162 1.04 24.25 -31.43
N SER D 163 1.62 23.07 -31.68
CA SER D 163 0.90 21.81 -31.59
C SER D 163 1.85 20.78 -30.99
N VAL D 164 1.33 19.93 -30.12
CA VAL D 164 2.12 18.96 -29.39
C VAL D 164 1.50 17.59 -29.60
N THR D 165 2.35 16.59 -29.84
CA THR D 165 1.86 15.22 -29.96
C THR D 165 1.48 14.68 -28.58
N GLU D 166 0.74 13.57 -28.59
CA GLU D 166 0.55 12.82 -27.37
C GLU D 166 1.86 12.12 -27.00
N GLN D 167 1.97 11.73 -25.75
CA GLN D 167 3.17 11.04 -25.30
C GLN D 167 3.37 9.79 -26.14
N ASP D 168 4.58 9.62 -26.68
CA ASP D 168 4.83 8.50 -27.59
C ASP D 168 4.69 7.18 -26.84
N SER D 169 4.06 6.21 -27.50
CA SER D 169 3.77 4.94 -26.85
C SER D 169 5.02 4.10 -26.61
N LYS D 170 6.10 4.34 -27.36
CA LYS D 170 7.30 3.53 -27.26
C LYS D 170 8.40 4.15 -26.42
N ASP D 171 8.65 5.46 -26.55
CA ASP D 171 9.73 6.10 -25.80
C ASP D 171 9.25 7.16 -24.81
N SER D 172 7.94 7.41 -24.74
CA SER D 172 7.33 8.30 -23.76
C SER D 172 7.78 9.75 -23.91
N THR D 173 8.27 10.14 -25.07
CA THR D 173 8.66 11.53 -25.30
C THR D 173 7.54 12.32 -25.95
N TYR D 174 7.75 13.63 -26.06
CA TYR D 174 6.86 14.53 -26.76
C TYR D 174 7.58 15.16 -27.95
N SER D 175 6.80 15.61 -28.91
CA SER D 175 7.29 16.45 -29.99
C SER D 175 6.37 17.64 -30.14
N LEU D 176 6.94 18.76 -30.56
CA LEU D 176 6.20 20.01 -30.68
C LEU D 176 6.59 20.70 -31.97
N SER D 177 5.60 21.26 -32.64
CA SER D 177 5.81 22.09 -33.82
C SER D 177 5.27 23.49 -33.54
N SER D 178 6.05 24.50 -33.90
CA SER D 178 5.60 25.88 -33.83
C SER D 178 5.68 26.46 -35.23
N THR D 179 4.58 27.08 -35.68
CA THR D 179 4.48 27.64 -37.02
C THR D 179 4.34 29.15 -36.93
N LEU D 180 5.31 29.87 -37.51
CA LEU D 180 5.25 31.31 -37.62
C LEU D 180 4.69 31.70 -38.99
N THR D 181 3.67 32.54 -38.99
CA THR D 181 2.98 32.95 -40.22
C THR D 181 3.29 34.42 -40.51
N LEU D 182 3.78 34.69 -41.73
CA LEU D 182 4.06 36.04 -42.18
C LEU D 182 3.53 36.21 -43.61
N SER D 183 3.23 37.46 -43.96
CA SER D 183 2.96 37.78 -45.35
C SER D 183 4.23 37.63 -46.18
N LYS D 184 4.04 37.40 -47.48
CA LYS D 184 5.19 37.25 -48.38
C LYS D 184 6.05 38.50 -48.41
N ALA D 185 5.42 39.67 -48.47
CA ALA D 185 6.20 40.92 -48.48
C ALA D 185 6.99 41.07 -47.20
N ASP D 186 6.38 40.74 -46.07
CA ASP D 186 7.07 40.84 -44.79
C ASP D 186 8.24 39.87 -44.72
N TYR D 187 8.05 38.64 -45.21
CA TYR D 187 9.11 37.65 -45.19
C TYR D 187 10.34 38.11 -45.97
N GLU D 188 10.12 38.73 -47.13
CA GLU D 188 11.22 39.17 -47.98
C GLU D 188 11.84 40.48 -47.50
N LYS D 189 11.26 41.10 -46.48
CA LYS D 189 11.79 42.32 -45.90
C LYS D 189 12.87 42.06 -44.85
N HIS D 190 13.12 40.80 -44.51
CA HIS D 190 14.00 40.45 -43.41
C HIS D 190 14.94 39.33 -43.84
N LYS D 191 16.02 39.15 -43.09
CA LYS D 191 17.07 38.22 -43.46
C LYS D 191 17.16 37.02 -42.53
N VAL D 192 17.32 37.23 -41.22
CA VAL D 192 17.63 36.17 -40.27
C VAL D 192 16.33 35.69 -39.62
N TYR D 193 16.06 34.40 -39.74
CA TYR D 193 14.91 33.76 -39.10
C TYR D 193 15.42 32.70 -38.14
N ALA D 194 15.02 32.78 -36.88
CA ALA D 194 15.55 31.91 -35.83
C ALA D 194 14.44 31.51 -34.88
N CYS D 195 14.47 30.26 -34.43
CA CYS D 195 13.67 29.85 -33.28
C CYS D 195 14.62 29.44 -32.16
N GLU D 196 14.37 29.97 -30.97
CA GLU D 196 15.19 29.74 -29.79
C GLU D 196 14.40 28.88 -28.82
N VAL D 197 14.99 27.77 -28.40
CA VAL D 197 14.30 26.76 -27.61
C VAL D 197 14.92 26.71 -26.23
N THR D 198 14.08 26.75 -25.21
CA THR D 198 14.48 26.59 -23.83
C THR D 198 13.82 25.34 -23.27
N HIS D 199 14.55 24.60 -22.43
CA HIS D 199 14.07 23.36 -21.86
C HIS D 199 14.93 23.03 -20.65
N GLN D 200 14.32 22.39 -19.64
CA GLN D 200 15.07 22.12 -18.41
C GLN D 200 16.25 21.20 -18.62
N GLY D 201 16.25 20.42 -19.70
CA GLY D 201 17.41 19.62 -20.04
C GLY D 201 18.50 20.35 -20.81
N LEU D 202 18.30 21.63 -21.12
CA LEU D 202 19.28 22.43 -21.84
C LEU D 202 19.95 23.40 -20.88
N SER D 203 21.28 23.38 -20.85
CA SER D 203 22.03 24.30 -19.99
C SER D 203 21.96 25.74 -20.50
N SER D 204 21.71 25.93 -21.79
CA SER D 204 21.50 27.24 -22.38
C SER D 204 20.56 27.07 -23.56
N PRO D 205 19.89 28.14 -24.00
CA PRO D 205 18.91 27.98 -25.08
C PRO D 205 19.56 27.51 -26.36
N VAL D 206 18.81 26.70 -27.11
CA VAL D 206 19.25 26.20 -28.41
C VAL D 206 18.57 27.03 -29.49
N THR D 207 19.35 27.56 -30.42
CA THR D 207 18.84 28.37 -31.51
C THR D 207 19.17 27.71 -32.84
N LYS D 208 18.15 27.48 -33.65
CA LYS D 208 18.32 27.09 -35.04
C LYS D 208 17.83 28.25 -35.92
N SER D 209 18.59 28.56 -36.96
CA SER D 209 18.26 29.73 -37.77
C SER D 209 18.69 29.50 -39.21
N PHE D 210 18.12 30.31 -40.10
CA PHE D 210 18.56 30.38 -41.48
C PHE D 210 18.52 31.83 -41.95
N ASN D 211 19.29 32.10 -42.99
CA ASN D 211 19.23 33.37 -43.70
C ASN D 211 18.41 33.17 -44.97
N ARG D 212 17.39 34.00 -45.15
CA ARG D 212 16.53 33.89 -46.31
C ARG D 212 17.35 33.93 -47.59
N GLY D 213 17.19 32.91 -48.43
CA GLY D 213 17.85 32.85 -49.72
C GLY D 213 19.19 32.13 -49.73
N GLU D 214 19.50 31.37 -48.69
CA GLU D 214 20.76 30.62 -48.64
C GLU D 214 20.52 29.14 -48.42
N GLU E 1 27.95 36.31 2.73
CA GLU E 1 27.03 36.90 3.70
C GLU E 1 27.18 36.28 5.09
N VAL E 2 26.51 36.88 6.08
CA VAL E 2 26.62 36.44 7.45
C VAL E 2 26.06 35.04 7.61
N GLN E 3 26.83 34.18 8.28
CA GLN E 3 26.41 32.83 8.60
C GLN E 3 26.78 32.53 10.05
N LEU E 4 25.82 31.99 10.80
CA LEU E 4 26.06 31.55 12.17
C LEU E 4 25.52 30.14 12.32
N VAL E 5 26.36 29.24 12.83
CA VAL E 5 26.01 27.83 12.98
C VAL E 5 26.28 27.43 14.43
N GLU E 6 25.21 27.13 15.17
CA GLU E 6 25.36 26.61 16.53
C GLU E 6 25.59 25.11 16.51
N SER E 7 26.31 24.62 17.52
CA SER E 7 26.51 23.19 17.70
C SER E 7 26.77 22.92 19.17
N GLY E 8 26.78 21.64 19.52
CA GLY E 8 27.04 21.21 20.88
C GLY E 8 25.83 20.88 21.73
N GLY E 9 24.62 21.01 21.20
CA GLY E 9 23.43 20.68 21.96
C GLY E 9 23.22 19.18 22.06
N GLY E 10 22.19 18.81 22.80
CA GLY E 10 21.81 17.41 22.95
C GLY E 10 21.22 17.16 24.32
N LEU E 11 21.15 15.87 24.66
CA LEU E 11 20.51 15.41 25.89
C LEU E 11 21.52 15.35 27.03
N VAL E 12 21.14 15.89 28.19
CA VAL E 12 22.03 15.97 29.33
C VAL E 12 21.18 15.90 30.60
N GLN E 13 21.76 15.32 31.67
CA GLN E 13 21.03 15.18 32.91
C GLN E 13 21.18 16.43 33.78
N PRO E 14 20.23 16.68 34.68
CA PRO E 14 20.36 17.84 35.59
C PRO E 14 21.65 17.81 36.39
N GLY E 15 22.22 18.99 36.60
CA GLY E 15 23.46 19.13 37.32
C GLY E 15 24.70 19.03 36.48
N ARG E 16 24.60 18.51 35.26
CA ARG E 16 25.75 18.36 34.39
C ARG E 16 26.02 19.66 33.62
N SER E 17 27.04 19.62 32.76
CA SER E 17 27.45 20.78 31.98
C SER E 17 27.43 20.49 30.50
N LEU E 18 27.25 21.55 29.72
CA LEU E 18 27.31 21.52 28.26
C LEU E 18 27.93 22.81 27.78
N ARG E 19 28.63 22.74 26.65
CA ARG E 19 29.24 23.92 26.04
CA ARG E 19 29.25 23.91 26.03
C ARG E 19 28.78 24.00 24.59
N LEU E 20 28.10 25.11 24.26
CA LEU E 20 27.66 25.35 22.90
C LEU E 20 28.69 26.19 22.15
N SER E 21 28.86 25.90 20.87
CA SER E 21 29.73 26.67 20.01
C SER E 21 28.89 27.38 18.95
N CYS E 22 29.30 28.58 18.58
CA CYS E 22 28.68 29.33 17.50
C CYS E 22 29.77 29.72 16.51
N THR E 23 29.82 29.03 15.38
CA THR E 23 30.83 29.27 14.37
C THR E 23 30.33 30.32 13.39
N ALA E 24 31.04 31.44 13.32
CA ALA E 24 30.64 32.59 12.52
C ALA E 24 31.49 32.70 11.26
N SER E 25 30.87 33.19 10.18
CA SER E 25 31.59 33.49 8.96
C SER E 25 30.84 34.57 8.19
N GLY E 26 31.54 35.17 7.22
CA GLY E 26 30.99 36.19 6.38
C GLY E 26 31.06 37.61 6.91
N PHE E 27 31.63 37.81 8.10
CA PHE E 27 31.81 39.14 8.65
C PHE E 27 33.01 39.12 9.58
N THR E 28 33.42 40.31 10.03
CA THR E 28 34.53 40.43 10.96
C THR E 28 34.00 40.14 12.35
N PHE E 29 34.13 38.87 12.77
CA PHE E 29 33.55 38.39 14.02
C PHE E 29 33.98 39.27 15.21
N GLY E 30 35.27 39.57 15.30
CA GLY E 30 35.80 40.29 16.44
C GLY E 30 35.27 41.71 16.62
N ASP E 31 34.61 42.27 15.61
CA ASP E 31 34.12 43.64 15.70
C ASP E 31 32.77 43.74 16.40
N TYR E 32 32.06 42.63 16.59
CA TYR E 32 30.66 42.66 16.99
C TYR E 32 30.48 42.04 18.37
N ALA E 33 29.56 42.60 19.13
CA ALA E 33 29.04 41.86 20.28
C ALA E 33 28.23 40.66 19.78
N MET E 34 28.23 39.59 20.57
CA MET E 34 27.45 38.41 20.29
C MET E 34 26.52 38.13 21.47
N SER E 35 25.37 37.52 21.17
CA SER E 35 24.36 37.29 22.19
C SER E 35 23.66 35.96 21.96
N TRP E 36 23.33 35.29 23.07
CA TRP E 36 22.59 34.03 23.03
C TRP E 36 21.15 34.25 23.48
N VAL E 37 20.22 33.64 22.75
CA VAL E 37 18.80 33.71 23.04
C VAL E 37 18.27 32.29 22.99
N ARG E 38 17.39 31.94 23.92
CA ARG E 38 16.83 30.59 23.96
C ARG E 38 15.31 30.65 23.87
N GLN E 39 14.74 29.52 23.42
CA GLN E 39 13.30 29.39 23.25
C GLN E 39 12.91 28.01 23.76
N ALA E 40 12.25 27.97 24.92
CA ALA E 40 11.77 26.70 25.46
C ALA E 40 10.66 26.16 24.59
N PRO E 41 10.49 24.83 24.54
CA PRO E 41 9.47 24.22 23.66
C PRO E 41 8.09 24.84 23.82
N GLY E 42 7.56 25.40 22.74
CA GLY E 42 6.24 26.01 22.74
C GLY E 42 6.15 27.38 23.34
N LYS E 43 7.26 28.00 23.76
CA LYS E 43 7.24 29.30 24.40
C LYS E 43 7.94 30.35 23.53
N GLY E 44 8.13 31.53 24.12
CA GLY E 44 8.73 32.66 23.45
C GLY E 44 10.23 32.68 23.58
N LEU E 45 10.80 33.86 23.39
CA LEU E 45 12.24 34.07 23.37
C LEU E 45 12.72 34.65 24.69
N GLU E 46 13.86 34.16 25.16
CA GLU E 46 14.46 34.66 26.40
C GLU E 46 15.94 34.93 26.15
N TRP E 47 16.35 36.17 26.41
CA TRP E 47 17.75 36.55 26.30
C TRP E 47 18.57 35.83 27.37
N VAL E 48 19.69 35.25 26.95
CA VAL E 48 20.57 34.48 27.83
C VAL E 48 21.90 35.19 28.11
N GLY E 49 22.20 36.25 27.37
CA GLY E 49 23.37 37.05 27.68
C GLY E 49 24.08 37.56 26.45
N PHE E 50 24.98 38.52 26.61
CA PHE E 50 25.83 38.97 25.52
C PHE E 50 27.28 39.07 25.98
N ILE E 51 28.18 39.13 25.00
CA ILE E 51 29.59 39.40 25.23
C ILE E 51 29.99 40.54 24.29
N ARG E 52 30.70 41.54 24.83
CA ARG E 52 31.09 42.65 24.00
C ARG E 52 32.30 42.29 23.14
N SER E 53 32.56 43.13 22.13
CA SER E 53 33.76 42.98 21.34
C SER E 53 34.99 43.31 22.18
N LYS E 54 36.15 42.79 21.73
CA LYS E 54 37.40 43.11 22.38
C LYS E 54 37.63 44.61 22.47
N ALA E 55 37.31 45.34 21.40
CA ALA E 55 37.50 46.79 21.40
C ALA E 55 36.63 47.49 22.43
N ASN E 56 35.57 46.83 22.91
CA ASN E 56 34.71 47.39 23.96
C ASN E 56 34.87 46.65 25.28
N GLY E 57 36.04 46.04 25.52
CA GLY E 57 36.34 45.42 26.79
C GLY E 57 36.14 43.92 26.82
N GLY E 58 35.30 43.37 25.94
CA GLY E 58 35.13 41.93 25.87
C GLY E 58 34.49 41.28 27.08
N ARG E 59 33.81 42.04 27.91
CA ARG E 59 33.13 41.49 29.09
C ARG E 59 31.70 41.07 28.73
N THR E 60 31.06 40.38 29.67
CA THR E 60 29.76 39.75 29.44
C THR E 60 28.70 40.29 30.38
N GLU E 61 27.44 40.04 30.02
CA GLU E 61 26.28 40.34 30.85
C GLU E 61 25.28 39.20 30.68
N ASN E 62 24.61 38.83 31.77
CA ASN E 62 23.66 37.73 31.80
C ASN E 62 22.46 38.12 32.65
N PRO E 63 21.28 37.57 32.35
CA PRO E 63 20.13 37.77 33.23
C PRO E 63 20.24 36.90 34.48
N ALA E 64 19.40 37.23 35.46
CA ALA E 64 19.44 36.52 36.74
C ALA E 64 19.11 35.03 36.59
N SER E 65 18.31 34.67 35.59
CA SER E 65 17.88 33.28 35.45
C SER E 65 19.05 32.32 35.24
N VAL E 66 20.16 32.81 34.69
CA VAL E 66 21.34 31.98 34.42
C VAL E 66 22.60 32.55 35.02
N LYS E 67 22.51 33.64 35.78
CA LYS E 67 23.69 34.24 36.38
C LYS E 67 24.42 33.23 37.26
N GLY E 68 25.74 33.17 37.12
CA GLY E 68 26.56 32.26 37.89
C GLY E 68 26.61 30.84 37.36
N ARG E 69 25.80 30.50 36.37
CA ARG E 69 25.78 29.16 35.79
C ARG E 69 26.23 29.14 34.34
N PHE E 70 25.84 30.14 33.55
CA PHE E 70 26.19 30.23 32.14
C PHE E 70 27.26 31.30 31.96
N THR E 71 28.26 31.00 31.15
CA THR E 71 29.33 31.95 30.86
C THR E 71 29.53 32.01 29.35
N ILE E 72 29.49 33.21 28.81
CA ILE E 72 29.77 33.42 27.39
C ILE E 72 31.24 33.79 27.23
N SER E 73 31.86 33.22 26.20
CA SER E 73 33.23 33.57 25.84
C SER E 73 33.33 33.58 24.32
N ARG E 74 34.49 34.02 23.84
CA ARG E 74 34.70 34.12 22.40
C ARG E 74 36.17 33.87 22.08
N ASP E 75 36.40 33.28 20.91
CA ASP E 75 37.75 33.07 20.38
C ASP E 75 37.78 33.78 19.04
N ASP E 76 38.34 34.99 19.02
CA ASP E 76 38.32 35.80 17.81
C ASP E 76 39.21 35.23 16.71
N SER E 77 40.25 34.47 17.07
CA SER E 77 41.11 33.87 16.05
C SER E 77 40.41 32.76 15.28
N LYS E 78 39.37 32.15 15.88
CA LYS E 78 38.58 31.12 15.22
C LYS E 78 37.21 31.61 14.78
N SER E 79 36.80 32.81 15.17
CA SER E 79 35.46 33.33 14.91
C SER E 79 34.40 32.39 15.50
N ILE E 80 34.54 32.10 16.79
CA ILE E 80 33.62 31.22 17.51
C ILE E 80 33.20 31.91 18.80
N ALA E 81 31.90 31.92 19.07
CA ALA E 81 31.38 32.30 20.38
C ALA E 81 30.93 31.05 21.11
N TYR E 82 31.10 31.05 22.44
CA TYR E 82 30.78 29.89 23.25
C TYR E 82 29.75 30.23 24.31
N LEU E 83 28.96 29.22 24.68
CA LEU E 83 28.07 29.31 25.83
C LEU E 83 28.38 28.10 26.70
N GLN E 84 29.08 28.35 27.81
CA GLN E 84 29.37 27.31 28.79
C GLN E 84 28.20 27.22 29.75
N MET E 85 27.55 26.06 29.80
CA MET E 85 26.32 25.86 30.57
C MET E 85 26.60 24.88 31.69
N ASN E 86 26.74 25.40 32.91
CA ASN E 86 26.98 24.58 34.09
C ASN E 86 25.71 24.50 34.94
N SER E 87 25.65 23.48 35.80
CA SER E 87 24.58 23.33 36.78
C SER E 87 23.21 23.36 36.12
N LEU E 88 23.07 22.57 35.06
CA LEU E 88 21.88 22.63 34.23
C LEU E 88 20.64 22.15 34.98
N LYS E 89 19.51 22.79 34.70
CA LYS E 89 18.22 22.42 35.25
C LYS E 89 17.26 22.05 34.12
N THR E 90 16.18 21.34 34.48
CA THR E 90 15.20 20.98 33.46
C THR E 90 14.62 22.21 32.79
N GLU E 91 14.46 23.32 33.53
CA GLU E 91 13.96 24.57 32.98
C GLU E 91 14.90 25.18 31.95
N ASP E 92 16.15 24.70 31.86
CA ASP E 92 17.05 25.19 30.82
C ASP E 92 16.79 24.54 29.47
N THR E 93 15.88 23.57 29.41
CA THR E 93 15.53 22.93 28.14
C THR E 93 15.01 23.97 27.16
N ALA E 94 15.66 24.06 26.00
CA ALA E 94 15.32 25.09 25.01
C ALA E 94 16.17 24.87 23.77
N VAL E 95 15.73 25.46 22.67
CA VAL E 95 16.60 25.71 21.53
C VAL E 95 17.41 26.96 21.81
N TYR E 96 18.71 26.89 21.64
CA TYR E 96 19.61 28.01 21.91
C TYR E 96 20.09 28.62 20.60
N TYR E 97 19.84 29.91 20.44
CA TYR E 97 20.24 30.66 19.26
C TYR E 97 21.43 31.56 19.57
N CYS E 98 22.39 31.56 18.65
CA CYS E 98 23.46 32.54 18.64
C CYS E 98 23.09 33.68 17.71
N THR E 99 23.38 34.91 18.12
CA THR E 99 22.99 36.08 17.34
C THR E 99 24.13 37.08 17.29
N ARG E 100 24.19 37.83 16.18
CA ARG E 100 25.10 38.95 16.05
C ARG E 100 24.40 40.22 16.51
N VAL E 101 25.07 40.98 17.37
CA VAL E 101 24.54 42.24 17.87
C VAL E 101 24.97 43.35 16.91
N GLU E 102 24.01 44.11 16.39
CA GLU E 102 24.30 45.14 15.42
C GLU E 102 25.06 46.31 16.06
N LEU E 103 25.90 46.95 15.23
CA LEU E 103 26.68 48.10 15.65
C LEU E 103 25.82 49.35 15.78
N GLY E 104 26.32 50.30 16.58
CA GLY E 104 25.74 51.62 16.65
C GLY E 104 24.85 51.84 17.86
N SER E 105 23.96 52.82 17.73
CA SER E 105 23.10 53.25 18.82
C SER E 105 21.90 52.34 19.05
N SER E 106 21.60 51.44 18.12
CA SER E 106 20.42 50.57 18.19
C SER E 106 20.88 49.14 17.99
N TRP E 107 21.19 48.46 19.10
CA TRP E 107 21.87 47.17 19.05
C TRP E 107 20.87 46.02 19.04
N SER E 108 20.13 45.93 17.93
CA SER E 108 19.24 44.80 17.72
C SER E 108 20.05 43.55 17.37
N LEU E 109 19.35 42.42 17.26
CA LEU E 109 19.96 41.13 16.94
C LEU E 109 19.76 40.90 15.45
N GLY E 110 20.77 41.30 14.66
CA GLY E 110 20.58 41.38 13.22
C GLY E 110 20.64 40.05 12.49
N TYR E 111 21.35 39.07 13.05
CA TYR E 111 21.50 37.78 12.39
C TYR E 111 21.42 36.66 13.42
N TRP E 112 20.77 35.57 13.04
CA TRP E 112 20.52 34.43 13.92
C TRP E 112 21.00 33.14 13.25
N GLY E 113 21.55 32.24 14.06
CA GLY E 113 21.83 30.89 13.61
C GLY E 113 20.58 30.05 13.54
N GLN E 114 20.75 28.81 13.09
CA GLN E 114 19.61 27.89 13.01
C GLN E 114 19.17 27.38 14.37
N GLY E 115 20.03 27.49 15.38
CA GLY E 115 19.72 27.03 16.72
C GLY E 115 20.15 25.60 16.96
N THR E 116 20.43 25.28 18.22
CA THR E 116 20.72 23.93 18.64
C THR E 116 19.90 23.58 19.89
N LEU E 117 19.33 22.38 19.90
CA LEU E 117 18.42 21.96 20.96
C LEU E 117 19.18 21.41 22.16
N VAL E 118 18.87 21.92 23.34
CA VAL E 118 19.40 21.41 24.61
C VAL E 118 18.24 20.85 25.42
N THR E 119 18.29 19.56 25.72
CA THR E 119 17.27 18.90 26.53
C THR E 119 17.88 18.44 27.84
N VAL E 120 17.38 18.98 28.95
CA VAL E 120 17.83 18.62 30.28
C VAL E 120 16.77 17.73 30.91
N SER E 121 17.10 16.47 31.15
CA SER E 121 16.14 15.52 31.68
C SER E 121 16.87 14.37 32.36
N SER E 122 16.25 13.83 33.40
CA SER E 122 16.75 12.63 34.07
C SER E 122 16.10 11.36 33.54
N ALA E 123 15.24 11.47 32.52
CA ALA E 123 14.57 10.29 31.98
C ALA E 123 15.55 9.41 31.21
N SER E 124 15.22 8.12 31.17
CA SER E 124 16.02 7.14 30.44
C SER E 124 15.37 6.88 29.09
N THR E 125 16.19 6.49 28.11
CA THR E 125 15.67 6.15 26.80
C THR E 125 14.68 4.99 26.91
N LYS E 126 13.51 5.15 26.29
CA LYS E 126 12.46 4.15 26.38
C LYS E 126 11.58 4.23 25.14
N GLY E 127 11.32 3.07 24.54
CA GLY E 127 10.43 2.99 23.41
C GLY E 127 8.98 3.08 23.82
N PRO E 128 8.11 3.50 22.91
CA PRO E 128 6.71 3.71 23.26
C PRO E 128 5.92 2.41 23.28
N SER E 129 4.84 2.42 24.04
CA SER E 129 3.77 1.46 23.87
C SER E 129 2.77 2.03 22.88
N VAL E 130 2.27 1.18 22.00
CA VAL E 130 1.35 1.60 20.93
C VAL E 130 0.01 0.93 21.17
N PHE E 131 -1.02 1.74 21.43
CA PHE E 131 -2.35 1.22 21.70
C PHE E 131 -3.32 1.66 20.62
N PRO E 132 -4.32 0.84 20.30
CA PRO E 132 -5.27 1.20 19.25
C PRO E 132 -6.28 2.22 19.75
N LEU E 133 -6.63 3.15 18.86
CA LEU E 133 -7.80 4.00 19.03
C LEU E 133 -8.85 3.48 18.04
N ALA E 134 -9.67 2.56 18.53
CA ALA E 134 -10.57 1.76 17.69
C ALA E 134 -11.82 2.57 17.32
N PRO E 135 -12.30 2.44 16.09
CA PRO E 135 -13.53 3.14 15.68
C PRO E 135 -14.75 2.52 16.34
N SER E 136 -15.70 3.37 16.72
CA SER E 136 -16.88 2.92 17.43
C SER E 136 -17.88 2.27 16.49
N SER E 137 -18.90 1.65 17.08
CA SER E 137 -19.96 0.97 16.33
C SER E 137 -20.76 1.96 15.50
N GLY E 143 -21.53 7.50 7.98
CA GLY E 143 -20.74 8.45 7.23
C GLY E 143 -19.24 8.25 7.37
N THR E 144 -18.62 9.08 8.21
CA THR E 144 -17.17 9.09 8.39
C THR E 144 -16.82 8.55 9.77
N ALA E 145 -15.78 7.70 9.83
CA ALA E 145 -15.30 7.15 11.07
C ALA E 145 -13.87 7.59 11.33
N ALA E 146 -13.52 7.69 12.61
CA ALA E 146 -12.17 8.05 13.02
C ALA E 146 -11.53 6.90 13.76
N LEU E 147 -10.25 6.68 13.52
CA LEU E 147 -9.47 5.68 14.22
C LEU E 147 -8.06 6.21 14.38
N GLY E 148 -7.28 5.56 15.21
CA GLY E 148 -5.94 6.05 15.43
C GLY E 148 -5.10 5.14 16.30
N CYS E 149 -3.94 5.65 16.68
CA CYS E 149 -2.98 4.96 17.52
C CYS E 149 -2.52 5.89 18.63
N LEU E 150 -2.49 5.37 19.85
CA LEU E 150 -1.96 6.09 21.00
C LEU E 150 -0.53 5.65 21.23
N VAL E 151 0.41 6.58 21.09
CA VAL E 151 1.84 6.31 21.18
C VAL E 151 2.30 6.91 22.51
N LYS E 152 2.43 6.06 23.53
CA LYS E 152 2.50 6.51 24.91
C LYS E 152 3.83 6.12 25.57
N ASP E 153 4.34 7.02 26.41
CA ASP E 153 5.44 6.76 27.34
C ASP E 153 6.76 6.45 26.65
N TYR E 154 7.27 7.37 25.82
CA TYR E 154 8.56 7.20 25.20
C TYR E 154 9.49 8.38 25.56
N PHE E 155 10.78 8.17 25.34
CA PHE E 155 11.79 9.19 25.56
C PHE E 155 13.07 8.81 24.84
N PRO E 156 13.76 9.74 24.17
CA PRO E 156 13.31 11.11 23.97
C PRO E 156 12.52 11.29 22.69
N GLU E 157 12.22 12.53 22.33
CA GLU E 157 11.70 12.83 21.01
C GLU E 157 12.75 12.53 19.95
N PRO E 158 12.33 12.24 18.71
CA PRO E 158 10.95 12.14 18.26
C PRO E 158 10.50 10.72 17.92
N VAL E 159 9.21 10.56 17.66
CA VAL E 159 8.66 9.39 17.02
C VAL E 159 8.06 9.82 15.69
N THR E 160 8.09 8.93 14.72
CA THR E 160 7.39 9.12 13.46
C THR E 160 6.25 8.12 13.38
N VAL E 161 5.15 8.55 12.78
CA VAL E 161 3.98 7.70 12.59
C VAL E 161 3.55 7.82 11.13
N SER E 162 3.40 6.68 10.48
CA SER E 162 2.78 6.61 9.15
C SER E 162 1.65 5.61 9.22
N TRP E 163 0.83 5.59 8.17
CA TRP E 163 -0.29 4.67 8.08
C TRP E 163 -0.17 3.85 6.81
N ASN E 164 -0.34 2.53 6.95
CA ASN E 164 -0.23 1.60 5.83
C ASN E 164 1.06 1.84 5.06
N SER E 165 2.16 2.01 5.79
CA SER E 165 3.49 2.19 5.22
C SER E 165 3.56 3.41 4.30
N GLY E 166 2.75 4.43 4.59
CA GLY E 166 2.76 5.64 3.80
C GLY E 166 1.74 5.71 2.69
N ALA E 167 1.00 4.62 2.44
CA ALA E 167 -0.02 4.64 1.40
C ALA E 167 -1.24 5.47 1.79
N LEU E 168 -1.46 5.67 3.09
CA LEU E 168 -2.60 6.43 3.58
C LEU E 168 -2.07 7.72 4.21
N THR E 169 -2.36 8.86 3.58
CA THR E 169 -1.89 10.14 4.09
C THR E 169 -3.03 11.14 4.21
N SER E 170 -4.04 11.00 3.35
CA SER E 170 -5.16 11.94 3.37
C SER E 170 -5.97 11.79 4.66
N GLY E 171 -6.24 12.92 5.31
CA GLY E 171 -7.02 12.92 6.53
C GLY E 171 -6.28 12.48 7.78
N VAL E 172 -4.96 12.34 7.71
CA VAL E 172 -4.16 11.94 8.86
C VAL E 172 -3.79 13.17 9.67
N HIS E 173 -3.93 13.07 10.99
CA HIS E 173 -3.46 14.09 11.92
C HIS E 173 -2.61 13.42 12.98
N THR E 174 -1.32 13.73 13.00
CA THR E 174 -0.41 13.30 14.06
C THR E 174 -0.13 14.50 14.94
N PHE E 175 -0.55 14.41 16.20
CA PHE E 175 -0.50 15.57 17.09
C PHE E 175 0.89 15.78 17.66
N PRO E 176 1.23 17.01 18.04
CA PRO E 176 2.49 17.24 18.76
C PRO E 176 2.54 16.43 20.03
N ALA E 177 3.73 15.97 20.37
CA ALA E 177 3.93 15.21 21.60
C ALA E 177 3.72 16.10 22.82
N VAL E 178 3.23 15.50 23.90
CA VAL E 178 3.08 16.18 25.17
C VAL E 178 4.04 15.57 26.17
N LEU E 179 4.68 16.41 26.97
CA LEU E 179 5.56 15.94 28.05
C LEU E 179 4.69 15.66 29.28
N GLN E 180 4.63 14.40 29.67
CA GLN E 180 3.83 14.02 30.82
C GLN E 180 4.59 14.30 32.11
N SER E 181 3.86 14.27 33.24
CA SER E 181 4.50 14.51 34.52
C SER E 181 5.51 13.44 34.87
N SER E 182 5.43 12.27 34.25
CA SER E 182 6.43 11.22 34.44
C SER E 182 7.75 11.54 33.76
N GLY E 183 7.82 12.61 32.98
CA GLY E 183 8.99 12.92 32.19
C GLY E 183 9.05 12.21 30.85
N LEU E 184 8.03 11.42 30.51
CA LEU E 184 7.96 10.72 29.24
C LEU E 184 6.94 11.39 28.33
N TYR E 185 7.16 11.27 27.03
CA TYR E 185 6.29 11.88 26.03
C TYR E 185 5.19 10.92 25.62
N SER E 186 4.13 11.48 25.04
CA SER E 186 3.05 10.69 24.47
C SER E 186 2.35 11.53 23.40
N LEU E 187 1.92 10.87 22.32
CA LEU E 187 1.14 11.53 21.29
C LEU E 187 0.13 10.55 20.72
N SER E 188 -0.86 11.11 20.03
CA SER E 188 -1.84 10.32 19.29
C SER E 188 -1.74 10.69 17.81
N SER E 189 -2.02 9.70 16.96
CA SER E 189 -2.15 9.93 15.52
C SER E 189 -3.49 9.35 15.08
N VAL E 190 -4.28 10.15 14.38
CA VAL E 190 -5.62 9.76 13.97
C VAL E 190 -5.80 9.94 12.47
N VAL E 191 -6.82 9.28 11.93
CA VAL E 191 -7.20 9.42 10.53
C VAL E 191 -8.70 9.20 10.43
N THR E 192 -9.34 9.93 9.51
CA THR E 192 -10.75 9.73 9.22
C THR E 192 -10.90 8.94 7.92
N VAL E 193 -11.83 7.98 7.95
CA VAL E 193 -12.07 7.06 6.84
C VAL E 193 -13.56 6.81 6.71
N PRO E 194 -14.01 6.34 5.54
CA PRO E 194 -15.42 6.00 5.40
C PRO E 194 -15.82 4.86 6.33
N SER E 195 -16.99 5.02 6.95
CA SER E 195 -17.50 3.99 7.85
C SER E 195 -17.66 2.66 7.13
N SER E 196 -18.06 2.70 5.86
CA SER E 196 -18.26 1.49 5.08
C SER E 196 -16.96 0.75 4.78
N SER E 197 -15.81 1.36 5.03
CA SER E 197 -14.53 0.74 4.76
C SER E 197 -13.97 -0.02 5.95
N LEU E 198 -14.57 0.15 7.14
CA LEU E 198 -14.05 -0.50 8.34
C LEU E 198 -14.08 -2.02 8.25
N GLY E 199 -14.96 -2.57 7.43
CA GLY E 199 -15.08 -4.02 7.31
C GLY E 199 -14.17 -4.63 6.27
N THR E 200 -13.72 -3.83 5.30
CA THR E 200 -12.93 -4.36 4.20
C THR E 200 -11.51 -3.82 4.12
N GLN E 201 -11.23 -2.62 4.62
CA GLN E 201 -9.91 -2.02 4.52
C GLN E 201 -9.13 -2.22 5.82
N THR E 202 -7.87 -2.61 5.69
CA THR E 202 -6.99 -2.83 6.83
C THR E 202 -6.20 -1.54 7.10
N TYR E 203 -6.16 -1.13 8.37
CA TYR E 203 -5.46 0.08 8.77
C TYR E 203 -4.38 -0.29 9.79
N ILE E 204 -3.13 0.04 9.47
CA ILE E 204 -1.99 -0.26 10.31
C ILE E 204 -1.20 1.03 10.48
N CYS E 205 -0.92 1.40 11.73
CA CYS E 205 -0.06 2.54 12.00
C CYS E 205 1.36 2.05 12.23
N ASN E 206 2.31 2.68 11.57
CA ASN E 206 3.71 2.29 11.62
C ASN E 206 4.42 3.31 12.51
N VAL E 207 4.87 2.87 13.68
CA VAL E 207 5.49 3.75 14.67
C VAL E 207 6.97 3.43 14.71
N ASN E 208 7.80 4.47 14.60
CA ASN E 208 9.25 4.30 14.62
C ASN E 208 9.84 5.28 15.64
N HIS E 209 10.55 4.74 16.62
CA HIS E 209 11.27 5.52 17.63
C HIS E 209 12.74 5.15 17.50
N LYS E 210 13.45 5.90 16.66
CA LYS E 210 14.85 5.59 16.37
C LYS E 210 15.76 5.61 17.61
N PRO E 211 15.61 6.54 18.57
CA PRO E 211 16.52 6.51 19.73
C PRO E 211 16.53 5.20 20.48
N SER E 212 15.47 4.41 20.43
CA SER E 212 15.43 3.11 21.08
C SER E 212 15.39 1.96 20.09
N ASN E 213 15.52 2.25 18.79
CA ASN E 213 15.44 1.24 17.73
C ASN E 213 14.16 0.41 17.86
N THR E 214 13.05 1.11 18.07
CA THR E 214 11.75 0.48 18.23
C THR E 214 10.89 0.81 17.01
N LYS E 215 10.50 -0.22 16.27
CA LYS E 215 9.54 -0.10 15.18
C LYS E 215 8.36 -0.99 15.49
N VAL E 216 7.15 -0.46 15.34
CA VAL E 216 5.93 -1.17 15.64
C VAL E 216 4.93 -0.96 14.50
N ASP E 217 4.32 -2.05 14.05
CA ASP E 217 3.20 -2.00 13.13
C ASP E 217 1.97 -2.47 13.89
N LYS E 218 1.01 -1.56 14.09
CA LYS E 218 -0.17 -1.85 14.88
C LYS E 218 -1.40 -1.82 13.98
N LYS E 219 -2.08 -2.96 13.88
CA LYS E 219 -3.33 -3.01 13.15
C LYS E 219 -4.44 -2.49 14.06
N VAL E 220 -5.23 -1.54 13.55
CA VAL E 220 -6.34 -0.96 14.28
C VAL E 220 -7.61 -1.43 13.61
N GLU E 221 -8.46 -2.11 14.37
CA GLU E 221 -9.66 -2.71 13.82
C GLU E 221 -10.83 -2.47 14.76
N PRO E 222 -12.06 -2.59 14.26
CA PRO E 222 -13.24 -2.43 15.13
C PRO E 222 -13.23 -3.44 16.28
N LYS E 223 -13.66 -2.97 17.45
CA LYS E 223 -13.72 -3.78 18.65
C LYS E 223 -14.72 -4.92 18.53
N GLU F 1 11.94 44.91 35.65
CA GLU F 1 12.03 44.36 34.31
C GLU F 1 10.85 44.85 33.45
N ILE F 2 11.15 45.25 32.22
CA ILE F 2 10.14 45.78 31.32
C ILE F 2 9.39 44.62 30.67
N VAL F 3 8.10 44.53 30.92
CA VAL F 3 7.25 43.50 30.34
C VAL F 3 6.65 44.04 29.05
N LEU F 4 6.82 43.28 27.97
CA LEU F 4 6.20 43.60 26.68
C LEU F 4 4.97 42.71 26.49
N THR F 5 3.82 43.34 26.34
CA THR F 5 2.55 42.63 26.16
C THR F 5 2.06 42.88 24.74
N GLN F 6 2.04 41.82 23.93
CA GLN F 6 1.61 41.90 22.55
C GLN F 6 0.13 41.54 22.42
N SER F 7 -0.56 42.21 21.51
CA SER F 7 -1.95 41.95 21.24
C SER F 7 -2.22 42.22 19.77
N PRO F 8 -3.17 41.49 19.15
CA PRO F 8 -3.90 40.38 19.76
C PRO F 8 -3.05 39.12 19.88
N GLY F 9 -3.54 38.11 20.61
CA GLY F 9 -2.82 36.87 20.68
C GLY F 9 -2.69 36.19 19.33
N THR F 10 -3.79 36.15 18.58
CA THR F 10 -3.81 35.61 17.23
C THR F 10 -4.52 36.60 16.33
N LEU F 11 -3.91 36.88 15.18
CA LEU F 11 -4.46 37.78 14.17
C LEU F 11 -4.87 36.95 12.97
N SER F 12 -6.17 36.96 12.64
CA SER F 12 -6.74 36.12 11.59
C SER F 12 -7.04 36.99 10.37
N LEU F 13 -6.27 36.81 9.30
CA LEU F 13 -6.38 37.66 8.13
C LEU F 13 -6.21 36.83 6.86
N SER F 14 -6.66 37.40 5.74
CA SER F 14 -6.48 36.78 4.44
C SER F 14 -5.28 37.39 3.73
N PRO F 15 -4.65 36.66 2.82
CA PRO F 15 -3.53 37.25 2.06
C PRO F 15 -4.00 38.47 1.28
N GLY F 16 -3.15 39.49 1.25
CA GLY F 16 -3.50 40.76 0.64
C GLY F 16 -4.09 41.77 1.58
N GLU F 17 -4.51 41.37 2.77
CA GLU F 17 -5.04 42.27 3.78
C GLU F 17 -3.90 42.94 4.56
N ARG F 18 -4.26 43.95 5.34
CA ARG F 18 -3.32 44.66 6.20
C ARG F 18 -3.28 44.02 7.57
N ALA F 19 -2.08 43.85 8.12
CA ALA F 19 -1.88 43.33 9.47
C ALA F 19 -1.36 44.45 10.36
N THR F 20 -2.00 44.65 11.51
CA THR F 20 -1.59 45.65 12.49
C THR F 20 -1.34 44.96 13.81
N LEU F 21 -0.08 44.94 14.25
CA LEU F 21 0.33 44.27 15.48
C LEU F 21 0.75 45.28 16.53
N SER F 22 0.32 45.06 17.77
CA SER F 22 0.58 45.97 18.87
C SER F 22 1.55 45.35 19.87
N CYS F 23 2.36 46.21 20.48
CA CYS F 23 3.32 45.81 21.52
C CYS F 23 3.29 46.89 22.60
N ARG F 24 2.78 46.54 23.78
CA ARG F 24 2.67 47.48 24.88
C ARG F 24 3.72 47.16 25.94
N ALA F 25 4.46 48.19 26.35
CA ALA F 25 5.52 48.04 27.34
C ALA F 25 5.03 48.52 28.70
N SER F 26 5.42 47.80 29.75
CA SER F 26 5.05 48.19 31.10
C SER F 26 5.72 49.48 31.54
N GLN F 27 6.78 49.89 30.85
CA GLN F 27 7.52 51.12 31.15
C GLN F 27 7.82 51.83 29.85
N SER F 28 8.10 53.13 29.96
CA SER F 28 8.45 53.91 28.78
C SER F 28 9.74 53.37 28.18
N VAL F 29 9.72 53.10 26.88
CA VAL F 29 10.88 52.62 26.14
C VAL F 29 11.12 53.57 24.98
N SER F 30 12.34 54.08 24.88
CA SER F 30 12.69 54.90 23.72
C SER F 30 12.61 54.09 22.44
N SER F 31 12.13 54.72 21.37
CA SER F 31 11.94 54.02 20.10
C SER F 31 13.25 53.46 19.58
N THR F 32 14.39 54.08 19.93
CA THR F 32 15.70 53.59 19.52
C THR F 32 15.94 52.15 19.96
N TYR F 33 15.30 51.72 21.05
CA TYR F 33 15.63 50.45 21.68
C TYR F 33 14.54 49.40 21.53
N LEU F 34 13.73 49.49 20.48
CA LEU F 34 12.69 48.50 20.24
C LEU F 34 12.86 47.89 18.85
N ALA F 35 12.66 46.58 18.75
CA ALA F 35 12.82 45.86 17.51
C ALA F 35 11.72 44.83 17.34
N TRP F 36 11.49 44.41 16.11
CA TRP F 36 10.51 43.39 15.77
C TRP F 36 11.20 42.24 15.04
N TYR F 37 10.81 41.01 15.37
CA TYR F 37 11.34 39.81 14.75
C TYR F 37 10.21 38.95 14.23
N GLN F 38 10.49 38.22 13.16
CA GLN F 38 9.56 37.27 12.56
C GLN F 38 10.11 35.86 12.72
N GLN F 39 9.24 34.92 13.08
CA GLN F 39 9.63 33.51 13.17
C GLN F 39 8.61 32.71 12.37
N LYS F 40 9.08 32.14 11.26
CA LYS F 40 8.27 31.28 10.45
C LYS F 40 8.31 29.86 11.01
N PRO F 41 7.30 29.04 10.73
CA PRO F 41 7.24 27.72 11.37
C PRO F 41 8.50 26.90 11.12
N GLY F 42 9.05 26.36 12.21
CA GLY F 42 10.24 25.52 12.15
C GLY F 42 11.55 26.23 11.94
N GLN F 43 11.57 27.56 11.99
CA GLN F 43 12.77 28.32 11.69
C GLN F 43 13.13 29.25 12.85
N ALA F 44 14.34 29.77 12.78
CA ALA F 44 14.84 30.75 13.73
C ALA F 44 14.19 32.11 13.48
N PRO F 45 14.09 32.95 14.51
CA PRO F 45 13.63 34.32 14.29
C PRO F 45 14.59 35.07 13.36
N ARG F 46 14.05 36.10 12.71
CA ARG F 46 14.86 37.00 11.92
C ARG F 46 14.44 38.44 12.19
N LEU F 47 15.43 39.34 12.16
CA LEU F 47 15.16 40.75 12.40
C LEU F 47 14.33 41.34 11.26
N LEU F 48 13.29 42.08 11.60
CA LEU F 48 12.48 42.83 10.66
C LEU F 48 12.72 44.33 10.78
N ILE F 49 12.43 44.88 11.95
CA ILE F 49 12.47 46.31 12.21
C ILE F 49 13.32 46.53 13.45
N TYR F 50 14.15 47.57 13.43
CA TYR F 50 14.92 47.97 14.59
C TYR F 50 14.74 49.47 14.78
N GLY F 51 14.94 49.95 16.00
CA GLY F 51 14.69 51.35 16.25
C GLY F 51 13.23 51.73 16.03
N ALA F 52 12.32 50.80 16.30
CA ALA F 52 10.87 50.99 16.20
C ALA F 52 10.38 51.16 14.76
N SER F 53 11.16 51.79 13.88
CA SER F 53 10.66 52.14 12.56
C SER F 53 11.59 51.82 11.40
N SER F 54 12.84 51.43 11.65
CA SER F 54 13.82 51.25 10.57
C SER F 54 13.84 49.79 10.12
N ARG F 55 13.81 49.59 8.80
CA ARG F 55 13.78 48.24 8.25
C ARG F 55 15.18 47.64 8.21
N ALA F 56 15.26 46.34 8.51
CA ALA F 56 16.52 45.62 8.43
C ALA F 56 16.84 45.30 6.97
N THR F 57 18.09 44.89 6.73
CA THR F 57 18.55 44.64 5.38
C THR F 57 17.72 43.55 4.70
N GLY F 58 17.24 43.86 3.50
CA GLY F 58 16.49 42.90 2.71
C GLY F 58 15.02 42.78 3.06
N ILE F 59 14.54 43.50 4.06
CA ILE F 59 13.13 43.39 4.44
C ILE F 59 12.30 44.20 3.45
N PRO F 60 11.25 43.62 2.86
CA PRO F 60 10.50 44.33 1.83
C PRO F 60 9.71 45.52 2.36
N ASP F 61 9.28 46.38 1.44
CA ASP F 61 8.64 47.64 1.78
C ASP F 61 7.34 47.47 2.55
N ARG F 62 6.68 46.32 2.44
CA ARG F 62 5.38 46.18 3.09
C ARG F 62 5.49 46.13 4.61
N PHE F 63 6.69 45.93 5.16
CA PHE F 63 6.91 45.96 6.60
C PHE F 63 7.27 47.37 7.04
N SER F 64 6.54 47.90 8.02
CA SER F 64 6.86 49.19 8.60
C SER F 64 6.48 49.19 10.07
N GLY F 65 7.16 50.04 10.84
CA GLY F 65 6.92 50.12 12.27
C GLY F 65 6.76 51.56 12.71
N SER F 66 6.16 51.72 13.90
CA SER F 66 5.92 53.03 14.48
C SER F 66 5.65 52.87 15.96
N GLY F 67 5.52 54.01 16.63
CA GLY F 67 5.20 54.05 18.05
C GLY F 67 6.33 54.62 18.88
N SER F 68 5.98 55.02 20.10
CA SER F 68 6.93 55.58 21.04
C SER F 68 6.37 55.48 22.45
N GLY F 69 7.26 55.53 23.42
CA GLY F 69 6.85 55.45 24.82
C GLY F 69 6.50 54.05 25.25
N THR F 70 5.20 53.76 25.33
CA THR F 70 4.73 52.45 25.76
C THR F 70 3.97 51.67 24.70
N ASP F 71 3.56 52.30 23.61
CA ASP F 71 2.72 51.67 22.60
C ASP F 71 3.43 51.69 21.25
N PHE F 72 3.72 50.51 20.71
CA PHE F 72 4.44 50.36 19.46
C PHE F 72 3.63 49.51 18.49
N THR F 73 3.85 49.73 17.19
CA THR F 73 3.05 49.10 16.15
C THR F 73 3.93 48.58 15.02
N LEU F 74 3.67 47.34 14.59
CA LEU F 74 4.22 46.77 13.38
C LEU F 74 3.10 46.59 12.37
N THR F 75 3.28 47.13 11.17
CA THR F 75 2.27 47.06 10.11
C THR F 75 2.83 46.29 8.91
N ILE F 76 2.02 45.36 8.41
CA ILE F 76 2.28 44.70 7.12
C ILE F 76 1.16 45.13 6.18
N SER F 77 1.52 45.92 5.16
CA SER F 77 0.51 46.62 4.37
C SER F 77 -0.36 45.65 3.57
N ARG F 78 0.25 44.62 2.99
CA ARG F 78 -0.47 43.62 2.20
C ARG F 78 0.18 42.27 2.44
N LEU F 79 -0.57 41.34 3.02
CA LEU F 79 0.00 40.06 3.45
C LEU F 79 0.29 39.15 2.26
N GLU F 80 1.53 38.65 2.21
CA GLU F 80 1.94 37.56 1.33
C GLU F 80 1.86 36.24 2.08
N PRO F 81 1.73 35.11 1.36
CA PRO F 81 1.65 33.81 2.05
C PRO F 81 2.77 33.56 3.05
N GLU F 82 3.99 34.01 2.75
CA GLU F 82 5.11 33.77 3.63
C GLU F 82 5.08 34.61 4.90
N ASP F 83 4.15 35.56 5.01
CA ASP F 83 4.07 36.42 6.18
C ASP F 83 3.27 35.82 7.32
N PHE F 84 2.58 34.70 7.09
CA PHE F 84 1.82 34.07 8.15
C PHE F 84 2.79 33.32 9.06
N ALA F 85 2.97 33.83 10.26
CA ALA F 85 4.08 33.46 11.13
C ALA F 85 3.83 34.09 12.49
N VAL F 86 4.79 33.92 13.39
CA VAL F 86 4.75 34.54 14.72
C VAL F 86 5.70 35.73 14.74
N TYR F 87 5.27 36.82 15.36
CA TYR F 87 6.03 38.05 15.42
C TYR F 87 6.29 38.44 16.87
N TYR F 88 7.55 38.75 17.18
CA TYR F 88 7.97 39.14 18.52
C TYR F 88 8.49 40.56 18.52
N CYS F 89 8.09 41.34 19.52
CA CYS F 89 8.75 42.61 19.80
C CYS F 89 9.78 42.42 20.90
N GLN F 90 10.76 43.33 20.93
CA GLN F 90 11.89 43.22 21.84
C GLN F 90 12.34 44.62 22.23
N GLN F 91 12.69 44.79 23.50
CA GLN F 91 13.34 46.01 23.95
C GLN F 91 14.73 45.65 24.46
N TYR F 92 15.71 46.48 24.12
CA TYR F 92 17.07 46.28 24.58
C TYR F 92 17.66 47.54 25.20
N GLY F 93 16.82 48.45 25.70
CA GLY F 93 17.30 49.64 26.37
C GLY F 93 17.53 49.50 27.84
N SER F 94 17.09 48.41 28.44
CA SER F 94 17.32 48.14 29.86
C SER F 94 17.56 46.66 30.05
N SER F 95 18.25 46.33 31.13
CA SER F 95 18.59 44.95 31.42
C SER F 95 17.60 44.36 32.41
N PRO F 96 17.09 43.15 32.16
CA PRO F 96 17.41 42.31 31.00
C PRO F 96 16.71 42.74 29.72
N TRP F 97 17.35 42.53 28.57
CA TRP F 97 16.63 42.57 27.31
C TRP F 97 15.43 41.62 27.39
N THR F 98 14.29 42.07 26.87
CA THR F 98 13.09 41.27 26.98
C THR F 98 12.35 41.23 25.66
N PHE F 99 11.59 40.16 25.45
CA PHE F 99 10.74 39.98 24.29
C PHE F 99 9.30 39.92 24.74
N GLY F 100 8.40 40.38 23.88
CA GLY F 100 6.99 40.12 24.07
C GLY F 100 6.68 38.65 23.89
N GLN F 101 5.45 38.27 24.25
CA GLN F 101 5.08 36.87 24.18
C GLN F 101 4.70 36.42 22.78
N GLY F 102 4.65 37.33 21.81
CA GLY F 102 4.40 36.94 20.44
C GLY F 102 2.96 37.07 19.96
N THR F 103 2.80 37.45 18.69
CA THR F 103 1.50 37.46 18.03
C THR F 103 1.57 36.56 16.81
N LYS F 104 0.59 35.67 16.69
CA LYS F 104 0.49 34.76 15.56
C LYS F 104 -0.42 35.37 14.50
N VAL F 105 0.08 35.41 13.26
CA VAL F 105 -0.71 35.84 12.11
C VAL F 105 -1.09 34.58 11.35
N GLU F 106 -2.37 34.24 11.37
CA GLU F 106 -2.86 33.00 10.77
C GLU F 106 -3.74 33.28 9.57
N ILE F 107 -3.91 32.26 8.74
CA ILE F 107 -4.76 32.37 7.56
C ILE F 107 -6.22 32.31 8.01
N LYS F 108 -7.00 33.31 7.60
CA LYS F 108 -8.41 33.33 7.90
C LYS F 108 -9.19 32.49 6.90
N ARG F 109 -10.18 31.76 7.40
CA ARG F 109 -11.09 30.99 6.56
C ARG F 109 -12.48 31.05 7.17
N THR F 110 -13.43 30.39 6.52
CA THR F 110 -14.79 30.36 7.04
C THR F 110 -14.88 29.43 8.24
N VAL F 111 -15.91 29.65 9.06
CA VAL F 111 -16.09 28.90 10.29
C VAL F 111 -16.43 27.45 9.95
N ALA F 112 -15.78 26.51 10.64
CA ALA F 112 -16.08 25.10 10.49
C ALA F 112 -16.17 24.49 11.88
N ALA F 113 -17.34 23.95 12.22
CA ALA F 113 -17.51 23.29 13.50
C ALA F 113 -16.78 21.95 13.52
N PRO F 114 -16.23 21.54 14.66
CA PRO F 114 -15.48 20.29 14.71
C PRO F 114 -16.37 19.07 14.58
N SER F 115 -15.82 18.01 13.99
CA SER F 115 -16.34 16.67 14.14
C SER F 115 -15.71 16.06 15.39
N VAL F 116 -16.53 15.46 16.24
CA VAL F 116 -16.08 14.98 17.55
C VAL F 116 -16.15 13.46 17.57
N PHE F 117 -15.10 12.84 18.10
CA PHE F 117 -15.02 11.39 18.25
C PHE F 117 -14.44 11.09 19.63
N ILE F 118 -14.93 10.02 20.26
CA ILE F 118 -14.41 9.57 21.56
C ILE F 118 -13.89 8.15 21.42
N PHE F 119 -12.80 7.85 22.12
CA PHE F 119 -12.16 6.54 22.07
C PHE F 119 -11.99 6.01 23.48
N PRO F 120 -12.53 4.84 23.81
CA PRO F 120 -12.26 4.24 25.13
C PRO F 120 -10.82 3.74 25.20
N PRO F 121 -10.31 3.49 26.40
CA PRO F 121 -9.01 2.84 26.52
C PRO F 121 -9.05 1.43 25.96
N SER F 122 -7.93 1.02 25.35
CA SER F 122 -7.82 -0.34 24.84
C SER F 122 -7.69 -1.33 25.99
N ASP F 123 -8.13 -2.56 25.73
CA ASP F 123 -7.92 -3.63 26.70
C ASP F 123 -6.44 -3.87 26.94
N GLU F 124 -5.62 -3.72 25.90
CA GLU F 124 -4.18 -3.90 26.06
C GLU F 124 -3.62 -2.90 27.06
N GLN F 125 -3.99 -1.62 26.95
CA GLN F 125 -3.49 -0.63 27.90
C GLN F 125 -4.00 -0.91 29.31
N LEU F 126 -5.25 -1.37 29.43
CA LEU F 126 -5.79 -1.64 30.76
C LEU F 126 -4.99 -2.71 31.48
N LYS F 127 -4.38 -3.64 30.74
CA LYS F 127 -3.52 -4.63 31.36
C LYS F 127 -2.32 -3.97 32.03
N SER F 128 -1.91 -2.80 31.54
CA SER F 128 -0.76 -2.10 32.10
C SER F 128 -1.06 -1.32 33.37
N GLY F 129 -2.33 -1.12 33.71
CA GLY F 129 -2.69 -0.43 34.92
C GLY F 129 -3.15 1.00 34.74
N THR F 130 -3.15 1.51 33.50
CA THR F 130 -3.55 2.88 33.23
C THR F 130 -4.62 2.89 32.14
N ALA F 131 -5.44 3.94 32.14
CA ALA F 131 -6.52 4.10 31.18
C ALA F 131 -6.42 5.49 30.58
N SER F 132 -6.32 5.56 29.25
CA SER F 132 -6.33 6.82 28.54
C SER F 132 -7.60 6.89 27.69
N VAL F 133 -8.41 7.91 27.92
CA VAL F 133 -9.60 8.18 27.12
C VAL F 133 -9.30 9.40 26.25
N VAL F 134 -9.59 9.29 24.96
CA VAL F 134 -9.21 10.31 23.99
C VAL F 134 -10.47 10.88 23.35
N CYS F 135 -10.52 12.21 23.29
CA CYS F 135 -11.57 12.94 22.57
C CYS F 135 -10.90 13.70 21.44
N LEU F 136 -11.41 13.54 20.22
CA LEU F 136 -10.83 14.15 19.03
C LEU F 136 -11.79 15.18 18.44
N LEU F 137 -11.27 16.39 18.20
CA LEU F 137 -11.97 17.44 17.48
C LEU F 137 -11.28 17.62 16.14
N ASN F 138 -11.97 17.32 15.05
CA ASN F 138 -11.33 17.24 13.73
C ASN F 138 -11.74 18.41 12.83
N ASN F 139 -10.73 19.07 12.26
CA ASN F 139 -10.89 20.00 11.14
C ASN F 139 -11.88 21.13 11.46
N PHE F 140 -11.53 21.92 12.47
CA PHE F 140 -12.40 23.02 12.87
C PHE F 140 -11.66 24.34 12.74
N TYR F 141 -12.45 25.42 12.73
CA TYR F 141 -11.93 26.78 12.67
C TYR F 141 -13.04 27.72 13.09
N PRO F 142 -12.74 28.76 13.89
CA PRO F 142 -11.42 29.08 14.42
C PRO F 142 -10.94 28.18 15.57
N ARG F 143 -9.82 28.56 16.17
CA ARG F 143 -9.08 27.69 17.08
C ARG F 143 -9.76 27.54 18.43
N GLU F 144 -10.45 28.56 18.91
CA GLU F 144 -10.99 28.52 20.27
C GLU F 144 -12.09 27.47 20.38
N ALA F 145 -11.98 26.63 21.41
CA ALA F 145 -12.97 25.60 21.68
C ALA F 145 -12.82 25.18 23.13
N LYS F 146 -13.88 24.59 23.67
CA LYS F 146 -13.88 24.11 25.04
C LYS F 146 -14.22 22.63 25.04
N VAL F 147 -13.37 21.83 25.66
CA VAL F 147 -13.59 20.39 25.82
C VAL F 147 -13.72 20.11 27.30
N GLN F 148 -14.83 19.50 27.69
CA GLN F 148 -15.09 19.15 29.08
C GLN F 148 -15.34 17.65 29.20
N TRP F 149 -14.61 17.01 30.09
CA TRP F 149 -14.80 15.60 30.38
C TRP F 149 -15.83 15.43 31.48
N LYS F 150 -16.77 14.52 31.29
CA LYS F 150 -17.74 14.16 32.30
C LYS F 150 -17.70 12.66 32.50
N VAL F 151 -17.57 12.24 33.77
CA VAL F 151 -17.51 10.84 34.15
C VAL F 151 -18.65 10.61 35.14
N ASP F 152 -19.66 9.86 34.71
CA ASP F 152 -20.90 9.69 35.47
C ASP F 152 -21.47 11.05 35.85
N ASN F 153 -21.54 11.94 34.86
CA ASN F 153 -22.06 13.30 34.95
C ASN F 153 -21.24 14.20 35.85
N ALA F 154 -20.06 13.77 36.29
CA ALA F 154 -19.17 14.57 37.12
C ALA F 154 -18.10 15.23 36.26
N LEU F 155 -18.02 16.56 36.31
CA LEU F 155 -17.04 17.29 35.53
C LEU F 155 -15.63 17.01 36.06
N GLN F 156 -14.72 16.64 35.17
CA GLN F 156 -13.36 16.27 35.51
C GLN F 156 -12.43 17.49 35.51
N SER F 157 -11.52 17.51 36.48
CA SER F 157 -10.61 18.62 36.68
C SER F 157 -9.22 18.11 37.02
N GLY F 158 -8.22 18.49 36.22
CA GLY F 158 -6.83 18.21 36.54
C GLY F 158 -6.24 16.93 35.99
N ASN F 159 -7.02 16.14 35.26
CA ASN F 159 -6.54 14.85 34.76
C ASN F 159 -6.64 14.72 33.24
N SER F 160 -6.59 15.84 32.51
CA SER F 160 -6.61 15.79 31.05
C SER F 160 -5.55 16.72 30.48
N GLN F 161 -5.16 16.41 29.24
CA GLN F 161 -4.16 17.16 28.50
C GLN F 161 -4.65 17.35 27.07
N GLU F 162 -4.36 18.52 26.50
CA GLU F 162 -4.79 18.83 25.14
C GLU F 162 -3.58 19.05 24.26
N SER F 163 -3.72 18.69 22.98
CA SER F 163 -2.71 18.97 21.98
C SER F 163 -3.41 19.35 20.68
N VAL F 164 -2.87 20.36 19.99
CA VAL F 164 -3.50 20.91 18.81
C VAL F 164 -2.49 20.92 17.66
N THR F 165 -2.96 20.57 16.47
CA THR F 165 -2.11 20.62 15.30
C THR F 165 -1.89 22.06 14.87
N GLU F 166 -0.86 22.26 14.05
CA GLU F 166 -0.73 23.54 13.38
C GLU F 166 -1.77 23.64 12.26
N GLN F 167 -2.02 24.87 11.83
CA GLN F 167 -3.03 25.12 10.80
C GLN F 167 -2.74 24.30 9.55
N ASP F 168 -3.75 23.58 9.08
CA ASP F 168 -3.56 22.66 7.96
C ASP F 168 -3.20 23.43 6.68
N SER F 169 -2.24 22.88 5.94
CA SER F 169 -1.73 23.59 4.76
C SER F 169 -2.74 23.63 3.61
N LYS F 170 -3.68 22.70 3.56
CA LYS F 170 -4.62 22.63 2.46
C LYS F 170 -5.97 23.27 2.75
N ASP F 171 -6.54 23.07 3.94
CA ASP F 171 -7.84 23.65 4.25
C ASP F 171 -7.81 24.65 5.41
N SER F 172 -6.65 24.89 6.02
CA SER F 172 -6.45 25.92 7.04
C SER F 172 -7.26 25.67 8.31
N THR F 173 -7.65 24.42 8.56
CA THR F 173 -8.35 24.09 9.79
C THR F 173 -7.37 23.63 10.88
N TYR F 174 -7.90 23.44 12.08
CA TYR F 174 -7.17 22.87 13.19
C TYR F 174 -7.82 21.56 13.62
N SER F 175 -7.03 20.71 14.27
CA SER F 175 -7.56 19.54 14.94
C SER F 175 -6.96 19.48 16.34
N LEU F 176 -7.74 18.92 17.28
CA LEU F 176 -7.36 18.92 18.68
C LEU F 176 -7.68 17.57 19.30
N SER F 177 -6.77 17.10 20.16
CA SER F 177 -6.97 15.89 20.95
C SER F 177 -6.96 16.23 22.42
N SER F 178 -7.89 15.67 23.16
CA SER F 178 -7.91 15.78 24.62
C SER F 178 -7.83 14.37 25.18
N THR F 179 -6.87 14.16 26.09
CA THR F 179 -6.63 12.84 26.66
C THR F 179 -6.92 12.88 28.15
N LEU F 180 -7.88 12.08 28.60
CA LEU F 180 -8.15 11.91 30.01
C LEU F 180 -7.40 10.68 30.49
N THR F 181 -6.57 10.84 31.51
CA THR F 181 -5.74 9.75 32.03
C THR F 181 -6.22 9.37 33.42
N LEU F 182 -6.52 8.08 33.60
CA LEU F 182 -6.97 7.55 34.88
C LEU F 182 -6.24 6.25 35.18
N SER F 183 -6.14 5.93 36.45
CA SER F 183 -5.72 4.59 36.83
C SER F 183 -6.81 3.60 36.42
N LYS F 184 -6.41 2.34 36.25
CA LYS F 184 -7.38 1.31 35.90
C LYS F 184 -8.45 1.18 36.97
N ALA F 185 -8.05 1.28 38.25
CA ALA F 185 -9.02 1.18 39.35
C ALA F 185 -10.02 2.34 39.29
N ASP F 186 -9.53 3.56 39.06
CA ASP F 186 -10.44 4.70 38.96
C ASP F 186 -11.35 4.56 37.75
N TYR F 187 -10.80 4.11 36.62
CA TYR F 187 -11.59 3.93 35.41
C TYR F 187 -12.72 2.94 35.63
N GLU F 188 -12.46 1.86 36.37
CA GLU F 188 -13.46 0.83 36.60
C GLU F 188 -14.47 1.20 37.67
N LYS F 189 -14.33 2.36 38.32
CA LYS F 189 -15.31 2.80 39.30
C LYS F 189 -16.50 3.49 38.68
N HIS F 190 -16.49 3.73 37.36
CA HIS F 190 -17.51 4.54 36.72
C HIS F 190 -17.95 3.89 35.42
N LYS F 191 -19.10 4.34 34.92
CA LYS F 191 -19.73 3.72 33.76
C LYS F 191 -19.74 4.64 32.54
N VAL F 192 -20.27 5.84 32.65
CA VAL F 192 -20.48 6.72 31.50
C VAL F 192 -19.31 7.67 31.37
N TYR F 193 -18.66 7.65 30.21
CA TYR F 193 -17.57 8.55 29.88
C TYR F 193 -17.96 9.42 28.70
N ALA F 194 -17.86 10.73 28.87
CA ALA F 194 -18.34 11.69 27.88
C ALA F 194 -17.38 12.87 27.78
N CYS F 195 -17.16 13.35 26.57
CA CYS F 195 -16.54 14.65 26.34
C CYS F 195 -17.55 15.56 25.67
N GLU F 196 -17.67 16.78 26.20
CA GLU F 196 -18.62 17.77 25.72
C GLU F 196 -17.86 18.91 25.07
N VAL F 197 -18.21 19.24 23.83
CA VAL F 197 -17.47 20.19 23.01
C VAL F 197 -18.36 21.39 22.72
N THR F 198 -17.81 22.59 22.96
CA THR F 198 -18.45 23.82 22.54
C THR F 198 -17.53 24.55 21.58
N HIS F 199 -18.13 25.24 20.61
CA HIS F 199 -17.40 25.95 19.57
C HIS F 199 -18.36 26.99 19.01
N GLN F 200 -17.81 28.14 18.60
CA GLN F 200 -18.68 29.22 18.14
C GLN F 200 -19.48 28.86 16.91
N GLY F 201 -19.07 27.84 16.16
CA GLY F 201 -19.85 27.32 15.06
C GLY F 201 -20.93 26.32 15.43
N LEU F 202 -21.07 25.99 16.70
CA LEU F 202 -22.10 25.06 17.18
C LEU F 202 -23.19 25.83 17.89
N SER F 203 -24.44 25.59 17.51
CA SER F 203 -25.56 26.26 18.17
C SER F 203 -25.80 25.73 19.57
N SER F 204 -25.36 24.52 19.87
CA SER F 204 -25.41 23.95 21.20
C SER F 204 -24.27 22.95 21.34
N PRO F 205 -23.85 22.63 22.57
CA PRO F 205 -22.71 21.74 22.74
C PRO F 205 -22.95 20.34 22.19
N VAL F 206 -21.89 19.74 21.67
CA VAL F 206 -21.92 18.37 21.16
C VAL F 206 -21.27 17.45 22.18
N THR F 207 -21.95 16.36 22.52
CA THR F 207 -21.45 15.36 23.47
C THR F 207 -21.33 14.01 22.78
N LYS F 208 -20.14 13.42 22.85
CA LYS F 208 -19.91 12.03 22.47
C LYS F 208 -19.56 11.24 23.72
N SER F 209 -20.12 10.04 23.85
CA SER F 209 -19.94 9.28 25.08
C SER F 209 -19.98 7.79 24.79
N PHE F 210 -19.47 7.01 25.75
CA PHE F 210 -19.60 5.56 25.75
C PHE F 210 -19.85 5.07 27.16
N ASN F 211 -20.39 3.87 27.26
CA ASN F 211 -20.53 3.16 28.52
C ASN F 211 -19.40 2.13 28.62
N ARG F 212 -18.63 2.19 29.71
CA ARG F 212 -17.53 1.26 29.91
C ARG F 212 -18.02 -0.18 29.87
N GLY F 213 -17.38 -1.00 29.04
CA GLY F 213 -17.70 -2.41 28.99
C GLY F 213 -18.71 -2.81 27.93
N GLU F 214 -18.96 -1.96 26.94
CA GLU F 214 -19.91 -2.30 25.88
C GLU F 214 -19.25 -2.20 24.51
N GLU G 1 34.22 -22.32 -41.93
CA GLU G 1 33.58 -21.30 -41.10
C GLU G 1 34.01 -21.50 -39.64
N VAL G 2 33.66 -20.53 -38.79
CA VAL G 2 34.04 -20.61 -37.39
C VAL G 2 33.35 -21.81 -36.75
N GLN G 3 34.13 -22.63 -36.04
CA GLN G 3 33.61 -23.79 -35.35
C GLN G 3 34.17 -23.84 -33.94
N LEU G 4 33.30 -24.08 -32.97
CA LEU G 4 33.68 -24.25 -31.58
C LEU G 4 33.00 -25.51 -31.06
N VAL G 5 33.78 -26.43 -30.50
CA VAL G 5 33.27 -27.72 -30.03
C VAL G 5 33.71 -27.89 -28.59
N GLU G 6 32.76 -27.86 -27.67
CA GLU G 6 33.07 -28.11 -26.27
C GLU G 6 33.12 -29.61 -26.00
N SER G 7 33.97 -30.00 -25.04
CA SER G 7 34.04 -31.38 -24.59
C SER G 7 34.51 -31.39 -23.14
N GLY G 8 34.40 -32.57 -22.52
CA GLY G 8 34.80 -32.74 -21.15
C GLY G 8 33.68 -32.66 -20.15
N GLY G 9 32.45 -32.42 -20.58
CA GLY G 9 31.32 -32.36 -19.69
C GLY G 9 30.85 -33.74 -19.27
N GLY G 10 29.84 -33.75 -18.41
CA GLY G 10 29.26 -34.99 -17.97
C GLY G 10 28.83 -34.89 -16.52
N LEU G 11 28.65 -36.05 -15.91
CA LEU G 11 28.21 -36.16 -14.54
C LEU G 11 29.42 -36.14 -13.61
N VAL G 12 29.33 -35.34 -12.56
CA VAL G 12 30.43 -35.15 -11.63
C VAL G 12 29.83 -34.92 -10.25
N GLN G 13 30.51 -35.40 -9.24
CA GLN G 13 30.00 -35.33 -7.88
C GLN G 13 30.36 -33.99 -7.24
N PRO G 14 29.57 -33.53 -6.27
CA PRO G 14 29.91 -32.28 -5.58
C PRO G 14 31.28 -32.36 -4.95
N GLY G 15 32.03 -31.26 -5.06
CA GLY G 15 33.38 -31.19 -4.54
C GLY G 15 34.45 -31.62 -5.51
N ARG G 16 34.09 -32.33 -6.58
CA ARG G 16 35.06 -32.80 -7.55
C ARG G 16 35.38 -31.68 -8.56
N SER G 17 36.25 -32.00 -9.51
CA SER G 17 36.69 -31.05 -10.52
C SER G 17 36.40 -31.58 -11.91
N LEU G 18 36.32 -30.66 -12.86
CA LEU G 18 36.14 -30.99 -14.26
C LEU G 18 36.94 -29.97 -15.07
N ARG G 19 37.46 -30.39 -16.22
CA ARG G 19 38.11 -29.48 -17.15
CA ARG G 19 38.13 -29.50 -17.15
C ARG G 19 37.45 -29.59 -18.51
N LEU G 20 36.84 -28.50 -18.95
CA LEU G 20 36.22 -28.45 -20.27
C LEU G 20 37.24 -27.96 -21.29
N SER G 21 37.16 -28.52 -22.48
CA SER G 21 37.96 -28.07 -23.60
C SER G 21 37.03 -27.48 -24.66
N CYS G 22 37.53 -26.46 -25.35
CA CYS G 22 36.82 -25.87 -26.48
C CYS G 22 37.78 -25.88 -27.66
N THR G 23 37.53 -26.79 -28.60
CA THR G 23 38.39 -26.96 -29.77
C THR G 23 37.89 -26.05 -30.88
N ALA G 24 38.73 -25.10 -31.27
CA ALA G 24 38.37 -24.07 -32.23
C ALA G 24 39.03 -24.32 -33.59
N SER G 25 38.31 -23.96 -34.65
CA SER G 25 38.85 -23.99 -36.00
C SER G 25 38.10 -22.97 -36.85
N GLY G 26 38.67 -22.67 -38.02
CA GLY G 26 38.06 -21.76 -38.96
C GLY G 26 38.37 -20.30 -38.75
N PHE G 27 39.21 -19.97 -37.77
CA PHE G 27 39.66 -18.59 -37.56
C PHE G 27 41.01 -18.65 -36.88
N THR G 28 41.67 -17.49 -36.78
CA THR G 28 42.96 -17.42 -36.12
C THR G 28 42.70 -17.34 -34.62
N PHE G 29 42.71 -18.50 -33.98
CA PHE G 29 42.33 -18.62 -32.57
C PHE G 29 43.12 -17.65 -31.69
N GLY G 30 44.43 -17.58 -31.89
CA GLY G 30 45.28 -16.77 -31.03
C GLY G 30 44.98 -15.28 -31.07
N ASP G 31 44.22 -14.81 -32.06
CA ASP G 31 43.93 -13.39 -32.17
C ASP G 31 42.77 -12.95 -31.28
N TYR G 32 41.98 -13.88 -30.77
CA TYR G 32 40.69 -13.56 -30.15
C TYR G 32 40.66 -13.84 -28.66
N ALA G 33 39.95 -12.98 -27.95
CA ALA G 33 39.49 -13.34 -26.62
C ALA G 33 38.43 -14.43 -26.72
N MET G 34 38.40 -15.30 -25.72
CA MET G 34 37.41 -16.37 -25.64
C MET G 34 36.66 -16.23 -24.31
N SER G 35 35.40 -16.67 -24.31
CA SER G 35 34.57 -16.50 -23.14
C SER G 35 33.67 -17.72 -22.95
N TRP G 36 33.43 -18.08 -21.70
CA TRP G 36 32.53 -19.17 -21.35
C TRP G 36 31.25 -18.60 -20.77
N VAL G 37 30.12 -19.16 -21.21
CA VAL G 37 28.80 -18.77 -20.76
C VAL G 37 28.03 -20.05 -20.43
N ARG G 38 27.27 -20.03 -19.34
CA ARG G 38 26.53 -21.21 -18.94
C ARG G 38 25.04 -20.91 -18.84
N GLN G 39 24.25 -21.98 -18.98
CA GLN G 39 22.80 -21.88 -18.93
C GLN G 39 22.27 -23.08 -18.14
N ALA G 40 21.77 -22.82 -16.94
CA ALA G 40 21.18 -23.88 -16.15
C ALA G 40 19.88 -24.36 -16.82
N PRO G 41 19.51 -25.64 -16.62
CA PRO G 41 18.31 -26.17 -17.27
C PRO G 41 17.07 -25.31 -17.04
N GLY G 42 16.48 -24.81 -18.13
CA GLY G 42 15.30 -23.99 -18.05
C GLY G 42 15.52 -22.56 -17.63
N LYS G 43 16.77 -22.13 -17.46
CA LYS G 43 17.07 -20.80 -16.96
C LYS G 43 17.76 -19.97 -18.05
N GLY G 44 18.24 -18.79 -17.67
CA GLY G 44 18.87 -17.88 -18.60
C GLY G 44 20.36 -18.10 -18.73
N LEU G 45 21.04 -17.07 -19.23
CA LEU G 45 22.46 -17.12 -19.54
C LEU G 45 23.26 -16.40 -18.46
N GLU G 46 24.41 -16.99 -18.09
CA GLU G 46 25.29 -16.40 -17.09
C GLU G 46 26.74 -16.46 -17.58
N TRP G 47 27.38 -15.30 -17.65
CA TRP G 47 28.80 -15.23 -17.98
C TRP G 47 29.64 -15.80 -16.84
N VAL G 48 30.56 -16.69 -17.16
CA VAL G 48 31.46 -17.27 -16.17
C VAL G 48 32.91 -16.85 -16.38
N GLY G 49 33.21 -16.10 -17.45
CA GLY G 49 34.52 -15.49 -17.60
C GLY G 49 35.06 -15.39 -19.01
N PHE G 50 36.10 -14.57 -19.19
CA PHE G 50 36.81 -14.49 -20.46
C PHE G 50 38.31 -14.54 -20.23
N ILE G 51 39.03 -14.82 -21.32
CA ILE G 51 40.49 -14.74 -21.36
C ILE G 51 40.88 -13.93 -22.58
N ARG G 52 41.79 -12.98 -22.40
CA ARG G 52 42.21 -12.15 -23.53
C ARG G 52 43.20 -12.91 -24.40
N SER G 53 43.42 -12.39 -25.61
CA SER G 53 44.47 -12.93 -26.46
C SER G 53 45.84 -12.65 -25.84
N LYS G 54 46.82 -13.47 -26.25
CA LYS G 54 48.19 -13.27 -25.80
C LYS G 54 48.69 -11.87 -26.11
N ALA G 55 48.40 -11.36 -27.31
CA ALA G 55 48.85 -10.03 -27.71
C ALA G 55 48.26 -8.93 -26.84
N ASN G 56 47.18 -9.23 -26.10
CA ASN G 56 46.57 -8.28 -25.16
C ASN G 56 46.78 -8.71 -23.72
N GLY G 57 47.85 -9.47 -23.45
CA GLY G 57 48.23 -9.85 -22.10
C GLY G 57 47.79 -11.24 -21.68
N GLY G 58 46.75 -11.78 -22.30
CA GLY G 58 46.36 -13.16 -22.00
C GLY G 58 45.82 -13.40 -20.61
N ARG G 59 45.38 -12.36 -19.90
CA ARG G 59 44.83 -12.54 -18.56
C ARG G 59 43.31 -12.78 -18.63
N THR G 60 42.74 -13.17 -17.49
CA THR G 60 41.35 -13.59 -17.40
C THR G 60 40.56 -12.72 -16.43
N GLU G 61 39.24 -12.82 -16.55
CA GLU G 61 38.29 -12.18 -15.63
C GLU G 61 37.13 -13.14 -15.40
N ASN G 62 36.62 -13.15 -14.17
CA ASN G 62 35.53 -14.05 -13.77
C ASN G 62 34.55 -13.30 -12.88
N PRO G 63 33.28 -13.71 -12.87
CA PRO G 63 32.31 -13.14 -11.92
C PRO G 63 32.53 -13.73 -10.54
N ALA G 64 31.89 -13.09 -9.55
CA ALA G 64 32.03 -13.52 -8.16
C ALA G 64 31.50 -14.93 -7.94
N SER G 65 30.50 -15.35 -8.72
CA SER G 65 29.86 -16.64 -8.52
C SER G 65 30.83 -17.82 -8.70
N VAL G 66 31.91 -17.65 -9.46
CA VAL G 66 32.83 -18.74 -9.72
C VAL G 66 34.26 -18.31 -9.36
N LYS G 67 34.40 -17.13 -8.75
CA LYS G 67 35.72 -16.64 -8.38
C LYS G 67 36.42 -17.62 -7.46
N GLY G 68 37.69 -17.89 -7.77
CA GLY G 68 38.49 -18.81 -6.99
C GLY G 68 38.25 -20.28 -7.27
N ARG G 69 37.23 -20.61 -8.07
CA ARG G 69 36.90 -21.99 -8.38
C ARG G 69 37.09 -22.33 -9.85
N PHE G 70 36.74 -21.42 -10.76
CA PHE G 70 36.86 -21.65 -12.20
C PHE G 70 38.04 -20.84 -12.74
N THR G 71 38.85 -21.48 -13.59
CA THR G 71 39.99 -20.82 -14.21
C THR G 71 39.98 -21.10 -15.71
N ILE G 72 40.04 -20.04 -16.51
CA ILE G 72 40.13 -20.16 -17.96
C ILE G 72 41.60 -20.09 -18.38
N SER G 73 41.97 -20.95 -19.32
CA SER G 73 43.30 -20.93 -19.91
C SER G 73 43.16 -21.25 -21.39
N ARG G 74 44.28 -21.16 -22.12
CA ARG G 74 44.26 -21.39 -23.55
C ARG G 74 45.60 -21.97 -23.99
N ASP G 75 45.56 -22.78 -25.04
CA ASP G 75 46.75 -23.32 -25.70
C ASP G 75 46.68 -22.88 -27.16
N ASP G 76 47.41 -21.82 -27.50
CA ASP G 76 47.33 -21.25 -28.84
C ASP G 76 47.93 -22.17 -29.89
N SER G 77 48.88 -23.02 -29.50
CA SER G 77 49.45 -23.95 -30.48
C SER G 77 48.48 -25.04 -30.87
N LYS G 78 47.49 -25.34 -30.02
CA LYS G 78 46.46 -26.32 -30.33
C LYS G 78 45.11 -25.70 -30.67
N SER G 79 44.96 -24.38 -30.51
CA SER G 79 43.69 -23.69 -30.73
C SER G 79 42.59 -24.27 -29.83
N ILE G 80 42.87 -24.32 -28.53
CA ILE G 80 41.93 -24.84 -27.54
C ILE G 80 41.86 -23.86 -26.38
N ALA G 81 40.65 -23.56 -25.94
CA ALA G 81 40.42 -22.85 -24.69
C ALA G 81 39.91 -23.85 -23.65
N TYR G 82 40.31 -23.64 -22.40
CA TYR G 82 39.97 -24.55 -21.32
C TYR G 82 39.21 -23.82 -20.22
N LEU G 83 38.34 -24.56 -19.53
CA LEU G 83 37.69 -24.08 -18.32
C LEU G 83 37.94 -25.12 -17.22
N GLN G 84 38.82 -24.78 -16.28
CA GLN G 84 39.09 -25.62 -15.13
C GLN G 84 38.04 -25.33 -14.07
N MET G 85 37.25 -26.33 -13.70
CA MET G 85 36.11 -26.15 -12.78
C MET G 85 36.38 -26.95 -11.50
N ASN G 86 36.76 -26.25 -10.44
CA ASN G 86 37.03 -26.90 -9.16
C ASN G 86 35.89 -26.64 -8.18
N SER G 87 35.81 -27.52 -7.16
CA SER G 87 34.89 -27.37 -6.04
C SER G 87 33.45 -27.21 -6.52
N LEU G 88 33.05 -28.10 -7.42
CA LEU G 88 31.76 -27.98 -8.06
C LEU G 88 30.62 -28.21 -7.06
N LYS G 89 29.56 -27.43 -7.18
CA LYS G 89 28.35 -27.60 -6.39
C LYS G 89 27.17 -27.83 -7.33
N THR G 90 26.07 -28.31 -6.76
CA THR G 90 24.89 -28.60 -7.57
C THR G 90 24.43 -27.37 -8.34
N GLU G 91 24.62 -26.17 -7.79
CA GLU G 91 24.24 -24.95 -8.51
C GLU G 91 25.04 -24.74 -9.79
N ASP G 92 26.17 -25.44 -9.96
CA ASP G 92 26.95 -25.32 -11.18
C ASP G 92 26.39 -26.15 -12.33
N THR G 93 25.36 -26.96 -12.10
CA THR G 93 24.74 -27.73 -13.17
C THR G 93 24.22 -26.81 -14.26
N ALA G 94 24.68 -27.02 -15.49
CA ALA G 94 24.34 -26.13 -16.60
C ALA G 94 24.93 -26.70 -17.88
N VAL G 95 24.40 -26.24 -19.00
CA VAL G 95 25.09 -26.36 -20.28
C VAL G 95 26.12 -25.26 -20.36
N TYR G 96 27.35 -25.62 -20.69
CA TYR G 96 28.46 -24.66 -20.76
C TYR G 96 28.81 -24.43 -22.23
N TYR G 97 28.73 -23.17 -22.65
CA TYR G 97 29.04 -22.77 -24.00
C TYR G 97 30.40 -22.07 -24.04
N CYS G 98 31.19 -22.41 -25.05
CA CYS G 98 32.37 -21.66 -25.40
C CYS G 98 32.01 -20.65 -26.49
N THR G 99 32.55 -19.44 -26.38
CA THR G 99 32.20 -18.38 -27.31
C THR G 99 33.44 -17.61 -27.72
N ARG G 100 33.41 -17.11 -28.96
CA ARG G 100 34.44 -16.21 -29.46
C ARG G 100 34.01 -14.76 -29.21
N VAL G 101 34.92 -13.98 -28.65
CA VAL G 101 34.69 -12.55 -28.41
C VAL G 101 35.12 -11.78 -29.64
N GLU G 102 34.22 -10.99 -30.21
CA GLU G 102 34.52 -10.25 -31.43
C GLU G 102 35.55 -9.15 -31.18
N LEU G 103 36.37 -8.89 -32.20
CA LEU G 103 37.37 -7.84 -32.16
C LEU G 103 36.71 -6.47 -32.30
N GLY G 104 37.42 -5.46 -31.85
CA GLY G 104 37.03 -4.10 -32.10
C GLY G 104 36.39 -3.42 -30.90
N SER G 105 35.58 -2.39 -31.22
CA SER G 105 35.02 -1.53 -30.19
C SER G 105 33.82 -2.14 -29.48
N SER G 106 33.22 -3.18 -30.04
CA SER G 106 31.99 -3.78 -29.50
C SER G 106 32.19 -5.30 -29.39
N TRP G 107 32.62 -5.76 -28.21
CA TRP G 107 33.08 -7.14 -28.05
C TRP G 107 31.92 -8.05 -27.64
N SER G 108 30.98 -8.21 -28.58
CA SER G 108 29.89 -9.16 -28.41
C SER G 108 30.41 -10.60 -28.57
N LEU G 109 29.53 -11.56 -28.32
CA LEU G 109 29.88 -12.97 -28.42
C LEU G 109 29.38 -13.44 -29.79
N GLY G 110 30.27 -13.40 -30.77
CA GLY G 110 29.86 -13.56 -32.16
C GLY G 110 29.60 -14.98 -32.57
N TYR G 111 30.24 -15.95 -31.91
CA TYR G 111 30.07 -17.35 -32.27
C TYR G 111 30.04 -18.19 -31.01
N TRP G 112 29.16 -19.18 -31.00
CA TRP G 112 28.93 -20.05 -29.85
C TRP G 112 29.05 -21.50 -30.29
N GLY G 113 29.64 -22.33 -29.43
CA GLY G 113 29.58 -23.76 -29.65
C GLY G 113 28.22 -24.32 -29.29
N GLN G 114 28.05 -25.61 -29.55
CA GLN G 114 26.77 -26.25 -29.22
C GLN G 114 26.61 -26.46 -27.72
N GLY G 115 27.69 -26.36 -26.95
CA GLY G 115 27.61 -26.50 -25.51
C GLY G 115 27.81 -27.93 -25.05
N THR G 116 28.25 -28.05 -23.80
CA THR G 116 28.35 -29.35 -23.15
C THR G 116 27.67 -29.30 -21.79
N LEU G 117 26.90 -30.34 -21.50
CA LEU G 117 26.11 -30.37 -20.28
C LEU G 117 26.95 -30.87 -19.13
N VAL G 118 26.98 -30.10 -18.04
CA VAL G 118 27.66 -30.48 -16.82
C VAL G 118 26.61 -30.70 -15.75
N THR G 119 26.55 -31.91 -15.21
CA THR G 119 25.60 -32.27 -14.16
C THR G 119 26.37 -32.53 -12.88
N VAL G 120 26.11 -31.70 -11.86
CA VAL G 120 26.74 -31.86 -10.55
C VAL G 120 25.69 -32.47 -9.64
N SER G 121 25.91 -33.72 -9.25
CA SER G 121 24.94 -34.47 -8.46
C SER G 121 25.63 -35.65 -7.82
N SER G 122 25.12 -36.07 -6.67
CA SER G 122 25.65 -37.28 -6.05
C SER G 122 24.88 -38.53 -6.48
N ALA G 123 23.89 -38.38 -7.37
CA ALA G 123 23.20 -39.55 -7.88
C ALA G 123 24.12 -40.31 -8.82
N SER G 124 23.88 -41.62 -8.95
CA SER G 124 24.70 -42.46 -9.80
C SER G 124 24.07 -42.62 -11.17
N THR G 125 24.92 -42.85 -12.17
CA THR G 125 24.44 -43.13 -13.51
C THR G 125 23.56 -44.36 -13.50
N LYS G 126 22.40 -44.27 -14.15
CA LYS G 126 21.42 -45.35 -14.15
C LYS G 126 20.60 -45.29 -15.43
N GLY G 127 20.47 -46.44 -16.08
CA GLY G 127 19.63 -46.56 -17.24
C GLY G 127 18.16 -46.63 -16.88
N PRO G 128 17.30 -46.23 -17.81
CA PRO G 128 15.88 -46.15 -17.50
C PRO G 128 15.17 -47.50 -17.57
N SER G 129 14.06 -47.57 -16.85
CA SER G 129 13.05 -48.58 -17.11
C SER G 129 12.06 -48.00 -18.11
N VAL G 130 11.64 -48.81 -19.08
CA VAL G 130 10.73 -48.37 -20.12
C VAL G 130 9.44 -49.16 -19.98
N PHE G 131 8.36 -48.45 -19.69
CA PHE G 131 7.05 -49.06 -19.49
C PHE G 131 6.09 -48.61 -20.58
N PRO G 132 5.16 -49.49 -20.97
CA PRO G 132 4.21 -49.11 -22.02
C PRO G 132 3.12 -48.21 -21.49
N LEU G 133 2.71 -47.26 -22.32
CA LEU G 133 1.48 -46.50 -22.11
C LEU G 133 0.50 -47.07 -23.14
N ALA G 134 -0.27 -48.08 -22.73
CA ALA G 134 -1.07 -48.89 -23.64
C ALA G 134 -2.34 -48.13 -24.04
N PRO G 135 -2.73 -48.20 -25.31
CA PRO G 135 -3.96 -47.52 -25.74
C PRO G 135 -5.20 -48.21 -25.20
N SER G 136 -6.15 -47.40 -24.74
CA SER G 136 -7.39 -47.91 -24.18
C SER G 136 -8.36 -48.29 -25.29
N SER G 137 -9.48 -48.91 -24.89
CA SER G 137 -10.54 -49.23 -25.81
C SER G 137 -11.66 -48.21 -25.72
N GLY G 143 -12.08 -41.97 -33.05
CA GLY G 143 -11.32 -42.41 -34.22
C GLY G 143 -9.82 -42.38 -34.01
N THR G 144 -9.37 -41.62 -33.01
CA THR G 144 -7.95 -41.45 -32.72
C THR G 144 -7.63 -42.03 -31.36
N ALA G 145 -6.53 -42.79 -31.28
CA ALA G 145 -6.06 -43.36 -30.04
C ALA G 145 -4.66 -42.85 -29.73
N ALA G 146 -4.32 -42.81 -28.44
CA ALA G 146 -3.00 -42.40 -27.98
C ALA G 146 -2.32 -43.57 -27.29
N LEU G 147 -1.01 -43.69 -27.52
CA LEU G 147 -0.18 -44.69 -26.86
C LEU G 147 1.19 -44.07 -26.64
N GLY G 148 2.00 -44.73 -25.84
CA GLY G 148 3.30 -44.14 -25.55
C GLY G 148 4.19 -45.05 -24.73
N CYS G 149 5.31 -44.47 -24.28
CA CYS G 149 6.30 -45.14 -23.45
C CYS G 149 6.65 -44.24 -22.28
N LEU G 150 6.69 -44.81 -21.09
CA LEU G 150 7.15 -44.12 -19.90
C LEU G 150 8.61 -44.50 -19.65
N VAL G 151 9.50 -43.52 -19.73
CA VAL G 151 10.93 -43.75 -19.63
C VAL G 151 11.35 -43.21 -18.26
N LYS G 152 11.47 -44.10 -17.28
CA LYS G 152 11.47 -43.71 -15.87
C LYS G 152 12.77 -44.07 -15.18
N ASP G 153 13.22 -43.17 -14.31
CA ASP G 153 14.30 -43.42 -13.36
C ASP G 153 15.65 -43.64 -14.06
N TYR G 154 16.07 -42.64 -14.83
CA TYR G 154 17.40 -42.68 -15.44
C TYR G 154 18.19 -41.47 -14.96
N PHE G 155 19.52 -41.56 -15.12
CA PHE G 155 20.35 -40.43 -14.72
C PHE G 155 21.73 -40.61 -15.34
N PRO G 156 22.35 -39.55 -15.87
CA PRO G 156 21.84 -38.19 -16.02
C PRO G 156 21.16 -38.02 -17.37
N GLU G 157 20.81 -36.78 -17.72
CA GLU G 157 20.38 -36.49 -19.08
C GLU G 157 21.54 -36.73 -20.05
N PRO G 158 21.26 -36.99 -21.33
CA PRO G 158 19.93 -37.10 -21.94
C PRO G 158 19.52 -38.51 -22.36
N VAL G 159 18.24 -38.67 -22.71
CA VAL G 159 17.73 -39.83 -23.44
C VAL G 159 17.15 -39.34 -24.77
N THR G 160 17.24 -40.20 -25.77
CA THR G 160 16.54 -40.00 -27.03
C THR G 160 15.46 -41.05 -27.18
N VAL G 161 14.34 -40.66 -27.79
CA VAL G 161 13.24 -41.57 -28.06
C VAL G 161 12.80 -41.39 -29.50
N SER G 162 12.72 -42.48 -30.24
CA SER G 162 12.09 -42.50 -31.56
C SER G 162 11.04 -43.61 -31.57
N TRP G 163 10.22 -43.62 -32.63
CA TRP G 163 9.19 -44.62 -32.79
C TRP G 163 9.39 -45.36 -34.10
N ASN G 164 9.30 -46.69 -34.04
CA ASN G 164 9.49 -47.56 -35.19
C ASN G 164 10.77 -47.21 -35.95
N SER G 165 11.85 -46.99 -35.19
CA SER G 165 13.17 -46.70 -35.73
C SER G 165 13.18 -45.46 -36.61
N GLY G 166 12.30 -44.50 -36.32
CA GLY G 166 12.25 -43.25 -37.05
C GLY G 166 11.24 -43.22 -38.18
N ALA G 167 10.61 -44.35 -38.50
CA ALA G 167 9.59 -44.38 -39.55
C ALA G 167 8.29 -43.71 -39.11
N LEU G 168 8.06 -43.59 -37.81
CA LEU G 168 6.84 -42.98 -37.29
C LEU G 168 7.22 -41.66 -36.64
N THR G 169 6.78 -40.55 -37.24
CA THR G 169 7.12 -39.23 -36.71
C THR G 169 5.88 -38.35 -36.53
N SER G 170 4.87 -38.53 -37.37
CA SER G 170 3.68 -37.70 -37.28
C SER G 170 2.92 -37.98 -35.98
N GLY G 171 2.57 -36.91 -35.28
CA GLY G 171 1.83 -37.04 -34.04
C GLY G 171 2.65 -37.49 -32.84
N VAL G 172 3.98 -37.51 -32.96
CA VAL G 172 4.83 -37.91 -31.86
C VAL G 172 5.12 -36.69 -30.99
N HIS G 173 5.00 -36.87 -29.68
CA HIS G 173 5.42 -35.85 -28.71
C HIS G 173 6.30 -36.52 -27.68
N THR G 174 7.57 -36.14 -27.65
CA THR G 174 8.49 -36.58 -26.60
C THR G 174 8.66 -35.41 -25.63
N PHE G 175 8.21 -35.60 -24.40
CA PHE G 175 8.13 -34.49 -23.47
C PHE G 175 9.49 -34.23 -22.81
N PRO G 176 9.73 -33.00 -22.39
CA PRO G 176 10.93 -32.71 -21.60
C PRO G 176 10.96 -33.57 -20.34
N ALA G 177 12.15 -34.01 -19.96
CA ALA G 177 12.29 -34.80 -18.76
C ALA G 177 12.03 -33.94 -17.53
N VAL G 178 11.47 -34.55 -16.49
CA VAL G 178 11.30 -33.90 -15.21
C VAL G 178 12.23 -34.58 -14.22
N LEU G 179 12.85 -33.78 -13.37
CA LEU G 179 13.69 -34.31 -12.31
C LEU G 179 12.80 -34.66 -11.12
N GLN G 180 12.75 -35.94 -10.77
CA GLN G 180 11.91 -36.37 -9.67
C GLN G 180 12.58 -36.07 -8.33
N SER G 181 11.79 -36.15 -7.26
CA SER G 181 12.31 -35.87 -5.94
C SER G 181 13.39 -36.87 -5.53
N SER G 182 13.42 -38.04 -6.17
CA SER G 182 14.49 -39.01 -5.94
C SER G 182 15.82 -38.59 -6.53
N GLY G 183 15.86 -37.51 -7.31
CA GLY G 183 17.06 -37.14 -8.03
C GLY G 183 17.24 -37.82 -9.36
N LEU G 184 16.29 -38.65 -9.78
CA LEU G 184 16.34 -39.34 -11.07
C LEU G 184 15.34 -38.69 -12.02
N TYR G 185 15.65 -38.77 -13.32
CA TYR G 185 14.76 -38.17 -14.32
C TYR G 185 13.72 -39.18 -14.77
N SER G 186 12.66 -38.65 -15.38
CA SER G 186 11.62 -39.46 -15.99
C SER G 186 10.96 -38.65 -17.09
N LEU G 187 10.63 -39.30 -18.20
CA LEU G 187 9.90 -38.63 -19.26
C LEU G 187 8.97 -39.61 -19.94
N SER G 188 7.99 -39.07 -20.65
CA SER G 188 7.10 -39.85 -21.49
C SER G 188 7.22 -39.40 -22.93
N SER G 189 7.03 -40.34 -23.84
CA SER G 189 6.91 -40.07 -25.27
C SER G 189 5.61 -40.72 -25.73
N VAL G 190 4.76 -39.96 -26.41
CA VAL G 190 3.44 -40.44 -26.83
C VAL G 190 3.28 -40.21 -28.32
N VAL G 191 2.31 -40.91 -28.90
CA VAL G 191 1.94 -40.73 -30.29
C VAL G 191 0.46 -41.00 -30.43
N THR G 192 -0.21 -40.22 -31.26
CA THR G 192 -1.61 -40.48 -31.61
C THR G 192 -1.68 -41.13 -32.98
N VAL G 193 -2.52 -42.15 -33.09
CA VAL G 193 -2.65 -42.97 -34.30
C VAL G 193 -4.11 -43.30 -34.51
N PRO G 194 -4.48 -43.72 -35.73
CA PRO G 194 -5.86 -44.14 -35.97
C PRO G 194 -6.23 -45.35 -35.14
N SER G 195 -7.43 -45.30 -34.55
CA SER G 195 -7.91 -46.40 -33.72
C SER G 195 -7.99 -47.71 -34.49
N SER G 196 -8.36 -47.64 -35.77
CA SER G 196 -8.51 -48.85 -36.58
C SER G 196 -7.20 -49.57 -36.86
N SER G 197 -6.06 -48.94 -36.57
CA SER G 197 -4.76 -49.55 -36.85
C SER G 197 -4.18 -50.32 -35.67
N LEU G 198 -4.77 -50.19 -34.48
CA LEU G 198 -4.20 -50.82 -33.28
C LEU G 198 -4.13 -52.35 -33.37
N GLY G 199 -4.87 -52.96 -34.29
CA GLY G 199 -4.88 -54.41 -34.38
C GLY G 199 -3.88 -54.98 -35.36
N THR G 200 -3.44 -54.16 -36.32
CA THR G 200 -2.55 -54.62 -37.38
C THR G 200 -1.17 -53.97 -37.39
N GLN G 201 -1.03 -52.76 -36.86
CA GLN G 201 0.23 -52.03 -36.91
C GLN G 201 1.00 -52.19 -35.60
N THR G 202 2.31 -52.43 -35.72
CA THR G 202 3.19 -52.59 -34.58
C THR G 202 3.82 -51.24 -34.21
N TYR G 203 3.77 -50.89 -32.93
CA TYR G 203 4.34 -49.65 -32.43
C TYR G 203 5.42 -49.96 -31.42
N ILE G 204 6.63 -49.49 -31.69
CA ILE G 204 7.80 -49.73 -30.87
C ILE G 204 8.48 -48.39 -30.62
N CYS G 205 8.74 -48.10 -29.35
CA CYS G 205 9.52 -46.91 -28.99
C CYS G 205 10.97 -47.32 -28.78
N ASN G 206 11.88 -46.57 -29.39
CA ASN G 206 13.31 -46.87 -29.33
C ASN G 206 13.93 -45.87 -28.36
N VAL G 207 14.40 -46.38 -27.22
CA VAL G 207 14.96 -45.56 -26.15
C VAL G 207 16.47 -45.79 -26.12
N ASN G 208 17.23 -44.70 -26.09
CA ASN G 208 18.69 -44.76 -25.99
C ASN G 208 19.13 -43.81 -24.90
N HIS G 209 19.82 -44.35 -23.90
CA HIS G 209 20.41 -43.57 -22.81
C HIS G 209 21.92 -43.79 -22.88
N LYS G 210 22.59 -42.94 -23.66
CA LYS G 210 24.01 -43.13 -23.90
C LYS G 210 24.87 -43.07 -22.64
N PRO G 211 24.63 -42.20 -21.64
CA PRO G 211 25.48 -42.20 -20.45
C PRO G 211 25.56 -43.54 -19.73
N SER G 212 24.56 -44.40 -19.85
CA SER G 212 24.61 -45.73 -19.24
C SER G 212 24.72 -46.83 -20.27
N ASN G 213 24.86 -46.48 -21.56
CA ASN G 213 24.91 -47.46 -22.65
C ASN G 213 23.69 -48.38 -22.61
N THR G 214 22.52 -47.79 -22.40
CA THR G 214 21.26 -48.54 -22.33
C THR G 214 20.42 -48.21 -23.56
N LYS G 215 20.15 -49.22 -24.39
CA LYS G 215 19.22 -49.09 -25.49
C LYS G 215 18.11 -50.12 -25.32
N VAL G 216 16.87 -49.68 -25.47
CA VAL G 216 15.70 -50.54 -25.31
C VAL G 216 14.73 -50.26 -26.45
N ASP G 217 14.23 -51.32 -27.08
CA ASP G 217 13.13 -51.24 -28.03
C ASP G 217 11.92 -51.89 -27.37
N LYS G 218 10.90 -51.10 -27.08
CA LYS G 218 9.71 -51.56 -26.34
C LYS G 218 8.48 -51.53 -27.24
N LYS G 219 7.88 -52.70 -27.45
CA LYS G 219 6.62 -52.78 -28.18
C LYS G 219 5.46 -52.42 -27.26
N VAL G 220 4.60 -51.52 -27.73
CA VAL G 220 3.42 -51.07 -26.99
C VAL G 220 2.21 -51.59 -27.74
N GLU G 221 1.40 -52.41 -27.08
CA GLU G 221 0.24 -53.03 -27.70
C GLU G 221 -0.94 -52.94 -26.75
N PRO G 222 -2.17 -53.06 -27.26
CA PRO G 222 -3.34 -53.03 -26.38
C PRO G 222 -3.29 -54.14 -25.34
N LYS G 223 -3.62 -53.77 -24.10
CA LYS G 223 -3.65 -54.73 -22.99
C LYS G 223 -4.81 -55.71 -23.15
N GLU H 1 26.60 -4.62 -10.02
CA GLU H 1 26.14 -5.36 -11.18
C GLU H 1 24.93 -4.70 -11.85
N ILE H 2 24.98 -4.57 -13.16
CA ILE H 2 23.88 -3.98 -13.92
C ILE H 2 22.86 -5.06 -14.24
N VAL H 3 21.63 -4.88 -13.76
CA VAL H 3 20.55 -5.83 -13.99
C VAL H 3 19.80 -5.43 -15.25
N LEU H 4 19.63 -6.39 -16.17
CA LEU H 4 18.83 -6.20 -17.36
C LEU H 4 17.48 -6.86 -17.18
N THR H 5 16.41 -6.08 -17.28
CA THR H 5 15.04 -6.57 -17.12
C THR H 5 14.34 -6.51 -18.47
N GLN H 6 13.99 -7.66 -19.01
CA GLN H 6 13.30 -7.76 -20.28
C GLN H 6 11.80 -7.88 -20.08
N SER H 7 11.04 -7.27 -20.99
CA SER H 7 9.59 -7.34 -20.95
C SER H 7 9.06 -7.26 -22.38
N PRO H 8 7.92 -7.90 -22.67
CA PRO H 8 7.20 -8.79 -21.75
C PRO H 8 7.90 -10.14 -21.65
N GLY H 9 7.46 -10.99 -20.71
CA GLY H 9 8.03 -12.31 -20.62
C GLY H 9 7.77 -13.15 -21.87
N THR H 10 6.54 -13.10 -22.37
CA THR H 10 6.16 -13.82 -23.58
C THR H 10 5.36 -12.91 -24.51
N LEU H 11 5.71 -12.91 -25.78
CA LEU H 11 4.99 -12.16 -26.81
C LEU H 11 4.30 -13.15 -27.73
N SER H 12 2.98 -13.07 -27.81
CA SER H 12 2.19 -13.98 -28.64
C SER H 12 1.76 -13.22 -29.88
N LEU H 13 2.35 -13.54 -31.02
CA LEU H 13 2.11 -12.80 -32.25
C LEU H 13 2.02 -13.78 -33.41
N SER H 14 1.37 -13.35 -34.47
CA SER H 14 1.25 -14.14 -35.68
C SER H 14 2.29 -13.74 -36.70
N PRO H 15 2.63 -14.64 -37.63
CA PRO H 15 3.61 -14.29 -38.67
C PRO H 15 3.16 -13.09 -39.47
N GLY H 16 4.10 -12.21 -39.79
CA GLY H 16 3.82 -10.97 -40.47
C GLY H 16 3.58 -9.79 -39.56
N GLU H 17 3.35 -10.02 -38.27
CA GLU H 17 3.19 -8.90 -37.34
C GLU H 17 4.56 -8.38 -36.90
N ARG H 18 4.55 -7.21 -36.30
CA ARG H 18 5.76 -6.60 -35.77
C ARG H 18 5.92 -6.93 -34.29
N ALA H 19 7.12 -7.29 -33.90
CA ALA H 19 7.46 -7.60 -32.51
C ALA H 19 8.37 -6.52 -31.97
N THR H 20 8.02 -5.98 -30.80
CA THR H 20 8.81 -4.95 -30.13
C THR H 20 9.21 -5.49 -28.76
N LEU H 21 10.50 -5.70 -28.56
CA LEU H 21 11.03 -6.28 -27.33
C LEU H 21 11.83 -5.23 -26.56
N SER H 22 11.62 -5.16 -25.25
CA SER H 22 12.25 -4.15 -24.43
C SER H 22 13.28 -4.78 -23.50
N CYS H 23 14.35 -4.01 -23.25
CA CYS H 23 15.42 -4.41 -22.33
C CYS H 23 15.79 -3.18 -21.52
N ARG H 24 15.46 -3.21 -20.24
CA ARG H 24 15.70 -2.08 -19.33
C ARG H 24 16.86 -2.40 -18.41
N ALA H 25 17.81 -1.46 -18.30
CA ALA H 25 18.98 -1.63 -17.47
C ALA H 25 18.83 -0.86 -16.17
N SER H 26 19.29 -1.45 -15.07
CA SER H 26 19.23 -0.77 -13.78
C SER H 26 20.19 0.42 -13.73
N GLN H 27 21.18 0.45 -14.61
CA GLN H 27 22.14 1.55 -14.72
C GLN H 27 22.36 1.85 -16.19
N SER H 28 22.89 3.04 -16.45
CA SER H 28 23.16 3.45 -17.82
C SER H 28 24.18 2.53 -18.48
N VAL H 29 23.85 2.08 -19.69
CA VAL H 29 24.74 1.27 -20.52
C VAL H 29 24.91 2.00 -21.85
N SER H 30 26.16 2.25 -22.23
CA SER H 30 26.42 2.83 -23.54
C SER H 30 25.95 1.88 -24.63
N SER H 31 25.39 2.46 -25.71
CA SER H 31 24.84 1.64 -26.77
C SER H 31 25.90 0.74 -27.41
N THR H 32 27.16 1.18 -27.40
CA THR H 32 28.26 0.39 -27.95
C THR H 32 28.36 -0.99 -27.30
N TYR H 33 27.92 -1.12 -26.05
CA TYR H 33 28.18 -2.33 -25.26
C TYR H 33 26.93 -3.14 -24.97
N LEU H 34 25.91 -3.06 -25.82
CA LEU H 34 24.69 -3.84 -25.67
C LEU H 34 24.47 -4.70 -26.90
N ALA H 35 24.03 -5.94 -26.68
CA ALA H 35 23.83 -6.88 -27.78
C ALA H 35 22.54 -7.68 -27.54
N TRP H 36 22.03 -8.25 -28.64
CA TRP H 36 20.86 -9.12 -28.60
C TRP H 36 21.21 -10.47 -29.19
N TYR H 37 20.70 -11.53 -28.57
CA TYR H 37 20.93 -12.90 -29.02
C TYR H 37 19.60 -13.61 -29.21
N GLN H 38 19.57 -14.56 -30.14
CA GLN H 38 18.39 -15.38 -30.42
C GLN H 38 18.71 -16.82 -30.05
N GLN H 39 17.79 -17.48 -29.33
CA GLN H 39 17.95 -18.87 -28.94
C GLN H 39 16.71 -19.68 -29.23
N LYS H 40 16.83 -20.66 -30.11
CA LYS H 40 15.80 -21.67 -30.35
C LYS H 40 15.99 -22.87 -29.43
N PRO H 41 14.92 -23.61 -29.13
CA PRO H 41 15.02 -24.73 -28.18
C PRO H 41 16.06 -25.77 -28.59
N GLY H 42 16.89 -26.17 -27.63
CA GLY H 42 17.91 -27.17 -27.85
C GLY H 42 19.12 -26.69 -28.61
N GLN H 43 19.23 -25.39 -28.86
CA GLN H 43 20.31 -24.83 -29.64
C GLN H 43 21.04 -23.76 -28.83
N ALA H 44 22.26 -23.45 -29.27
CA ALA H 44 23.00 -22.37 -28.65
C ALA H 44 22.44 -21.02 -29.09
N PRO H 45 22.61 -19.98 -28.27
CA PRO H 45 22.25 -18.64 -28.73
C PRO H 45 23.10 -18.25 -29.93
N ARG H 46 22.59 -17.31 -30.72
CA ARG H 46 23.36 -16.75 -31.81
C ARG H 46 23.21 -15.23 -31.78
N LEU H 47 24.29 -14.54 -32.15
CA LEU H 47 24.30 -13.08 -32.14
C LEU H 47 23.37 -12.53 -33.23
N LEU H 48 22.55 -11.56 -32.85
CA LEU H 48 21.70 -10.83 -33.78
C LEU H 48 22.20 -9.41 -33.99
N ILE H 49 22.22 -8.62 -32.92
CA ILE H 49 22.55 -7.20 -32.95
C ILE H 49 23.63 -6.96 -31.90
N TYR H 50 24.60 -6.14 -32.25
CA TYR H 50 25.63 -5.72 -31.31
C TYR H 50 25.76 -4.21 -31.42
N GLY H 51 26.27 -3.59 -30.36
CA GLY H 51 26.30 -2.14 -30.35
C GLY H 51 24.93 -1.53 -30.42
N ALA H 52 23.93 -2.18 -29.83
CA ALA H 52 22.55 -1.74 -29.75
C ALA H 52 21.84 -1.73 -31.11
N SER H 53 22.56 -1.40 -32.19
CA SER H 53 21.91 -1.20 -33.48
C SER H 53 22.61 -1.86 -34.65
N SER H 54 23.80 -2.44 -34.50
CA SER H 54 24.55 -2.97 -35.63
C SER H 54 24.23 -4.45 -35.80
N ARG H 55 23.94 -4.83 -37.04
CA ARG H 55 23.49 -6.17 -37.35
C ARG H 55 24.67 -7.13 -37.47
N ALA H 56 24.51 -8.34 -36.96
CA ALA H 56 25.54 -9.36 -37.09
C ALA H 56 25.52 -9.96 -38.49
N THR H 57 26.58 -10.67 -38.82
CA THR H 57 26.74 -11.23 -40.16
C THR H 57 25.61 -12.19 -40.50
N GLY H 58 24.98 -11.96 -41.66
CA GLY H 58 23.92 -12.83 -42.14
C GLY H 58 22.55 -12.58 -41.54
N ILE H 59 22.43 -11.65 -40.60
CA ILE H 59 21.13 -11.37 -39.99
C ILE H 59 20.32 -10.50 -40.94
N PRO H 60 19.06 -10.85 -41.23
CA PRO H 60 18.28 -10.10 -42.22
C PRO H 60 17.87 -8.72 -41.73
N ASP H 61 17.48 -7.89 -42.72
CA ASP H 61 17.19 -6.47 -42.48
C ASP H 61 15.99 -6.24 -41.57
N ARG H 62 15.09 -7.21 -41.41
CA ARG H 62 13.91 -6.98 -40.60
C ARG H 62 14.23 -6.87 -39.11
N PHE H 63 15.44 -7.25 -38.70
CA PHE H 63 15.89 -7.09 -37.32
C PHE H 63 16.58 -5.74 -37.18
N SER H 64 16.13 -4.95 -36.21
CA SER H 64 16.79 -3.68 -35.91
C SER H 64 16.70 -3.39 -34.42
N GLY H 65 17.66 -2.62 -33.93
CA GLY H 65 17.72 -2.28 -32.52
C GLY H 65 17.93 -0.79 -32.34
N SER H 66 17.59 -0.32 -31.15
CA SER H 66 17.72 1.09 -30.82
C SER H 66 17.72 1.24 -29.30
N GLY H 67 17.95 2.47 -28.86
CA GLY H 67 17.92 2.80 -27.45
C GLY H 67 19.29 3.20 -26.92
N SER H 68 19.27 3.83 -25.75
CA SER H 68 20.49 4.26 -25.09
C SER H 68 20.21 4.47 -23.62
N GLY H 69 21.27 4.42 -22.82
CA GLY H 69 21.13 4.62 -21.39
C GLY H 69 20.58 3.40 -20.67
N THR H 70 19.29 3.46 -20.34
CA THR H 70 18.64 2.39 -19.60
C THR H 70 17.55 1.66 -20.38
N ASP H 71 17.09 2.21 -21.51
CA ASP H 71 15.98 1.63 -22.25
C ASP H 71 16.42 1.29 -23.67
N PHE H 72 16.40 0.00 -24.00
CA PHE H 72 16.81 -0.49 -25.30
C PHE H 72 15.69 -1.32 -25.92
N THR H 73 15.67 -1.37 -27.25
CA THR H 73 14.57 -1.99 -27.98
C THR H 73 15.12 -2.85 -29.13
N LEU H 74 14.57 -4.04 -29.26
CA LEU H 74 14.75 -4.87 -30.44
C LEU H 74 13.44 -4.95 -31.20
N THR H 75 13.47 -4.59 -32.49
CA THR H 75 12.29 -4.60 -33.34
C THR H 75 12.46 -5.61 -34.46
N ILE H 76 11.44 -6.44 -34.67
CA ILE H 76 11.34 -7.31 -35.83
C ILE H 76 10.15 -6.80 -36.64
N SER H 77 10.41 -6.25 -37.82
CA SER H 77 9.39 -5.47 -38.52
C SER H 77 8.21 -6.34 -38.97
N ARG H 78 8.49 -7.53 -39.49
CA ARG H 78 7.44 -8.47 -39.84
C ARG H 78 7.94 -9.88 -39.57
N LEU H 79 7.23 -10.59 -38.69
CA LEU H 79 7.71 -11.88 -38.19
C LEU H 79 7.64 -12.95 -39.26
N GLU H 80 8.75 -13.62 -39.48
CA GLU H 80 8.86 -14.83 -40.27
C GLU H 80 8.78 -16.05 -39.37
N PRO H 81 8.39 -17.21 -39.90
CA PRO H 81 8.30 -18.42 -39.07
C PRO H 81 9.56 -18.72 -38.29
N GLU H 82 10.74 -18.49 -38.87
CA GLU H 82 12.00 -18.79 -38.19
C GLU H 82 12.36 -17.77 -37.11
N ASP H 83 11.60 -16.69 -36.97
CA ASP H 83 11.92 -15.67 -35.97
C ASP H 83 11.32 -15.96 -34.60
N PHE H 84 10.45 -16.96 -34.47
CA PHE H 84 9.84 -17.30 -33.19
C PHE H 84 10.81 -18.10 -32.34
N ALA H 85 11.24 -17.50 -31.23
CA ALA H 85 12.37 -17.99 -30.46
C ALA H 85 12.41 -17.19 -29.16
N VAL H 86 13.46 -17.42 -28.37
CA VAL H 86 13.71 -16.64 -27.16
C VAL H 86 14.82 -15.65 -27.47
N TYR H 87 14.67 -14.42 -26.99
CA TYR H 87 15.61 -13.35 -27.27
C TYR H 87 16.18 -12.82 -25.96
N TYR H 88 17.50 -12.71 -25.89
CA TYR H 88 18.21 -12.22 -24.73
C TYR H 88 18.96 -10.95 -25.09
N CYS H 89 18.90 -9.94 -24.21
CA CYS H 89 19.79 -8.82 -24.30
C CYS H 89 20.96 -9.02 -23.34
N GLN H 90 22.07 -8.35 -23.64
CA GLN H 90 23.32 -8.51 -22.90
C GLN H 90 24.04 -7.18 -22.89
N GLN H 91 24.66 -6.86 -21.74
CA GLN H 91 25.55 -5.71 -21.66
C GLN H 91 26.95 -6.21 -21.35
N TYR H 92 27.95 -5.60 -22.00
CA TYR H 92 29.34 -5.95 -21.73
C TYR H 92 30.19 -4.71 -21.48
N GLY H 93 29.58 -3.60 -21.05
CA GLY H 93 30.35 -2.41 -20.73
C GLY H 93 30.84 -2.33 -19.30
N SER H 94 30.35 -3.21 -18.42
CA SER H 94 30.79 -3.24 -17.04
C SER H 94 30.85 -4.68 -16.57
N SER H 95 31.66 -4.91 -15.55
CA SER H 95 31.85 -6.25 -15.00
C SER H 95 30.98 -6.43 -13.76
N PRO H 96 30.25 -7.55 -13.63
CA PRO H 96 30.22 -8.65 -14.60
C PRO H 96 29.36 -8.37 -15.83
N TRP H 97 29.75 -8.90 -16.99
CA TRP H 97 28.82 -8.96 -18.11
C TRP H 97 27.55 -9.66 -17.66
N THR H 98 26.39 -9.13 -18.07
CA THR H 98 25.12 -9.68 -17.62
C THR H 98 24.17 -9.81 -18.79
N PHE H 99 23.23 -10.76 -18.65
CA PHE H 99 22.17 -11.00 -19.61
C PHE H 99 20.82 -10.72 -18.97
N GLY H 100 19.87 -10.26 -19.80
CA GLY H 100 18.49 -10.23 -19.38
C GLY H 100 17.94 -11.63 -19.25
N GLN H 101 16.75 -11.73 -18.65
CA GLN H 101 16.16 -13.04 -18.40
C GLN H 101 15.47 -13.62 -19.64
N GLY H 102 15.38 -12.87 -20.73
CA GLY H 102 14.82 -13.41 -21.95
C GLY H 102 13.36 -13.09 -22.19
N THR H 103 13.00 -12.89 -23.46
CA THR H 103 11.62 -12.75 -23.88
C THR H 103 11.32 -13.84 -24.90
N LYS H 104 10.25 -14.59 -24.69
CA LYS H 104 9.85 -15.61 -25.64
C LYS H 104 8.83 -15.02 -26.60
N VAL H 105 9.10 -15.16 -27.89
CA VAL H 105 8.16 -14.77 -28.93
C VAL H 105 7.58 -16.06 -29.48
N GLU H 106 6.29 -16.30 -29.22
CA GLU H 106 5.64 -17.53 -29.66
C GLU H 106 4.65 -17.20 -30.76
N ILE H 107 4.32 -18.22 -31.54
CA ILE H 107 3.37 -18.06 -32.63
C ILE H 107 1.97 -17.98 -32.05
N LYS H 108 1.25 -16.91 -32.37
CA LYS H 108 -0.16 -16.85 -32.00
C LYS H 108 -0.95 -17.59 -33.07
N ARG H 109 -1.91 -18.41 -32.63
CA ARG H 109 -2.77 -19.13 -33.55
C ARG H 109 -4.16 -19.18 -32.93
N THR H 110 -5.07 -19.84 -33.62
CA THR H 110 -6.43 -19.96 -33.13
C THR H 110 -6.49 -20.96 -31.97
N VAL H 111 -7.55 -20.80 -31.16
CA VAL H 111 -7.70 -21.61 -29.97
C VAL H 111 -8.00 -23.06 -30.36
N ALA H 112 -7.33 -23.99 -29.70
CA ALA H 112 -7.55 -25.42 -29.91
C ALA H 112 -7.64 -26.08 -28.55
N ALA H 113 -8.77 -26.74 -28.28
CA ALA H 113 -8.95 -27.46 -27.03
C ALA H 113 -8.16 -28.77 -27.05
N PRO H 114 -7.63 -29.19 -25.90
CA PRO H 114 -6.87 -30.44 -25.85
C PRO H 114 -7.74 -31.68 -26.00
N SER H 115 -7.17 -32.71 -26.62
CA SER H 115 -7.67 -34.07 -26.49
C SER H 115 -6.99 -34.71 -25.28
N VAL H 116 -7.79 -35.38 -24.45
CA VAL H 116 -7.32 -35.88 -23.16
C VAL H 116 -7.31 -37.40 -23.18
N PHE H 117 -6.25 -37.99 -22.64
CA PHE H 117 -6.09 -39.43 -22.51
C PHE H 117 -5.50 -39.73 -21.15
N ILE H 118 -5.95 -40.83 -20.55
CA ILE H 118 -5.43 -41.28 -19.27
C ILE H 118 -4.86 -42.68 -19.44
N PHE H 119 -3.75 -42.96 -18.74
CA PHE H 119 -3.08 -44.24 -18.82
C PHE H 119 -2.88 -44.79 -17.40
N PRO H 120 -3.40 -45.96 -17.09
CA PRO H 120 -3.10 -46.59 -15.79
C PRO H 120 -1.66 -47.05 -15.76
N PRO H 121 -1.11 -47.33 -14.58
CA PRO H 121 0.22 -47.95 -14.53
C PRO H 121 0.19 -49.31 -15.19
N SER H 122 1.27 -49.63 -15.90
CA SER H 122 1.38 -50.94 -16.52
C SER H 122 1.61 -52.01 -15.46
N ASP H 123 1.22 -53.24 -15.79
CA ASP H 123 1.51 -54.36 -14.89
C ASP H 123 3.01 -54.53 -14.69
N GLU H 124 3.82 -54.24 -15.72
CA GLU H 124 5.27 -54.34 -15.59
C GLU H 124 5.78 -53.42 -14.48
N GLN H 125 5.33 -52.17 -14.48
CA GLN H 125 5.77 -51.24 -13.44
C GLN H 125 5.27 -51.65 -12.07
N LEU H 126 4.04 -52.18 -11.99
CA LEU H 126 3.49 -52.59 -10.71
C LEU H 126 4.32 -53.68 -10.07
N LYS H 127 4.93 -54.55 -10.89
CA LYS H 127 5.82 -55.57 -10.35
C LYS H 127 7.04 -54.95 -9.66
N SER H 128 7.42 -53.74 -10.07
CA SER H 128 8.59 -53.07 -9.50
C SER H 128 8.31 -52.40 -8.16
N GLY H 129 7.04 -52.24 -7.78
CA GLY H 129 6.68 -51.67 -6.49
C GLY H 129 6.20 -50.23 -6.50
N THR H 130 6.18 -49.55 -7.66
CA THR H 130 5.70 -48.18 -7.75
C THR H 130 4.70 -48.07 -8.89
N ALA H 131 3.84 -47.06 -8.81
CA ALA H 131 2.78 -46.85 -9.80
C ALA H 131 2.79 -45.42 -10.32
N SER H 132 2.83 -45.27 -11.65
CA SER H 132 2.73 -43.99 -12.32
C SER H 132 1.44 -43.93 -13.13
N VAL H 133 0.60 -42.94 -12.88
CA VAL H 133 -0.59 -42.66 -13.67
C VAL H 133 -0.32 -41.43 -14.51
N VAL H 134 -0.60 -41.52 -15.82
CA VAL H 134 -0.24 -40.48 -16.78
C VAL H 134 -1.51 -39.92 -17.42
N CYS H 135 -1.61 -38.60 -17.46
CA CYS H 135 -2.68 -37.89 -18.16
C CYS H 135 -2.05 -37.09 -19.29
N LEU H 136 -2.58 -37.24 -20.50
CA LEU H 136 -2.04 -36.57 -21.68
C LEU H 136 -3.03 -35.55 -22.21
N LEU H 137 -2.55 -34.32 -22.39
CA LEU H 137 -3.30 -33.24 -23.04
C LEU H 137 -2.62 -32.97 -24.37
N ASN H 138 -3.31 -33.24 -25.48
CA ASN H 138 -2.70 -33.25 -26.79
C ASN H 138 -3.16 -32.06 -27.63
N ASN H 139 -2.19 -31.34 -28.20
CA ASN H 139 -2.41 -30.37 -29.28
C ASN H 139 -3.40 -29.28 -28.92
N PHE H 140 -3.05 -28.46 -27.91
CA PHE H 140 -3.91 -27.38 -27.49
C PHE H 140 -3.20 -26.03 -27.62
N TYR H 141 -4.00 -24.96 -27.60
CA TYR H 141 -3.51 -23.59 -27.64
C TYR H 141 -4.63 -22.68 -27.17
N PRO H 142 -4.35 -21.65 -26.34
CA PRO H 142 -3.02 -21.31 -25.83
C PRO H 142 -2.48 -22.25 -24.76
N ARG H 143 -1.33 -21.88 -24.20
CA ARG H 143 -0.53 -22.82 -23.42
C ARG H 143 -1.15 -23.09 -22.04
N GLU H 144 -1.89 -22.12 -21.49
CA GLU H 144 -2.40 -22.27 -20.13
C GLU H 144 -3.43 -23.39 -20.06
N ALA H 145 -3.28 -24.28 -19.07
CA ALA H 145 -4.20 -25.38 -18.85
C ALA H 145 -4.06 -25.85 -17.41
N LYS H 146 -5.11 -26.51 -16.92
CA LYS H 146 -5.11 -27.03 -15.56
C LYS H 146 -5.47 -28.51 -15.56
N VAL H 147 -4.67 -29.32 -14.87
CA VAL H 147 -4.93 -30.74 -14.67
C VAL H 147 -5.13 -30.98 -13.19
N GLN H 148 -6.24 -31.62 -12.82
CA GLN H 148 -6.52 -31.99 -11.44
C GLN H 148 -6.68 -33.50 -11.35
N TRP H 149 -5.88 -34.12 -10.49
CA TRP H 149 -5.98 -35.56 -10.23
C TRP H 149 -6.94 -35.81 -9.07
N LYS H 150 -7.83 -36.78 -9.24
CA LYS H 150 -8.72 -37.22 -8.17
C LYS H 150 -8.61 -38.72 -8.04
N VAL H 151 -8.44 -39.20 -6.81
CA VAL H 151 -8.37 -40.63 -6.51
C VAL H 151 -9.49 -40.92 -5.53
N ASP H 152 -10.52 -41.62 -6.00
CA ASP H 152 -11.75 -41.85 -5.23
C ASP H 152 -12.31 -40.53 -4.69
N ASN H 153 -12.40 -39.54 -5.58
CA ASN H 153 -12.88 -38.19 -5.31
C ASN H 153 -12.00 -37.40 -4.37
N ALA H 154 -10.80 -37.87 -4.07
CA ALA H 154 -9.86 -37.11 -3.25
C ALA H 154 -8.91 -36.37 -4.18
N LEU H 155 -8.91 -35.04 -4.08
CA LEU H 155 -8.04 -34.22 -4.92
C LEU H 155 -6.59 -34.41 -4.51
N GLN H 156 -5.74 -34.74 -5.48
CA GLN H 156 -4.32 -34.97 -5.23
C GLN H 156 -3.56 -33.67 -5.46
N SER H 157 -2.66 -33.35 -4.53
CA SER H 157 -1.88 -32.12 -4.61
C SER H 157 -0.47 -32.40 -4.11
N GLY H 158 0.53 -32.11 -4.94
CA GLY H 158 1.91 -32.22 -4.55
C GLY H 158 2.57 -33.54 -4.89
N ASN H 159 1.85 -34.48 -5.51
CA ASN H 159 2.39 -35.78 -5.86
C ASN H 159 2.29 -36.04 -7.35
N SER H 160 2.28 -34.98 -8.16
CA SER H 160 2.28 -35.11 -9.61
C SER H 160 3.28 -34.12 -10.19
N GLN H 161 3.74 -34.41 -11.40
CA GLN H 161 4.62 -33.52 -12.14
C GLN H 161 4.20 -33.45 -13.59
N GLU H 162 4.28 -32.26 -14.17
CA GLU H 162 3.93 -32.07 -15.57
C GLU H 162 5.10 -31.47 -16.34
N SER H 163 5.12 -31.75 -17.63
CA SER H 163 6.07 -31.17 -18.57
C SER H 163 5.33 -30.85 -19.85
N VAL H 164 5.73 -29.76 -20.51
CA VAL H 164 5.03 -29.25 -21.67
C VAL H 164 6.01 -29.18 -22.83
N THR H 165 5.58 -29.61 -24.01
CA THR H 165 6.43 -29.57 -25.19
C THR H 165 6.60 -28.13 -25.68
N GLU H 166 7.62 -27.94 -26.53
CA GLU H 166 7.72 -26.70 -27.26
C GLU H 166 6.61 -26.64 -28.32
N GLN H 167 6.35 -25.43 -28.82
CA GLN H 167 5.32 -25.26 -29.83
C GLN H 167 5.61 -26.15 -31.04
N ASP H 168 4.60 -26.88 -31.48
CA ASP H 168 4.77 -27.84 -32.56
C ASP H 168 5.13 -27.13 -33.86
N SER H 169 6.04 -27.73 -34.62
CA SER H 169 6.53 -27.10 -35.84
C SER H 169 5.48 -27.03 -36.94
N LYS H 170 4.48 -27.91 -36.91
CA LYS H 170 3.48 -27.91 -37.98
C LYS H 170 2.18 -27.19 -37.63
N ASP H 171 1.64 -27.36 -36.42
CA ASP H 171 0.38 -26.71 -36.08
C ASP H 171 0.48 -25.70 -34.95
N SER H 172 1.67 -25.51 -34.37
CA SER H 172 1.93 -24.47 -33.37
C SER H 172 1.15 -24.71 -32.07
N THR H 173 0.76 -25.94 -31.79
CA THR H 173 0.08 -26.24 -30.54
C THR H 173 1.08 -26.70 -29.48
N TYR H 174 0.57 -26.89 -28.27
CA TYR H 174 1.33 -27.46 -27.17
C TYR H 174 0.71 -28.79 -26.76
N SER H 175 1.53 -29.61 -26.11
CA SER H 175 1.06 -30.84 -25.47
C SER H 175 1.62 -30.89 -24.06
N LEU H 176 0.89 -31.55 -23.17
CA LEU H 176 1.25 -31.62 -21.78
C LEU H 176 1.06 -33.03 -21.28
N SER H 177 1.99 -33.51 -20.47
CA SER H 177 1.86 -34.78 -19.78
C SER H 177 1.94 -34.52 -18.29
N SER H 178 1.02 -35.12 -17.53
CA SER H 178 1.04 -35.04 -16.08
C SER H 178 1.14 -36.45 -15.52
N THR H 179 2.10 -36.65 -14.62
CA THR H 179 2.36 -37.96 -14.03
C THR H 179 2.08 -37.93 -12.54
N LEU H 180 1.12 -38.74 -12.11
CA LEU H 180 0.82 -38.93 -10.69
C LEU H 180 1.56 -40.15 -10.18
N THR H 181 2.31 -39.98 -9.09
CA THR H 181 3.13 -41.06 -8.53
C THR H 181 2.53 -41.52 -7.21
N LEU H 182 2.30 -42.84 -7.11
CA LEU H 182 1.84 -43.48 -5.89
C LEU H 182 2.65 -44.74 -5.65
N SER H 183 2.75 -45.13 -4.39
CA SER H 183 3.28 -46.45 -4.11
C SER H 183 2.31 -47.51 -4.60
N LYS H 184 2.83 -48.70 -4.88
CA LYS H 184 1.97 -49.80 -5.30
C LYS H 184 0.92 -50.11 -4.23
N ALA H 185 1.33 -50.10 -2.95
CA ALA H 185 0.38 -50.36 -1.88
C ALA H 185 -0.73 -49.32 -1.85
N ASP H 186 -0.37 -48.04 -2.02
CA ASP H 186 -1.37 -46.99 -2.06
C ASP H 186 -2.28 -47.14 -3.28
N TYR H 187 -1.68 -47.44 -4.44
CA TYR H 187 -2.46 -47.58 -5.67
C TYR H 187 -3.52 -48.67 -5.55
N GLU H 188 -3.17 -49.80 -4.94
CA GLU H 188 -4.11 -50.91 -4.85
C GLU H 188 -5.17 -50.73 -3.77
N LYS H 189 -5.08 -49.67 -2.97
CA LYS H 189 -6.08 -49.37 -1.96
C LYS H 189 -7.27 -48.57 -2.51
N HIS H 190 -7.23 -48.14 -3.77
CA HIS H 190 -8.25 -47.26 -4.32
C HIS H 190 -8.69 -47.74 -5.69
N LYS H 191 -9.85 -47.25 -6.13
CA LYS H 191 -10.51 -47.76 -7.33
C LYS H 191 -10.54 -46.76 -8.49
N VAL H 192 -11.10 -45.57 -8.29
CA VAL H 192 -11.35 -44.64 -9.38
C VAL H 192 -10.20 -43.65 -9.48
N TYR H 193 -9.58 -43.60 -10.65
CA TYR H 193 -8.50 -42.66 -10.94
C TYR H 193 -8.93 -41.77 -12.08
N ALA H 194 -8.86 -40.46 -11.87
CA ALA H 194 -9.38 -39.49 -12.84
C ALA H 194 -8.47 -38.27 -12.90
N CYS H 195 -8.28 -37.75 -14.12
CA CYS H 195 -7.72 -36.41 -14.30
C CYS H 195 -8.77 -35.53 -14.97
N GLU H 196 -8.97 -34.35 -14.41
CA GLU H 196 -9.96 -33.39 -14.90
C GLU H 196 -9.20 -32.21 -15.50
N VAL H 197 -9.51 -31.87 -16.75
CA VAL H 197 -8.76 -30.90 -17.52
C VAL H 197 -9.65 -29.70 -17.81
N THR H 198 -9.12 -28.51 -17.55
CA THR H 198 -9.77 -27.26 -17.94
C THR H 198 -8.85 -26.50 -18.91
N HIS H 199 -9.48 -25.79 -19.84
CA HIS H 199 -8.78 -25.01 -20.85
C HIS H 199 -9.77 -23.98 -21.38
N GLN H 200 -9.25 -22.81 -21.75
CA GLN H 200 -10.15 -21.73 -22.18
C GLN H 200 -10.92 -22.10 -23.44
N GLY H 201 -10.45 -23.08 -24.22
CA GLY H 201 -11.20 -23.57 -25.35
C GLY H 201 -12.25 -24.62 -25.04
N LEU H 202 -12.40 -25.01 -23.77
CA LEU H 202 -13.37 -26.00 -23.36
C LEU H 202 -14.55 -25.32 -22.66
N SER H 203 -15.77 -25.61 -23.12
CA SER H 203 -16.96 -25.04 -22.52
C SER H 203 -17.24 -25.62 -21.14
N SER H 204 -16.75 -26.83 -20.87
CA SER H 204 -16.84 -27.42 -19.54
C SER H 204 -15.64 -28.36 -19.38
N PRO H 205 -15.24 -28.65 -18.14
CA PRO H 205 -14.05 -29.48 -17.94
C PRO H 205 -14.22 -30.88 -18.51
N VAL H 206 -13.13 -31.42 -19.03
CA VAL H 206 -13.09 -32.78 -19.56
C VAL H 206 -12.43 -33.69 -18.54
N THR H 207 -13.10 -34.80 -18.20
CA THR H 207 -12.59 -35.76 -17.24
C THR H 207 -12.44 -37.12 -17.93
N LYS H 208 -11.23 -37.68 -17.85
CA LYS H 208 -10.97 -39.05 -18.25
C LYS H 208 -10.62 -39.87 -17.02
N SER H 209 -11.16 -41.09 -16.94
CA SER H 209 -10.96 -41.90 -15.75
C SER H 209 -10.96 -43.37 -16.10
N PHE H 210 -10.42 -44.17 -15.18
CA PHE H 210 -10.52 -45.62 -15.23
C PHE H 210 -10.74 -46.15 -13.83
N ASN H 211 -11.28 -47.35 -13.74
CA ASN H 211 -11.37 -48.10 -12.50
C ASN H 211 -10.26 -49.12 -12.47
N ARG H 212 -9.46 -49.12 -11.41
CA ARG H 212 -8.34 -50.06 -11.30
C ARG H 212 -8.83 -51.49 -11.45
N GLY H 213 -8.20 -52.24 -12.34
CA GLY H 213 -8.52 -53.64 -12.53
C GLY H 213 -9.53 -53.95 -13.62
N GLU H 214 -9.81 -53.02 -14.52
CA GLU H 214 -10.75 -53.27 -15.61
C GLU H 214 -10.11 -53.03 -16.97
N VAL I 2 -31.25 39.60 31.38
CA VAL I 2 -30.55 39.59 30.10
C VAL I 2 -31.48 39.15 28.98
N GLN I 3 -31.75 40.06 28.04
CA GLN I 3 -32.67 39.80 26.96
C GLN I 3 -32.08 40.27 25.64
N LEU I 4 -32.33 39.50 24.57
CA LEU I 4 -31.92 39.84 23.22
C LEU I 4 -33.17 39.99 22.35
N UNK I 5 -33.15 40.99 21.47
CA UNK I 5 -34.28 41.22 20.57
C UNK I 5 -33.75 41.54 19.19
N UNK I 6 -34.08 40.70 18.22
CA UNK I 6 -33.75 40.94 16.83
C UNK I 6 -34.86 41.75 16.16
N SER I 7 -34.49 42.49 15.12
CA SER I 7 -35.45 43.23 14.32
C SER I 7 -34.82 43.50 12.96
N GLY I 8 -35.62 44.05 12.06
CA GLY I 8 -35.17 44.43 10.73
C GLY I 8 -35.50 43.44 9.64
N GLY I 9 -36.07 42.29 9.97
CA GLY I 9 -36.41 41.32 8.95
C GLY I 9 -37.56 41.80 8.08
N GLY I 10 -37.72 41.11 6.95
CA GLY I 10 -38.80 41.46 6.04
C GLY I 10 -38.66 40.71 4.73
N UNK I 11 -39.34 41.24 3.71
CA UNK I 11 -39.37 40.65 2.37
C UNK I 11 -38.55 41.49 1.42
N VAL I 12 -37.63 40.85 0.70
CA VAL I 12 -36.80 41.51 -0.29
C VAL I 12 -36.73 40.64 -1.54
N GLN I 13 -36.44 41.30 -2.67
CA GLN I 13 -36.24 40.60 -3.93
C GLN I 13 -34.84 40.00 -4.00
N UNK I 14 -34.64 39.01 -4.87
CA UNK I 14 -33.28 38.49 -5.08
C UNK I 14 -32.34 39.59 -5.53
N GLY I 15 -31.20 39.69 -4.86
CA GLY I 15 -30.23 40.74 -5.11
C GLY I 15 -30.37 41.95 -4.21
N UNK I 16 -31.42 42.01 -3.40
CA UNK I 16 -31.64 43.14 -2.52
C UNK I 16 -30.83 43.05 -1.23
N SER I 17 -31.04 44.04 -0.36
CA SER I 17 -30.29 44.17 0.87
C SER I 17 -31.22 44.33 2.06
N LEU I 18 -30.74 43.88 3.21
CA LEU I 18 -31.43 44.00 4.48
C LEU I 18 -30.40 44.16 5.59
N UNK I 19 -30.75 44.94 6.61
CA UNK I 19 -29.89 45.16 7.76
C UNK I 19 -30.63 44.70 9.01
N LEU I 20 -30.23 43.56 9.55
CA LEU I 20 -30.79 43.05 10.79
C LEU I 20 -30.05 43.66 11.96
N SER I 21 -30.76 43.87 13.07
CA SER I 21 -30.15 44.36 14.29
C SER I 21 -30.58 43.49 15.45
N CYS I 22 -29.73 43.45 16.48
CA CYS I 22 -29.97 42.62 17.66
C CYS I 22 -29.59 43.48 18.87
N UNK I 23 -30.59 43.90 19.63
CA UNK I 23 -30.39 44.78 20.77
C UNK I 23 -30.42 43.96 22.05
N ALA I 24 -29.44 44.20 22.92
CA ALA I 24 -29.31 43.48 24.18
C ALA I 24 -29.69 44.40 25.33
N UNK I 25 -30.38 43.83 26.32
CA UNK I 25 -30.79 44.55 27.52
C UNK I 25 -30.29 43.79 28.75
N UNK I 26 -30.01 44.54 29.81
CA UNK I 26 -29.65 43.95 31.08
C UNK I 26 -28.21 43.52 31.23
N UNK I 27 -27.35 43.82 30.26
CA UNK I 27 -25.94 43.50 30.35
C UNK I 27 -25.20 44.22 29.24
N UNK I 28 -24.05 44.82 29.58
CA UNK I 28 -23.19 45.42 28.58
C UNK I 28 -22.53 44.35 27.74
N UNK I 29 -22.55 44.52 26.41
CA UNK I 29 -22.09 43.48 25.50
C UNK I 29 -20.65 43.64 25.06
N UNK I 30 -19.99 44.75 25.41
CA UNK I 30 -18.67 45.05 24.85
C UNK I 30 -17.65 43.94 25.12
N UNK I 31 -17.84 43.16 26.18
CA UNK I 31 -16.90 42.12 26.57
C UNK I 31 -17.14 40.78 25.87
N UNK I 32 -18.27 40.61 25.18
CA UNK I 32 -18.65 39.29 24.70
C UNK I 32 -18.84 39.29 23.19
N UNK I 33 -18.51 38.16 22.57
CA UNK I 33 -18.83 37.97 21.17
C UNK I 33 -20.32 37.79 20.98
N UNK I 34 -20.83 38.25 19.84
CA UNK I 34 -22.22 38.13 19.47
C UNK I 34 -22.32 37.38 18.15
N UNK I 35 -23.17 36.38 18.09
CA UNK I 35 -23.28 35.53 16.91
C UNK I 35 -24.68 35.59 16.32
N TRP I 36 -24.75 35.42 15.01
CA TRP I 36 -26.01 35.29 14.29
C TRP I 36 -26.14 33.86 13.80
N UNK I 37 -27.32 33.29 14.01
CA UNK I 37 -27.70 31.99 13.48
C UNK I 37 -28.96 32.16 12.65
N ARG I 38 -29.27 31.14 11.85
CA ARG I 38 -30.52 31.14 11.09
C ARG I 38 -31.05 29.72 11.00
N GLN I 39 -32.36 29.63 10.84
CA GLN I 39 -33.04 28.34 10.71
C GLN I 39 -34.07 28.45 9.59
N UNK I 40 -33.84 27.75 8.49
CA UNK I 40 -34.77 27.72 7.39
C UNK I 40 -35.89 26.74 7.70
N PRO I 41 -37.04 26.86 7.02
CA PRO I 41 -38.20 26.01 7.38
C PRO I 41 -37.89 24.53 7.28
N GLY I 42 -38.11 23.82 8.39
CA GLY I 42 -37.90 22.39 8.43
C GLY I 42 -36.46 21.96 8.51
N UNK I 43 -35.54 22.88 8.75
CA UNK I 43 -34.11 22.61 8.75
C UNK I 43 -33.52 22.91 10.12
N UNK I 44 -32.25 22.53 10.29
CA UNK I 44 -31.59 22.73 11.58
C UNK I 44 -31.09 24.17 11.69
N ARG I 45 -30.92 24.62 12.94
CA ARG I 45 -30.33 25.93 13.19
C ARG I 45 -28.88 25.92 12.74
N GLU I 46 -28.46 27.00 12.09
CA GLU I 46 -27.19 27.05 11.37
C GLU I 46 -26.45 28.34 11.67
N UNK I 47 -25.14 28.23 11.91
CA UNK I 47 -24.30 29.39 12.16
C UNK I 47 -24.24 30.30 10.93
N VAL I 48 -24.23 31.61 11.17
CA VAL I 48 -24.14 32.59 10.10
C VAL I 48 -22.87 33.41 10.24
N UNK I 49 -22.72 34.09 11.36
CA UNK I 49 -21.58 34.99 11.55
C UNK I 49 -21.42 35.28 13.04
N UNK I 50 -20.21 35.69 13.41
CA UNK I 50 -19.90 36.08 14.78
C UNK I 50 -19.09 37.36 14.74
N UNK I 51 -19.49 38.34 15.55
CA UNK I 51 -18.71 39.55 15.78
C UNK I 51 -18.08 39.44 17.16
N UNK I 52 -16.76 39.25 17.21
CA UNK I 52 -16.04 39.21 18.47
C UNK I 52 -15.81 40.64 18.97
N UNK I 53 -15.13 40.75 20.11
CA UNK I 53 -14.83 42.07 20.66
C UNK I 53 -14.08 42.92 19.63
N UNK I 54 -14.25 44.23 19.73
CA UNK I 54 -13.63 45.15 18.80
C UNK I 54 -12.13 44.90 18.73
N UNK I 55 -11.62 44.68 17.52
CA UNK I 55 -10.24 44.34 17.32
C UNK I 55 -9.96 42.85 17.22
N UNK I 56 -10.93 42.00 17.58
CA UNK I 56 -10.76 40.56 17.49
C UNK I 56 -11.39 39.96 16.24
N UNK I 57 -12.00 40.78 15.38
CA UNK I 57 -12.41 40.32 14.07
C UNK I 57 -13.82 39.76 14.02
N UNK I 58 -14.20 39.40 12.80
CA UNK I 58 -15.49 38.79 12.51
C UNK I 58 -15.27 37.53 11.68
N UNK I 59 -16.06 36.50 11.92
CA UNK I 59 -15.93 35.23 11.22
C UNK I 59 -17.28 34.83 10.64
N UNK I 60 -17.25 34.09 9.54
CA UNK I 60 -18.45 33.89 8.73
C UNK I 60 -18.58 32.43 8.30
N UNK I 61 -19.84 32.02 8.13
CA UNK I 61 -20.15 30.72 7.55
C UNK I 61 -19.85 30.73 6.05
N ASP I 62 -19.61 29.53 5.51
CA ASP I 62 -19.28 29.42 4.08
C ASP I 62 -20.41 29.91 3.18
N SER I 63 -21.67 29.74 3.59
CA SER I 63 -22.78 30.07 2.70
C SER I 63 -22.98 31.58 2.55
N UNK I 64 -22.47 32.38 3.48
CA UNK I 64 -22.69 33.82 3.47
C UNK I 64 -21.41 34.61 3.27
N UNK I 65 -20.27 33.94 3.12
CA UNK I 65 -19.01 34.64 2.94
C UNK I 65 -19.05 35.52 1.70
N GLY I 66 -18.66 36.79 1.87
CA GLY I 66 -18.62 37.74 0.78
C GLY I 66 -19.90 38.52 0.56
N ARG I 67 -21.01 38.12 1.19
CA ARG I 67 -22.29 38.80 1.02
C ARG I 67 -22.80 39.44 2.29
N PHE I 68 -22.52 38.86 3.45
CA PHE I 68 -23.01 39.40 4.71
C PHE I 68 -21.86 40.05 5.47
N THR I 69 -22.19 41.08 6.25
CA THR I 69 -21.23 41.76 7.10
C THR I 69 -21.85 41.93 8.48
N UNK I 70 -21.11 41.53 9.51
CA UNK I 70 -21.55 41.69 10.89
C UNK I 70 -20.73 42.81 11.51
N SER I 71 -21.35 43.63 12.35
CA SER I 71 -20.67 44.73 12.99
C SER I 71 -21.33 45.03 14.32
N UNK I 72 -20.65 45.85 15.13
CA UNK I 72 -21.08 46.16 16.48
C UNK I 72 -21.19 47.65 16.70
N ASP I 73 -22.04 48.03 17.65
CA ASP I 73 -22.09 49.38 18.23
C ASP I 73 -22.20 49.15 19.75
N UNK I 74 -21.05 49.07 20.41
CA UNK I 74 -21.06 48.78 21.85
C UNK I 74 -21.75 49.88 22.64
N UNK I 75 -21.71 51.12 22.14
CA UNK I 75 -22.40 52.22 22.82
C UNK I 75 -23.90 52.03 22.80
N UNK I 76 -24.42 51.34 21.78
CA UNK I 76 -25.84 51.05 21.69
C UNK I 76 -26.19 49.64 22.11
N UNK I 77 -25.21 48.85 22.56
CA UNK I 77 -25.42 47.47 22.98
C UNK I 77 -26.09 46.65 21.89
N UNK I 78 -25.68 46.87 20.65
CA UNK I 78 -26.35 46.31 19.49
C UNK I 78 -25.34 45.75 18.51
N UNK I 79 -25.70 44.64 17.86
CA UNK I 79 -24.93 44.09 16.76
C UNK I 79 -25.84 44.03 15.53
N UNK I 80 -25.23 44.13 14.36
CA UNK I 80 -25.97 44.19 13.11
C UNK I 80 -25.48 43.12 12.16
N LEU I 81 -26.35 42.73 11.25
CA LEU I 81 -26.01 41.81 10.16
C LEU I 81 -26.44 42.47 8.86
N GLN I 82 -25.48 42.96 8.10
CA GLN I 82 -25.75 43.57 6.80
C GLN I 82 -25.77 42.48 5.74
N UNK I 83 -26.93 42.27 5.12
CA UNK I 83 -27.13 41.18 4.17
C UNK I 83 -27.28 41.77 2.77
N UNK I 84 -26.29 41.54 1.92
CA UNK I 84 -26.31 41.98 0.54
C UNK I 84 -26.43 40.77 -0.38
N UNK I 85 -26.83 41.04 -1.63
CA UNK I 85 -26.92 40.02 -2.67
C UNK I 85 -27.74 38.81 -2.20
N LEU I 86 -28.92 39.11 -1.64
CA LEU I 86 -29.72 38.08 -1.01
C LEU I 86 -30.25 37.08 -2.04
N UNK I 87 -30.29 35.82 -1.64
CA UNK I 87 -30.78 34.74 -2.47
C UNK I 87 -31.96 34.06 -1.79
N UNK I 88 -32.85 33.41 -2.56
CA UNK I 88 -33.98 32.70 -1.94
C UNK I 88 -33.56 31.70 -0.86
N UNK I 89 -32.39 31.08 -0.99
CA UNK I 89 -31.93 30.17 0.05
C UNK I 89 -31.53 30.88 1.34
N ASP I 90 -31.47 32.21 1.34
CA ASP I 90 -31.26 32.94 2.59
C ASP I 90 -32.54 33.10 3.40
N UNK I 91 -33.69 32.70 2.86
CA UNK I 91 -34.94 32.76 3.60
C UNK I 91 -34.88 31.87 4.83
N ALA I 92 -35.14 32.48 6.00
CA ALA I 92 -35.00 31.79 7.28
C ALA I 92 -35.46 32.72 8.39
N UNK I 93 -35.62 32.17 9.58
CA UNK I 93 -35.69 32.95 10.81
C UNK I 93 -34.26 33.14 11.30
N TYR I 94 -33.90 34.39 11.58
CA TYR I 94 -32.54 34.73 12.00
C TYR I 94 -32.53 35.04 13.49
N TYR I 95 -31.59 34.43 14.22
CA TYR I 95 -31.47 34.59 15.66
C TYR I 95 -30.08 35.10 16.01
N CYS I 96 -30.00 35.91 17.07
CA CYS I 96 -28.74 36.30 17.66
C CYS I 96 -28.58 35.68 19.04
N UNK I 97 -27.32 35.44 19.42
CA UNK I 97 -26.98 34.86 20.70
C UNK I 97 -25.71 35.50 21.23
N UNK I 98 -25.61 35.58 22.54
CA UNK I 98 -24.40 36.07 23.21
C UNK I 98 -23.50 34.88 23.50
N UNK I 99 -22.22 35.01 23.19
CA UNK I 99 -21.23 34.06 23.67
C UNK I 99 -20.86 34.46 25.09
N UNK I 100 -21.32 33.70 26.07
CA UNK I 100 -21.06 34.02 27.47
C UNK I 100 -19.61 33.81 27.85
N UNK I 101 -18.84 33.11 27.03
CA UNK I 101 -17.43 32.85 27.31
C UNK I 101 -16.57 33.94 26.66
N UNK I 102 -15.90 34.73 27.49
CA UNK I 102 -15.03 35.77 26.97
C UNK I 102 -13.84 35.21 26.20
N UNK I 103 -13.55 33.92 26.35
CA UNK I 103 -12.49 33.25 25.59
C UNK I 103 -13.00 32.66 24.27
N UNK I 104 -14.25 32.91 23.90
CA UNK I 104 -14.77 32.67 22.55
C UNK I 104 -15.04 31.21 22.25
N UNK I 105 -15.35 30.39 23.26
CA UNK I 105 -15.62 28.98 23.00
C UNK I 105 -17.04 28.73 22.53
N UNK I 106 -17.89 29.75 22.46
CA UNK I 106 -19.24 29.54 21.96
C UNK I 106 -20.22 29.04 23.00
N UNK I 107 -20.18 29.59 24.21
CA UNK I 107 -21.15 29.24 25.25
C UNK I 107 -22.36 30.15 25.09
N UNK I 108 -23.25 29.73 24.20
CA UNK I 108 -24.44 30.50 23.84
C UNK I 108 -25.54 30.24 24.86
N UNK I 109 -25.60 31.08 25.88
CA UNK I 109 -26.57 30.90 26.96
C UNK I 109 -27.86 31.69 26.75
N UNK I 110 -27.79 32.85 26.10
CA UNK I 110 -28.96 33.69 25.89
C UNK I 110 -29.22 33.85 24.39
N TRP I 111 -30.48 33.69 24.00
CA TRP I 111 -30.88 33.76 22.60
C TRP I 111 -32.06 34.71 22.44
N GLY I 112 -32.12 35.36 21.28
CA GLY I 112 -33.30 36.11 20.92
C GLY I 112 -34.40 35.23 20.34
N UNK I 113 -35.56 35.84 20.11
CA UNK I 113 -36.71 35.12 19.57
C UNK I 113 -36.72 35.06 18.05
N GLY I 114 -35.92 35.88 17.38
CA GLY I 114 -35.74 35.77 15.94
C GLY I 114 -36.50 36.86 15.17
N THR I 115 -36.03 37.08 13.94
CA THR I 115 -36.71 37.96 12.99
C THR I 115 -36.65 37.29 11.63
N UNK I 116 -37.77 37.31 10.92
CA UNK I 116 -37.92 36.55 9.68
C UNK I 116 -37.43 37.33 8.47
N VAL I 117 -36.69 36.64 7.60
CA VAL I 117 -36.24 37.19 6.33
C VAL I 117 -36.78 36.31 5.20
N THR I 118 -37.41 36.93 4.22
CA THR I 118 -37.93 36.25 3.04
C THR I 118 -37.31 36.87 1.78
N VAL I 119 -36.77 36.04 0.91
CA VAL I 119 -36.26 36.46 -0.39
C VAL I 119 -37.10 35.77 -1.45
N SER I 120 -37.93 36.54 -2.15
CA SER I 120 -38.82 36.00 -3.16
C SER I 120 -38.91 36.96 -4.34
N SER I 121 -38.89 36.40 -5.54
CA SER I 121 -38.99 37.21 -6.76
C SER I 121 -40.42 37.65 -7.01
N VAL J 2 -22.79 -13.07 -8.42
CA VAL J 2 -22.14 -12.79 -9.69
C VAL J 2 -23.00 -13.35 -10.83
N GLN J 3 -23.53 -12.46 -11.66
CA GLN J 3 -24.43 -12.85 -12.75
C GLN J 3 -24.02 -12.14 -14.03
N LEU J 4 -24.16 -12.84 -15.15
CA LEU J 4 -23.82 -12.33 -16.48
C LEU J 4 -25.08 -12.26 -17.34
N UNK J 5 -25.19 -11.19 -18.13
CA UNK J 5 -26.33 -11.00 -19.01
C UNK J 5 -25.85 -10.50 -20.37
N UNK J 6 -26.07 -11.30 -21.41
CA UNK J 6 -25.75 -10.90 -22.77
C UNK J 6 -26.92 -10.17 -23.42
N SER J 7 -26.60 -9.33 -24.41
CA SER J 7 -27.61 -8.65 -25.20
C SER J 7 -26.99 -8.23 -26.52
N GLY J 8 -27.84 -7.72 -27.41
CA GLY J 8 -27.41 -7.23 -28.71
C GLY J 8 -27.67 -8.14 -29.89
N GLY J 9 -28.19 -9.35 -29.67
CA GLY J 9 -28.47 -10.24 -30.77
C GLY J 9 -29.62 -9.78 -31.64
N GLY J 10 -29.72 -10.39 -32.83
CA GLY J 10 -30.80 -10.05 -33.74
C GLY J 10 -30.61 -10.71 -35.09
N UNK J 11 -31.32 -10.18 -36.08
CA UNK J 11 -31.33 -10.70 -37.45
C UNK J 11 -30.56 -9.76 -38.37
N VAL J 12 -29.63 -10.32 -39.14
CA VAL J 12 -28.82 -9.55 -40.09
C VAL J 12 -28.70 -10.30 -41.41
N GLN J 13 -28.43 -9.54 -42.46
CA GLN J 13 -28.18 -10.10 -43.79
C GLN J 13 -26.73 -10.60 -43.89
N UNK J 14 -26.45 -11.49 -44.84
CA UNK J 14 -25.06 -11.89 -45.08
C UNK J 14 -24.19 -10.69 -45.42
N GLY J 15 -23.06 -10.57 -44.72
CA GLY J 15 -22.17 -9.45 -44.87
C GLY J 15 -22.36 -8.33 -43.86
N UNK J 16 -23.40 -8.41 -43.02
CA UNK J 16 -23.68 -7.38 -42.03
C UNK J 16 -22.85 -7.51 -40.76
N SER J 17 -23.13 -6.61 -39.82
CA SER J 17 -22.39 -6.51 -38.58
C SER J 17 -23.32 -6.50 -37.38
N LEU J 18 -22.81 -6.98 -36.24
CA LEU J 18 -23.54 -6.99 -34.98
C LEU J 18 -22.54 -6.82 -33.84
N UNK J 19 -22.97 -6.14 -32.78
CA UNK J 19 -22.14 -5.93 -31.59
C UNK J 19 -22.87 -6.47 -30.36
N LEU J 20 -22.40 -7.60 -29.85
CA LEU J 20 -22.93 -8.19 -28.63
C LEU J 20 -22.22 -7.61 -27.41
N SER J 21 -22.94 -7.53 -26.30
CA SER J 21 -22.38 -7.08 -25.03
C SER J 21 -22.71 -8.07 -23.94
N CYS J 22 -21.86 -8.11 -22.91
CA CYS J 22 -22.02 -9.03 -21.79
C CYS J 22 -21.69 -8.26 -20.52
N UNK J 23 -22.71 -7.97 -19.72
CA UNK J 23 -22.57 -7.15 -18.52
C UNK J 23 -22.52 -8.05 -17.28
N ALA J 24 -21.57 -7.76 -16.40
CA ALA J 24 -21.41 -8.50 -15.16
C ALA J 24 -21.87 -7.66 -13.98
N UNK J 25 -22.53 -8.31 -13.03
CA UNK J 25 -23.00 -7.65 -11.82
C UNK J 25 -22.46 -8.39 -10.61
N UNK J 26 -22.22 -7.64 -9.53
CA UNK J 26 -21.82 -8.26 -8.27
C UNK J 26 -20.36 -8.62 -8.15
N UNK J 27 -19.52 -8.24 -9.11
CA UNK J 27 -18.10 -8.54 -9.03
C UNK J 27 -17.35 -7.72 -10.08
N UNK J 28 -16.22 -7.13 -9.69
CA UNK J 28 -15.36 -6.45 -10.64
C UNK J 28 -14.67 -7.48 -11.54
N UNK J 29 -14.72 -7.25 -12.85
CA UNK J 29 -14.21 -8.22 -13.82
C UNK J 29 -12.81 -7.93 -14.30
N UNK J 30 -12.24 -6.77 -13.93
CA UNK J 30 -10.98 -6.33 -14.54
C UNK J 30 -9.87 -7.35 -14.39
N UNK J 31 -9.94 -8.21 -13.36
CA UNK J 31 -8.90 -9.18 -13.10
C UNK J 31 -9.08 -10.51 -13.85
N UNK J 32 -10.22 -10.74 -14.51
CA UNK J 32 -10.54 -12.04 -15.05
C UNK J 32 -10.77 -11.97 -16.56
N UNK J 33 -10.41 -13.05 -17.24
CA UNK J 33 -10.72 -13.20 -18.65
C UNK J 33 -12.21 -13.44 -18.87
N UNK J 34 -12.71 -12.97 -20.01
CA UNK J 34 -14.10 -13.15 -20.43
C UNK J 34 -14.13 -13.82 -21.79
N UNK J 35 -14.95 -14.86 -21.91
CA UNK J 35 -15.00 -15.67 -23.13
C UNK J 35 -16.39 -15.66 -23.74
N TRP J 36 -16.43 -15.77 -25.07
CA TRP J 36 -17.67 -15.93 -25.82
C TRP J 36 -17.72 -17.34 -26.40
N UNK J 37 -18.88 -17.98 -26.28
CA UNK J 37 -19.19 -19.25 -26.90
C UNK J 37 -20.45 -19.09 -27.75
N ARG J 38 -20.69 -20.08 -28.61
CA ARG J 38 -21.92 -20.11 -29.39
C ARG J 38 -22.40 -21.55 -29.54
N GLN J 39 -23.71 -21.69 -29.76
CA GLN J 39 -24.34 -22.99 -29.92
C GLN J 39 -25.28 -22.88 -31.11
N UNK J 40 -24.92 -23.52 -32.21
CA UNK J 40 -25.74 -23.54 -33.41
C UNK J 40 -26.83 -24.60 -33.27
N PRO J 41 -27.90 -24.50 -34.06
CA PRO J 41 -29.01 -25.46 -33.90
C PRO J 41 -28.53 -26.90 -34.09
N GLY J 42 -28.82 -27.73 -33.08
CA GLY J 42 -28.45 -29.12 -33.11
C GLY J 42 -26.99 -29.42 -32.81
N UNK J 43 -26.23 -28.45 -32.34
CA UNK J 43 -24.80 -28.62 -32.10
C UNK J 43 -24.47 -28.34 -30.64
N UNK J 44 -23.24 -28.70 -30.27
CA UNK J 44 -22.71 -28.46 -28.92
C UNK J 44 -22.13 -27.05 -28.84
N ARG J 45 -21.96 -26.57 -27.61
CA ARG J 45 -21.33 -25.26 -27.40
C ARG J 45 -19.91 -25.25 -27.92
N GLU J 46 -19.52 -24.14 -28.54
CA GLU J 46 -18.27 -24.02 -29.28
C GLU J 46 -17.60 -22.71 -28.90
N UNK J 47 -16.29 -22.76 -28.65
CA UNK J 47 -15.55 -21.57 -28.31
C UNK J 47 -15.54 -20.57 -29.47
N VAL J 48 -15.63 -19.28 -29.14
CA VAL J 48 -15.62 -18.24 -30.15
C VAL J 48 -14.41 -17.31 -29.94
N UNK J 49 -14.31 -16.70 -28.76
CA UNK J 49 -13.26 -15.74 -28.49
C UNK J 49 -13.12 -15.55 -26.99
N UNK J 50 -11.94 -15.07 -26.58
CA UNK J 50 -11.65 -14.74 -25.19
C UNK J 50 -10.93 -13.41 -25.12
N UNK J 51 -11.41 -12.53 -24.23
CA UNK J 51 -10.69 -11.29 -23.90
C UNK J 51 -10.06 -11.47 -22.53
N UNK J 52 -8.73 -11.58 -22.51
CA UNK J 52 -8.00 -11.66 -21.25
C UNK J 52 -7.87 -10.25 -20.67
N UNK J 53 -7.18 -10.14 -19.52
CA UNK J 53 -6.98 -8.84 -18.92
C UNK J 53 -6.32 -7.88 -19.91
N UNK J 54 -6.59 -6.59 -19.73
CA UNK J 54 -6.06 -5.57 -20.63
C UNK J 54 -4.54 -5.69 -20.74
N UNK J 55 -4.05 -5.78 -21.97
CA UNK J 55 -2.65 -5.98 -22.23
C UNK J 55 -2.24 -7.43 -22.41
N UNK J 56 -3.10 -8.39 -22.06
CA UNK J 56 -2.80 -9.80 -22.19
C UNK J 56 -3.38 -10.42 -23.46
N UNK J 57 -4.05 -9.63 -24.29
CA UNK J 57 -4.43 -10.09 -25.62
C UNK J 57 -5.79 -10.76 -25.70
N UNK J 58 -6.15 -11.08 -26.93
CA UNK J 58 -7.39 -11.77 -27.25
C UNK J 58 -7.11 -12.94 -28.18
N UNK J 59 -7.84 -14.05 -27.99
CA UNK J 59 -7.65 -15.25 -28.78
C UNK J 59 -8.98 -15.69 -29.37
N UNK J 60 -8.92 -16.34 -30.54
CA UNK J 60 -10.11 -16.56 -31.35
C UNK J 60 -10.15 -17.98 -31.90
N UNK J 61 -11.37 -18.45 -32.13
CA UNK J 61 -11.62 -19.72 -32.82
C UNK J 61 -11.31 -19.62 -34.31
N ASP J 62 -11.06 -20.76 -34.92
CA ASP J 62 -10.73 -20.82 -36.35
C ASP J 62 -11.86 -20.27 -37.22
N SER J 63 -13.11 -20.47 -36.81
CA SER J 63 -14.24 -20.11 -37.65
C SER J 63 -14.50 -18.61 -37.70
N UNK J 64 -14.01 -17.85 -36.72
CA UNK J 64 -14.26 -16.42 -36.65
C UNK J 64 -13.00 -15.58 -36.79
N UNK J 65 -11.84 -16.21 -36.96
CA UNK J 65 -10.60 -15.45 -37.07
C UNK J 65 -10.65 -14.50 -38.26
N GLY J 66 -10.32 -13.23 -38.00
CA GLY J 66 -10.34 -12.22 -39.02
C GLY J 66 -11.66 -11.50 -39.20
N ARG J 67 -12.73 -11.99 -38.59
CA ARG J 67 -14.05 -11.39 -38.72
C ARG J 67 -14.61 -10.85 -37.42
N PHE J 68 -14.32 -11.48 -36.28
CA PHE J 68 -14.86 -11.06 -34.99
C PHE J 68 -13.76 -10.40 -34.15
N THR J 69 -14.18 -9.47 -33.30
CA THR J 69 -13.30 -8.76 -32.38
C THR J 69 -13.93 -8.72 -31.00
N UNK J 70 -13.17 -9.08 -29.97
CA UNK J 70 -13.61 -8.98 -28.59
C UNK J 70 -12.87 -7.82 -27.93
N SER J 71 -13.55 -7.12 -27.03
CA SER J 71 -12.95 -5.99 -26.34
C SER J 71 -13.59 -5.83 -24.97
N UNK J 72 -12.96 -4.99 -24.14
CA UNK J 72 -13.37 -4.81 -22.75
C UNK J 72 -13.59 -3.33 -22.45
N ASP J 73 -14.42 -3.09 -21.43
CA ASP J 73 -14.55 -1.78 -20.79
C ASP J 73 -14.55 -2.08 -19.28
N UNK J 74 -13.37 -2.10 -18.68
CA UNK J 74 -13.27 -2.46 -17.27
C UNK J 74 -14.00 -1.47 -16.37
N UNK J 75 -14.07 -0.20 -16.78
CA UNK J 75 -14.80 0.79 -16.00
C UNK J 75 -16.29 0.49 -15.97
N UNK J 76 -16.82 -0.18 -17.00
CA UNK J 76 -18.23 -0.54 -17.05
C UNK J 76 -18.51 -2.00 -16.72
N UNK J 77 -17.47 -2.79 -16.40
CA UNK J 77 -17.63 -4.22 -16.07
C UNK J 77 -18.36 -4.95 -17.20
N UNK J 78 -18.01 -4.64 -18.45
CA UNK J 78 -18.72 -5.14 -19.62
C UNK J 78 -17.72 -5.58 -20.67
N UNK J 79 -18.06 -6.67 -21.38
CA UNK J 79 -17.26 -7.15 -22.50
C UNK J 79 -18.13 -7.19 -23.75
N UNK J 80 -17.48 -7.01 -24.91
CA UNK J 80 -18.18 -6.90 -26.19
C UNK J 80 -17.60 -7.89 -27.19
N LEU J 81 -18.44 -8.29 -28.15
CA LEU J 81 -18.04 -9.12 -29.28
C LEU J 81 -18.54 -8.45 -30.55
N GLN J 82 -17.63 -7.85 -31.32
CA GLN J 82 -17.96 -7.19 -32.57
C GLN J 82 -17.91 -8.21 -33.71
N UNK J 83 -19.04 -8.45 -34.36
CA UNK J 83 -19.19 -9.48 -35.39
C UNK J 83 -19.34 -8.81 -36.75
N UNK J 84 -18.33 -8.94 -37.60
CA UNK J 84 -18.36 -8.41 -38.95
C UNK J 84 -18.39 -9.55 -39.98
N UNK J 85 -18.76 -9.18 -41.21
CA UNK J 85 -18.76 -10.09 -42.35
C UNK J 85 -19.53 -11.38 -42.04
N LEU J 86 -20.73 -11.21 -41.50
CA LEU J 86 -21.49 -12.34 -41.00
C LEU J 86 -21.95 -13.26 -42.12
N UNK J 87 -21.95 -14.56 -41.84
CA UNK J 87 -22.37 -15.61 -42.74
C UNK J 87 -23.53 -16.36 -42.10
N UNK J 88 -24.40 -16.98 -42.90
CA UNK J 88 -25.51 -17.77 -42.32
C UNK J 88 -25.06 -18.82 -41.33
N UNK J 89 -23.85 -19.38 -41.51
CA UNK J 89 -23.34 -20.38 -40.57
C UNK J 89 -22.97 -19.79 -39.22
N ASP J 90 -22.95 -18.47 -39.07
CA ASP J 90 -22.78 -17.87 -37.75
C ASP J 90 -24.06 -17.85 -36.92
N UNK J 91 -25.18 -18.29 -37.50
CA UNK J 91 -26.44 -18.36 -36.76
C UNK J 91 -26.32 -19.31 -35.58
N ALA J 92 -26.59 -18.80 -34.38
CA ALA J 92 -26.41 -19.55 -33.14
C ALA J 92 -26.88 -18.68 -31.98
N UNK J 93 -27.01 -19.31 -30.81
CA UNK J 93 -27.12 -18.60 -29.53
C UNK J 93 -25.71 -18.36 -29.00
N TYR J 94 -25.41 -17.12 -28.62
CA TYR J 94 -24.09 -16.73 -28.16
C TYR J 94 -24.11 -16.52 -26.64
N TYR J 95 -23.14 -17.10 -25.94
CA TYR J 95 -23.03 -17.03 -24.49
C TYR J 95 -21.68 -16.43 -24.09
N CYS J 96 -21.67 -15.71 -22.97
CA CYS J 96 -20.42 -15.28 -22.35
C CYS J 96 -20.22 -15.98 -21.02
N UNK J 97 -18.95 -16.17 -20.65
CA UNK J 97 -18.57 -16.81 -19.40
C UNK J 97 -17.34 -16.12 -18.83
N UNK J 98 -17.23 -16.12 -17.50
CA UNK J 98 -16.05 -15.61 -16.81
C UNK J 98 -15.11 -16.77 -16.52
N UNK J 99 -13.82 -16.57 -16.82
CA UNK J 99 -12.78 -17.47 -16.36
C UNK J 99 -12.37 -17.05 -14.95
N UNK J 100 -12.76 -17.83 -13.95
CA UNK J 100 -12.47 -17.48 -12.56
C UNK J 100 -10.99 -17.60 -12.21
N UNK J 101 -10.19 -18.27 -13.03
CA UNK J 101 -8.76 -18.44 -12.78
C UNK J 101 -8.00 -17.30 -13.48
N UNK J 102 -7.39 -16.42 -12.67
CA UNK J 102 -6.62 -15.31 -13.22
C UNK J 102 -5.39 -15.76 -14.01
N UNK J 103 -4.98 -17.02 -13.87
CA UNK J 103 -3.89 -17.56 -14.67
C UNK J 103 -4.38 -18.21 -15.96
N UNK J 104 -5.66 -18.05 -16.28
CA UNK J 104 -6.22 -18.27 -17.61
C UNK J 104 -6.38 -19.75 -17.99
N UNK J 105 -6.60 -20.63 -17.00
CA UNK J 105 -6.79 -22.04 -17.31
C UNK J 105 -8.21 -22.37 -17.73
N UNK J 106 -9.12 -21.41 -17.71
CA UNK J 106 -10.48 -21.66 -18.17
C UNK J 106 -11.44 -22.25 -17.16
N UNK J 107 -11.43 -21.72 -15.93
CA UNK J 107 -12.40 -22.15 -14.92
C UNK J 107 -13.67 -21.33 -15.10
N UNK J 108 -14.53 -21.79 -16.01
CA UNK J 108 -15.76 -21.09 -16.34
C UNK J 108 -16.83 -21.46 -15.33
N UNK J 109 -16.92 -20.66 -14.27
CA UNK J 109 -17.87 -20.92 -13.19
C UNK J 109 -19.18 -20.18 -13.37
N UNK J 110 -19.15 -19.00 -14.00
CA UNK J 110 -20.34 -18.18 -14.18
C UNK J 110 -20.62 -18.00 -15.66
N TRP J 111 -21.88 -18.20 -16.05
CA TRP J 111 -22.31 -18.13 -17.44
C TRP J 111 -23.52 -17.22 -17.57
N GLY J 112 -23.62 -16.57 -18.73
CA GLY J 112 -24.81 -15.84 -19.10
C GLY J 112 -25.91 -16.73 -19.67
N UNK J 113 -27.07 -16.12 -19.92
CA UNK J 113 -28.22 -16.84 -20.42
C UNK J 113 -28.29 -16.93 -21.95
N GLY J 114 -27.55 -16.10 -22.66
CA GLY J 114 -27.42 -16.21 -24.10
C GLY J 114 -28.24 -15.18 -24.87
N THR J 115 -27.80 -14.91 -26.10
CA THR J 115 -28.51 -14.04 -27.03
C THR J 115 -28.41 -14.60 -28.45
N UNK J 116 -29.52 -14.58 -29.18
CA UNK J 116 -29.62 -15.20 -30.50
C UNK J 116 -29.16 -14.29 -31.63
N VAL J 117 -28.38 -14.85 -32.55
CA VAL J 117 -27.99 -14.19 -33.79
C VAL J 117 -28.44 -15.05 -34.97
N THR J 118 -29.12 -14.42 -35.93
CA THR J 118 -29.56 -15.07 -37.16
C THR J 118 -29.00 -14.30 -38.34
N VAL J 119 -28.37 -15.01 -39.28
CA VAL J 119 -27.85 -14.41 -40.50
C VAL J 119 -28.62 -14.99 -41.67
N SER J 120 -29.45 -14.16 -42.30
CA SER J 120 -30.26 -14.59 -43.43
C SER J 120 -30.38 -13.45 -44.44
N UNK K 1 22.86 40.12 -4.57
CA UNK K 1 21.58 39.63 -5.07
C UNK K 1 21.47 38.11 -4.95
N VAL K 2 20.98 37.47 -6.01
CA VAL K 2 20.76 36.03 -6.02
C VAL K 2 22.10 35.31 -6.14
N GLN K 3 22.42 34.49 -5.14
CA GLN K 3 23.69 33.80 -5.08
C GLN K 3 23.47 32.31 -4.87
N LEU K 4 24.24 31.49 -5.58
CA LEU K 4 24.24 30.05 -5.44
C LEU K 4 25.65 29.60 -5.07
N UNK K 5 25.75 28.66 -4.14
CA UNK K 5 27.04 28.15 -3.71
C UNK K 5 26.97 26.65 -3.53
N UNK K 6 27.73 25.92 -4.34
CA UNK K 6 27.83 24.48 -4.20
C UNK K 6 28.96 24.13 -3.23
N SER K 7 28.82 22.98 -2.59
CA SER K 7 29.86 22.45 -1.71
C SER K 7 29.67 20.94 -1.60
N GLY K 8 30.62 20.29 -0.95
CA GLY K 8 30.58 18.86 -0.77
C GLY K 8 31.44 18.10 -1.74
N GLY K 9 32.08 18.79 -2.70
CA GLY K 9 32.94 18.12 -3.64
C GLY K 9 34.22 17.62 -2.99
N GLY K 10 34.89 16.73 -3.71
CA GLY K 10 36.14 16.18 -3.20
C GLY K 10 36.60 15.01 -4.05
N UNK K 11 37.46 14.21 -3.47
CA UNK K 11 38.03 13.03 -4.11
C UNK K 11 37.41 11.79 -3.49
N VAL K 12 36.89 10.90 -4.33
CA VAL K 12 36.28 9.66 -3.84
C VAL K 12 36.78 8.50 -4.69
N GLN K 13 36.72 7.30 -4.09
CA GLN K 13 37.10 6.09 -4.79
C GLN K 13 35.98 5.66 -5.71
N UNK K 14 36.29 4.90 -6.77
CA UNK K 14 35.22 4.33 -7.60
C UNK K 14 34.32 3.43 -6.77
N GLY K 15 33.01 3.66 -6.88
CA GLY K 15 32.04 2.96 -6.07
C GLY K 15 31.63 3.68 -4.81
N UNK K 16 32.29 4.79 -4.47
CA UNK K 16 31.99 5.54 -3.28
C UNK K 16 30.81 6.48 -3.48
N SER K 17 30.53 7.26 -2.44
CA SER K 17 29.37 8.13 -2.42
C SER K 17 29.79 9.55 -2.05
N LEU K 18 29.00 10.51 -2.54
CA LEU K 18 29.20 11.92 -2.24
C LEU K 18 27.85 12.60 -2.20
N UNK K 19 27.73 13.59 -1.32
CA UNK K 19 26.51 14.38 -1.19
C UNK K 19 26.87 15.85 -1.42
N LEU K 20 26.51 16.36 -2.60
CA LEU K 20 26.70 17.77 -2.89
C LEU K 20 25.50 18.56 -2.38
N SER K 21 25.76 19.79 -1.96
CA SER K 21 24.70 20.67 -1.52
C SER K 21 24.86 22.01 -2.22
N CYS K 22 23.73 22.70 -2.40
CA CYS K 22 23.70 23.98 -3.10
C CYS K 22 22.79 24.91 -2.30
N UNK K 23 23.39 25.88 -1.64
CA UNK K 23 22.66 26.82 -0.80
C UNK K 23 22.49 28.12 -1.56
N ALA K 24 21.27 28.65 -1.54
CA ALA K 24 20.94 29.87 -2.26
C ALA K 24 20.77 31.03 -1.30
N UNK K 25 21.27 32.19 -1.69
CA UNK K 25 21.17 33.43 -0.92
C UNK K 25 20.53 34.50 -1.79
N UNK K 26 19.83 35.42 -1.13
CA UNK K 26 19.22 36.55 -1.82
C UNK K 26 17.91 36.25 -2.50
N UNK K 27 17.37 35.04 -2.34
CA UNK K 27 16.07 34.67 -2.87
C UNK K 27 15.63 33.33 -2.28
N UNK K 28 14.37 33.26 -1.84
CA UNK K 28 13.81 31.99 -1.39
C UNK K 28 13.54 31.09 -2.60
N UNK K 29 13.92 29.81 -2.48
CA UNK K 29 13.88 28.90 -3.62
C UNK K 29 12.59 28.10 -3.72
N UNK K 30 11.70 28.19 -2.73
CA UNK K 30 10.53 27.33 -2.70
C UNK K 30 9.66 27.45 -3.95
N UNK K 31 9.73 28.59 -4.64
CA UNK K 31 8.92 28.84 -5.82
C UNK K 31 9.52 28.29 -7.11
N UNK K 32 10.78 27.89 -7.11
CA UNK K 32 11.49 27.59 -8.34
C UNK K 32 12.06 26.18 -8.32
N UNK K 33 12.11 25.57 -9.49
CA UNK K 33 12.84 24.32 -9.65
C UNK K 33 14.33 24.59 -9.57
N UNK K 34 15.07 23.61 -9.07
CA UNK K 34 16.52 23.69 -8.96
C UNK K 34 17.13 22.52 -9.71
N UNK K 35 18.12 22.81 -10.56
CA UNK K 35 18.71 21.82 -11.43
C UNK K 35 20.20 21.67 -11.14
N TRP K 36 20.71 20.46 -11.37
CA TRP K 36 22.14 20.18 -11.31
C TRP K 36 22.65 19.90 -12.72
N UNK K 37 23.78 20.51 -13.06
CA UNK K 37 24.50 20.23 -14.29
C UNK K 37 25.93 19.84 -13.94
N ARG K 38 26.64 19.27 -14.91
CA ARG K 38 28.05 18.98 -14.73
C ARG K 38 28.78 19.14 -16.06
N GLN K 39 30.07 19.44 -15.98
CA GLN K 39 30.90 19.58 -17.17
C GLN K 39 32.24 18.87 -16.89
N UNK K 40 32.43 17.72 -17.54
CA UNK K 40 33.63 16.90 -17.47
C UNK K 40 34.69 17.38 -18.46
N PRO K 41 35.96 17.03 -18.23
CA PRO K 41 37.02 17.47 -19.14
C PRO K 41 36.78 16.95 -20.55
N GLY K 42 36.81 17.87 -21.52
CA GLY K 42 36.64 17.52 -22.91
C GLY K 42 35.21 17.26 -23.36
N UNK K 43 34.22 17.52 -22.52
CA UNK K 43 32.83 17.31 -22.90
C UNK K 43 32.03 18.59 -22.70
N UNK K 44 30.82 18.57 -23.23
CA UNK K 44 29.93 19.72 -23.09
C UNK K 44 29.25 19.68 -21.74
N ARG K 45 28.76 20.83 -21.29
CA ARG K 45 27.99 20.86 -20.06
C ARG K 45 26.75 20.00 -20.22
N GLU K 46 26.42 19.24 -19.18
CA GLU K 46 25.45 18.16 -19.31
C GLU K 46 24.45 18.22 -18.15
N UNK K 47 23.17 18.08 -18.48
CA UNK K 47 22.13 18.03 -17.47
C UNK K 47 22.29 16.79 -16.60
N VAL K 48 22.03 16.95 -15.30
CA VAL K 48 22.15 15.84 -14.36
C VAL K 48 20.79 15.53 -13.74
N UNK K 49 20.19 16.52 -13.08
CA UNK K 49 18.92 16.28 -12.40
C UNK K 49 18.25 17.62 -12.11
N UNK K 50 16.92 17.56 -11.91
CA UNK K 50 16.14 18.72 -11.53
C UNK K 50 15.18 18.31 -10.43
N UNK K 51 15.15 19.12 -9.35
CA UNK K 51 14.15 18.99 -8.30
C UNK K 51 13.17 20.15 -8.46
N UNK K 52 11.95 19.84 -8.88
CA UNK K 52 10.90 20.84 -9.01
C UNK K 52 10.30 21.12 -7.63
N UNK K 53 9.29 21.99 -7.60
CA UNK K 53 8.60 22.29 -6.35
C UNK K 53 8.06 21.02 -5.72
N UNK K 54 7.89 21.06 -4.40
CA UNK K 54 7.41 19.90 -3.65
C UNK K 54 6.12 19.37 -4.24
N UNK K 55 6.12 18.07 -4.57
CA UNK K 55 4.97 17.45 -5.20
C UNK K 55 5.01 17.42 -6.71
N UNK K 56 5.91 18.18 -7.34
CA UNK K 56 6.03 18.19 -8.80
C UNK K 56 7.13 17.27 -9.30
N UNK K 57 7.81 16.57 -8.40
CA UNK K 57 8.70 15.49 -8.77
C UNK K 57 10.13 15.92 -9.04
N UNK K 58 10.95 14.89 -9.28
CA UNK K 58 12.35 15.06 -9.61
C UNK K 58 12.64 14.25 -10.86
N UNK K 59 13.45 14.81 -11.75
CA UNK K 59 13.73 14.20 -13.04
C UNK K 59 15.25 14.09 -13.23
N UNK K 60 15.67 13.09 -14.00
CA UNK K 60 17.08 12.70 -14.04
C UNK K 60 17.54 12.45 -15.47
N UNK K 61 18.82 12.71 -15.70
CA UNK K 61 19.42 12.31 -16.95
C UNK K 61 19.62 10.79 -16.96
N ASP K 62 19.62 10.23 -18.16
CA ASP K 62 19.77 8.78 -18.27
C ASP K 62 21.13 8.33 -17.75
N SER K 63 22.14 9.19 -17.81
CA SER K 63 23.50 8.82 -17.44
C SER K 63 23.65 8.65 -15.93
N UNK K 64 22.75 9.22 -15.13
CA UNK K 64 22.81 9.11 -13.68
C UNK K 64 21.59 8.39 -13.11
N UNK K 65 20.65 7.96 -13.96
CA UNK K 65 19.46 7.27 -13.51
C UNK K 65 19.83 6.01 -12.73
N GLY K 66 19.27 5.87 -11.54
CA GLY K 66 19.55 4.73 -10.70
C GLY K 66 20.72 4.91 -9.74
N ARG K 67 21.53 5.95 -9.92
CA ARG K 67 22.68 6.18 -9.06
C ARG K 67 22.61 7.49 -8.27
N PHE K 68 22.03 8.55 -8.85
CA PHE K 68 21.97 9.85 -8.17
C PHE K 68 20.54 10.13 -7.70
N THR K 69 20.44 10.89 -6.61
CA THR K 69 19.17 11.33 -6.06
C THR K 69 19.26 12.81 -5.73
N UNK K 70 18.28 13.60 -6.20
CA UNK K 70 18.20 15.02 -5.91
C UNK K 70 17.05 15.26 -4.93
N SER K 71 17.23 16.22 -4.02
CA SER K 71 16.21 16.54 -3.04
C SER K 71 16.32 18.00 -2.63
N UNK K 72 15.30 18.48 -1.93
CA UNK K 72 15.17 19.87 -1.53
C UNK K 72 14.94 19.99 -0.03
N ASP K 73 15.35 21.14 0.53
CA ASP K 73 14.94 21.56 1.87
C ASP K 73 14.64 23.05 1.75
N UNK K 74 13.37 23.38 1.45
CA UNK K 74 13.01 24.78 1.24
C UNK K 74 13.21 25.61 2.51
N UNK K 75 13.05 24.98 3.68
CA UNK K 75 13.27 25.71 4.92
C UNK K 75 14.74 26.12 5.07
N UNK K 76 15.64 25.38 4.45
CA UNK K 76 17.06 25.70 4.46
C UNK K 76 17.52 26.36 3.17
N UNK K 77 16.60 26.56 2.22
CA UNK K 77 16.91 27.19 0.93
C UNK K 77 18.06 26.48 0.22
N UNK K 78 18.06 25.15 0.31
CA UNK K 78 19.17 24.35 -0.16
C UNK K 78 18.64 23.14 -0.91
N UNK K 79 19.36 22.74 -1.96
CA UNK K 79 19.08 21.50 -2.68
C UNK K 79 20.33 20.62 -2.62
N UNK K 80 20.10 19.32 -2.70
CA UNK K 80 21.16 18.34 -2.54
C UNK K 80 21.22 17.40 -3.73
N LEU K 81 22.40 16.84 -3.97
CA LEU K 81 22.60 15.80 -4.97
C LEU K 81 23.34 14.64 -4.30
N GLN K 82 22.62 13.55 -4.04
CA GLN K 82 23.21 12.35 -3.47
C GLN K 82 23.75 11.49 -4.60
N UNK K 83 25.06 11.29 -4.63
CA UNK K 83 25.74 10.59 -5.71
C UNK K 83 26.27 9.25 -5.18
N UNK K 84 25.67 8.16 -5.64
CA UNK K 84 26.09 6.82 -5.28
C UNK K 84 26.71 6.11 -6.49
N UNK K 85 27.44 5.03 -6.21
CA UNK K 85 28.03 4.18 -7.23
C UNK K 85 28.85 4.99 -8.22
N LEU K 86 29.71 5.84 -7.68
CA LEU K 86 30.44 6.80 -8.50
C LEU K 86 31.43 6.10 -9.42
N UNK K 87 31.57 6.63 -10.64
CA UNK K 87 32.46 6.10 -11.65
C UNK K 87 33.46 7.17 -12.07
N UNK K 88 34.62 6.77 -12.60
CA UNK K 88 35.59 7.77 -13.08
C UNK K 88 35.02 8.77 -14.07
N UNK K 89 34.06 8.37 -14.90
CA UNK K 89 33.45 9.30 -15.84
C UNK K 89 32.53 10.32 -15.16
N ASP K 90 32.24 10.15 -13.87
CA ASP K 90 31.52 11.18 -13.15
C ASP K 90 32.41 12.34 -12.73
N UNK K 91 33.72 12.25 -12.96
CA UNK K 91 34.62 13.35 -12.66
C UNK K 91 34.22 14.57 -13.49
N ALA K 92 33.96 15.68 -12.82
CA ALA K 92 33.44 16.88 -13.47
C ALA K 92 33.35 18.00 -12.45
N UNK K 93 33.14 19.21 -12.95
CA UNK K 93 32.68 20.32 -12.14
C UNK K 93 31.16 20.27 -12.11
N TYR K 94 30.58 20.30 -10.92
CA TYR K 94 29.14 20.21 -10.76
C TYR K 94 28.57 21.58 -10.41
N TYR K 95 27.52 21.97 -11.14
CA TYR K 95 26.88 23.27 -10.97
C TYR K 95 25.41 23.08 -10.63
N CYS K 96 24.89 24.00 -9.81
CA CYS K 96 23.46 24.11 -9.60
C CYS K 96 22.96 25.41 -10.21
N UNK K 97 21.72 25.39 -10.67
CA UNK K 97 21.11 26.56 -11.30
C UNK K 97 19.65 26.66 -10.91
N UNK K 98 19.15 27.89 -10.85
CA UNK K 98 17.73 28.15 -10.59
C UNK K 98 17.01 28.25 -11.92
N UNK K 99 15.87 27.58 -12.03
CA UNK K 99 14.95 27.79 -13.14
C UNK K 99 14.05 28.96 -12.75
N UNK K 100 14.27 30.12 -13.38
CA UNK K 100 13.51 31.32 -13.06
C UNK K 100 12.06 31.24 -13.53
N UNK K 101 11.72 30.30 -14.42
CA UNK K 101 10.36 30.18 -14.92
C UNK K 101 9.61 29.20 -14.04
N UNK K 102 8.62 29.71 -13.30
CA UNK K 102 7.82 28.84 -12.43
C UNK K 102 7.01 27.82 -13.20
N UNK K 103 6.84 28.00 -14.52
CA UNK K 103 6.17 27.03 -15.36
C UNK K 103 7.14 26.00 -15.94
N UNK K 104 8.40 26.01 -15.50
CA UNK K 104 9.37 24.93 -15.68
C UNK K 104 9.95 24.81 -17.09
N UNK K 105 10.06 25.91 -17.83
CA UNK K 105 10.63 25.84 -19.17
C UNK K 105 12.16 25.85 -19.17
N UNK K 106 12.81 26.01 -18.01
CA UNK K 106 14.26 25.95 -17.93
C UNK K 106 14.98 27.25 -18.23
N UNK K 107 14.48 28.37 -17.69
CA UNK K 107 15.14 29.66 -17.83
C UNK K 107 16.19 29.78 -16.73
N UNK K 108 17.37 29.22 -17.00
CA UNK K 108 18.46 29.17 -16.02
C UNK K 108 19.22 30.48 -16.08
N UNK K 109 18.84 31.43 -15.24
CA UNK K 109 19.49 32.74 -15.24
C UNK K 109 20.61 32.85 -14.21
N UNK K 110 20.50 32.15 -13.09
CA UNK K 110 21.48 32.24 -12.02
C UNK K 110 22.14 30.88 -11.82
N TRP K 111 23.47 30.89 -11.75
CA TRP K 111 24.27 29.68 -11.63
C TRP K 111 25.25 29.82 -10.48
N GLY K 112 25.58 28.69 -9.87
CA GLY K 112 26.69 28.68 -8.96
C GLY K 112 28.01 28.62 -9.72
N UNK K 113 29.11 28.74 -8.98
CA UNK K 113 30.41 28.72 -9.63
C UNK K 113 30.94 27.31 -9.86
N GLY K 114 30.35 26.32 -9.18
CA GLY K 114 30.72 24.95 -9.42
C GLY K 114 31.62 24.41 -8.33
N THR K 115 31.64 23.09 -8.20
CA THR K 115 32.53 22.40 -7.29
C THR K 115 33.08 21.16 -7.96
N UNK K 116 34.37 20.93 -7.79
CA UNK K 116 35.04 19.85 -8.51
C UNK K 116 34.85 18.54 -7.77
N VAL K 117 34.50 17.50 -8.51
CA VAL K 117 34.41 16.14 -8.00
C VAL K 117 35.39 15.29 -8.80
N THR K 118 36.23 14.54 -8.09
CA THR K 118 37.18 13.63 -8.73
C THR K 118 36.91 12.23 -8.23
N VAL K 119 36.72 11.30 -9.16
CA VAL K 119 36.56 9.89 -8.86
C VAL K 119 37.76 9.17 -9.45
N SER K 120 38.65 8.71 -8.59
CA SER K 120 39.88 8.08 -9.03
C SER K 120 40.23 6.92 -8.10
N SER K 121 40.81 5.88 -8.68
CA SER K 121 41.20 4.70 -7.93
C SER K 121 42.49 4.94 -7.14
N ASN L 1 -32.70 -11.18 52.39
CA ASN L 1 -31.68 -12.19 52.27
C ASN L 1 -31.33 -12.49 50.80
N VAL L 2 -32.28 -13.08 50.08
CA VAL L 2 -32.10 -13.43 48.68
C VAL L 2 -33.02 -12.59 47.81
N ASP L 3 -32.45 -12.02 46.75
CA ASP L 3 -33.24 -11.29 45.77
C ASP L 3 -34.31 -12.22 45.20
N PRO L 4 -35.58 -11.82 45.21
CA PRO L 4 -36.62 -12.69 44.62
C PRO L 4 -36.37 -13.01 43.16
N ASN L 5 -35.75 -12.10 42.41
CA ASN L 5 -35.47 -12.33 41.00
C ASN L 5 -34.35 -13.35 40.79
N ALA L 6 -33.64 -13.73 41.84
CA ALA L 6 -32.65 -14.79 41.77
C ALA L 6 -33.20 -16.14 42.20
N ASN L 7 -34.40 -16.18 42.79
CA ASN L 7 -34.96 -17.40 43.32
C ASN L 7 -35.87 -18.04 42.28
N PRO L 8 -35.51 -19.19 41.74
CA PRO L 8 -36.36 -19.87 40.76
C PRO L 8 -37.37 -20.82 41.37
N ASN L 9 -37.34 -21.00 42.68
CA ASN L 9 -38.16 -21.97 43.39
C ASN L 9 -39.29 -21.33 44.18
N VAL L 10 -39.45 -20.00 44.09
CA VAL L 10 -40.51 -19.29 44.80
C VAL L 10 -41.10 -18.24 43.87
N ASP L 11 -42.43 -18.15 43.86
CA ASP L 11 -43.13 -17.13 43.09
C ASP L 11 -42.90 -15.76 43.71
N PRO L 12 -42.28 -14.81 43.00
CA PRO L 12 -42.00 -13.46 43.52
C PRO L 12 -43.23 -12.76 44.10
N ASN M 1 -27.95 22.87 3.60
CA ASN M 1 -28.32 23.96 2.71
C ASN M 1 -27.87 23.66 1.28
N VAL M 2 -28.69 22.92 0.55
CA VAL M 2 -28.43 22.59 -0.85
C VAL M 2 -29.43 23.35 -1.70
N ASP M 3 -28.93 24.06 -2.70
CA ASP M 3 -29.82 24.78 -3.60
C ASP M 3 -30.78 23.79 -4.26
N PRO M 4 -32.09 24.00 -4.17
CA PRO M 4 -33.01 23.09 -4.86
C PRO M 4 -32.76 23.03 -6.35
N ASN M 5 -32.27 24.12 -6.96
CA ASN M 5 -31.99 24.14 -8.39
C ASN M 5 -30.78 23.32 -8.76
N ALA M 6 -29.99 22.86 -7.78
CA ALA M 6 -28.90 21.94 -8.05
C ALA M 6 -29.31 20.49 -7.89
N ASN M 7 -30.49 20.24 -7.32
CA ASN M 7 -30.92 18.88 -7.04
C ASN M 7 -31.77 18.38 -8.19
N PRO M 8 -31.31 17.42 -8.98
CA PRO M 8 -32.11 16.89 -10.09
C PRO M 8 -33.01 15.72 -9.71
N ASN M 9 -32.93 15.26 -8.46
CA ASN M 9 -33.66 14.07 -8.03
C ASN M 9 -34.85 14.42 -7.14
N VAL M 10 -35.11 15.69 -6.90
CA VAL M 10 -36.22 16.13 -6.04
C VAL M 10 -36.85 17.36 -6.68
N ASP M 11 -38.17 17.37 -6.72
CA ASP M 11 -38.91 18.54 -7.21
C ASP M 11 -38.76 19.67 -6.18
N PRO M 12 -38.19 20.83 -6.56
CA PRO M 12 -37.95 21.96 -5.64
C PRO M 12 -39.17 22.39 -4.83
N ASN N 1 21.88 57.63 28.77
CA ASN N 1 20.69 57.45 29.58
C ASN N 1 20.30 55.98 29.68
N VAL N 2 21.13 55.13 29.10
CA VAL N 2 20.93 53.68 29.12
C VAL N 2 21.95 53.10 30.07
N ASP N 3 21.48 52.24 30.99
CA ASP N 3 22.35 51.61 31.96
C ASP N 3 23.46 50.85 31.24
N PRO N 4 24.72 51.00 31.67
CA PRO N 4 25.83 50.30 31.01
C PRO N 4 25.65 48.79 30.91
N ASN N 5 24.98 48.15 31.88
CA ASN N 5 24.83 46.70 31.78
C ASN N 5 23.88 46.27 30.67
N ALA N 6 23.12 47.19 30.09
CA ALA N 6 22.28 46.89 28.93
C ALA N 6 22.94 47.25 27.60
N ASN N 7 24.05 47.98 27.62
CA ASN N 7 24.69 48.45 26.39
C ASN N 7 25.80 47.50 26.00
N PRO N 8 25.67 46.76 24.91
CA PRO N 8 26.73 45.84 24.48
C PRO N 8 27.77 46.44 23.56
N ASN N 9 27.60 47.70 23.16
CA ASN N 9 28.45 48.36 22.18
C ASN N 9 29.38 49.40 22.79
N VAL N 10 29.38 49.54 24.12
CA VAL N 10 30.21 50.51 24.81
C VAL N 10 30.81 49.84 26.03
N ASP N 11 32.11 50.04 26.24
CA ASP N 11 32.77 49.52 27.43
C ASP N 11 32.29 50.29 28.65
N PRO N 12 31.65 49.63 29.64
CA PRO N 12 31.13 50.28 30.85
C PRO N 12 32.18 51.12 31.58
N ASN O 1 36.36 4.88 -20.67
CA ASN O 1 34.99 5.02 -20.22
C ASN O 1 34.42 3.66 -19.81
N VAL O 2 35.18 2.61 -20.10
CA VAL O 2 34.85 1.24 -19.71
C VAL O 2 35.93 0.78 -18.75
N ASP O 3 35.52 0.20 -17.63
CA ASP O 3 36.48 -0.35 -16.68
C ASP O 3 37.35 -1.38 -17.39
N PRO O 4 38.67 -1.34 -17.22
CA PRO O 4 39.54 -2.32 -17.90
C PRO O 4 39.18 -3.77 -17.64
N ASN O 5 38.64 -4.11 -16.45
CA ASN O 5 38.29 -5.50 -16.19
C ASN O 5 37.05 -5.93 -16.96
N ALA O 6 36.32 -5.01 -17.59
CA ALA O 6 35.22 -5.36 -18.46
C ALA O 6 35.62 -5.43 -19.93
N ASN O 7 36.83 -4.94 -20.27
CA ASN O 7 37.29 -4.88 -21.65
C ASN O 7 38.15 -6.10 -21.95
N PRO O 8 37.71 -7.02 -22.82
CA PRO O 8 38.54 -8.18 -23.15
C PRO O 8 39.47 -8.00 -24.34
N ASN O 9 39.42 -6.87 -25.04
CA ASN O 9 40.18 -6.68 -26.26
C ASN O 9 41.39 -5.79 -26.08
N VAL O 10 41.66 -5.30 -24.87
CA VAL O 10 42.78 -4.41 -24.61
C VAL O 10 43.42 -4.80 -23.29
N ASP O 11 44.74 -4.80 -23.27
CA ASP O 11 45.50 -5.06 -22.04
C ASP O 11 45.25 -3.91 -21.07
N PRO O 12 44.74 -4.15 -19.85
CA PRO O 12 44.42 -3.11 -18.87
C PRO O 12 45.57 -2.13 -18.61
N UNK P 1 16.15 1.79 38.45
CA UNK P 1 16.33 1.56 39.87
C UNK P 1 15.93 0.13 40.25
N VAL P 2 15.39 -0.62 39.29
CA VAL P 2 15.02 -2.01 39.52
C VAL P 2 16.30 -2.83 39.48
N GLN P 3 16.68 -3.42 40.61
CA GLN P 3 17.94 -4.16 40.73
C GLN P 3 17.73 -5.49 41.43
N LEU P 4 18.46 -6.50 40.98
CA LEU P 4 18.49 -7.81 41.59
C LEU P 4 19.90 -8.11 42.07
N UNK P 5 20.00 -8.73 43.24
CA UNK P 5 21.29 -9.09 43.82
C UNK P 5 21.19 -10.49 44.40
N UNK P 6 21.96 -11.42 43.86
CA UNK P 6 22.05 -12.76 44.39
C UNK P 6 23.13 -12.85 45.45
N SER P 7 22.96 -13.79 46.38
CA SER P 7 23.98 -14.06 47.39
C SER P 7 23.76 -15.46 47.94
N GLY P 8 24.70 -15.90 48.77
CA GLY P 8 24.64 -17.19 49.41
C GLY P 8 25.50 -18.25 48.77
N GLY P 9 26.14 -17.96 47.65
CA GLY P 9 26.99 -18.92 46.99
C GLY P 9 28.27 -19.19 47.77
N GLY P 10 28.95 -20.27 47.39
CA GLY P 10 30.19 -20.62 48.04
C GLY P 10 30.69 -21.98 47.59
N UNK P 11 31.59 -22.54 48.39
CA UNK P 11 32.23 -23.82 48.10
C UNK P 11 31.68 -24.88 49.04
N VAL P 12 31.25 -26.01 48.47
CA VAL P 12 30.71 -27.13 49.23
C VAL P 12 31.26 -28.44 48.69
N GLN P 13 31.19 -29.47 49.52
CA GLN P 13 31.59 -30.80 49.14
C GLN P 13 30.48 -31.45 48.30
N UNK P 14 30.83 -32.45 47.48
CA UNK P 14 29.77 -33.21 46.80
C UNK P 14 28.85 -33.85 47.84
N GLY P 15 27.54 -33.64 47.67
CA GLY P 15 26.56 -34.08 48.65
C GLY P 15 26.15 -33.00 49.63
N UNK P 16 26.78 -31.83 49.60
CA UNK P 16 26.47 -30.75 50.52
C UNK P 16 25.26 -29.94 50.10
N SER P 17 24.97 -28.91 50.89
CA SER P 17 23.79 -28.08 50.70
C SER P 17 24.17 -26.60 50.68
N LEU P 18 23.35 -25.82 49.98
CA LEU P 18 23.51 -24.38 49.89
C LEU P 18 22.13 -23.75 49.75
N UNK P 19 21.96 -22.56 50.32
CA UNK P 19 20.71 -21.81 50.22
C UNK P 19 21.02 -20.45 49.60
N LEU P 20 20.67 -20.28 48.33
CA LEU P 20 20.85 -19.02 47.63
C LEU P 20 19.66 -18.09 47.85
N SER P 21 19.93 -16.79 47.86
CA SER P 21 18.91 -15.78 47.97
C SER P 21 19.10 -14.72 46.91
N CYS P 22 18.00 -14.06 46.56
CA CYS P 22 17.97 -13.04 45.52
C CYS P 22 17.09 -11.89 46.01
N UNK P 23 17.69 -10.75 46.31
CA UNK P 23 16.98 -9.61 46.84
C UNK P 23 16.70 -8.60 45.73
N ALA P 24 15.46 -8.14 45.65
CA ALA P 24 15.04 -7.18 44.64
C ALA P 24 14.85 -5.81 45.25
N UNK P 25 15.25 -4.77 44.51
CA UNK P 25 15.13 -3.40 44.98
C UNK P 25 14.35 -2.56 43.97
N UNK P 26 13.64 -1.56 44.47
CA UNK P 26 12.93 -0.62 43.64
C UNK P 26 11.60 -1.08 43.08
N UNK P 27 11.13 -2.25 43.48
CA UNK P 27 9.85 -2.76 43.03
C UNK P 27 9.45 -3.96 43.88
N UNK P 28 8.19 -4.00 44.29
CA UNK P 28 7.66 -5.16 45.00
C UNK P 28 7.50 -6.32 44.04
N UNK P 29 7.94 -7.50 44.46
CA UNK P 29 7.98 -8.67 43.57
C UNK P 29 6.74 -9.53 43.65
N UNK P 30 5.81 -9.25 44.58
CA UNK P 30 4.67 -10.13 44.79
C UNK P 30 3.86 -10.35 43.53
N UNK P 31 3.91 -9.41 42.58
CA UNK P 31 3.15 -9.51 41.34
C UNK P 31 3.86 -10.30 40.25
N UNK P 32 5.14 -10.62 40.42
CA UNK P 32 5.94 -11.19 39.35
C UNK P 32 6.54 -12.51 39.77
N UNK P 33 6.66 -13.42 38.81
CA UNK P 33 7.40 -14.65 39.01
C UNK P 33 8.90 -14.35 39.08
N UNK P 34 9.61 -15.16 39.85
CA UNK P 34 11.06 -15.06 39.97
C UNK P 34 11.67 -16.39 39.56
N UNK P 35 12.68 -16.34 38.70
CA UNK P 35 13.29 -17.53 38.15
C UNK P 35 14.77 -17.56 38.51
N TRP P 36 15.30 -18.77 38.65
CA TRP P 36 16.73 -18.98 38.85
C TRP P 36 17.32 -19.61 37.60
N UNK P 37 18.46 -19.08 37.16
CA UNK P 37 19.25 -19.64 36.08
C UNK P 37 20.65 -19.93 36.59
N ARG P 38 21.40 -20.71 35.80
CA ARG P 38 22.80 -20.98 36.12
C ARG P 38 23.58 -21.07 34.82
N GLN P 39 24.88 -20.81 34.93
CA GLN P 39 25.79 -20.89 33.78
C GLN P 39 27.06 -21.60 34.23
N UNK P 40 27.24 -22.81 33.76
CA UNK P 40 28.42 -23.59 34.06
C UNK P 40 29.57 -23.19 33.14
N PRO P 41 30.81 -23.46 33.52
CA PRO P 41 31.96 -23.02 32.70
C PRO P 41 31.90 -23.56 31.28
N GLY P 42 31.94 -22.65 30.32
CA GLY P 42 31.95 -22.98 28.91
C GLY P 42 30.60 -23.37 28.31
N UNK P 43 29.51 -23.27 29.05
CA UNK P 43 28.20 -23.64 28.54
C UNK P 43 27.25 -22.46 28.61
N UNK P 44 26.07 -22.63 28.00
CA UNK P 44 25.08 -21.57 27.92
C UNK P 44 24.27 -21.48 29.20
N ARG P 45 23.65 -20.31 29.40
CA ARG P 45 22.76 -20.14 30.54
C ARG P 45 21.60 -21.11 30.46
N GLU P 46 21.23 -21.67 31.61
CA GLU P 46 20.31 -22.78 31.68
C GLU P 46 19.28 -22.54 32.77
N UNK P 47 18.01 -22.78 32.45
CA UNK P 47 16.94 -22.64 33.42
C UNK P 47 17.09 -23.63 34.56
N VAL P 48 16.78 -23.17 35.77
CA VAL P 48 16.87 -24.03 36.95
C VAL P 48 15.49 -24.21 37.59
N UNK P 49 14.86 -23.10 37.99
CA UNK P 49 13.59 -23.17 38.70
C UNK P 49 12.91 -21.82 38.63
N UNK P 50 11.59 -21.83 38.82
CA UNK P 50 10.79 -20.61 38.85
C UNK P 50 9.80 -20.68 40.00
N UNK P 51 9.73 -19.61 40.78
CA UNK P 51 8.69 -19.43 41.78
C UNK P 51 7.70 -18.40 41.25
N UNK P 52 6.50 -18.86 40.89
CA UNK P 52 5.46 -17.94 40.45
C UNK P 52 4.81 -17.28 41.66
N UNK P 53 3.81 -16.43 41.42
CA UNK P 53 3.11 -15.78 42.52
C UNK P 53 2.56 -16.82 43.48
N UNK P 54 2.40 -16.42 44.74
CA UNK P 54 1.93 -17.34 45.78
C UNK P 54 0.63 -18.01 45.36
N UNK P 55 0.63 -19.34 45.39
CA UNK P 55 -0.51 -20.13 44.96
C UNK P 55 -0.47 -20.57 43.51
N UNK P 56 0.44 -20.02 42.71
CA UNK P 56 0.56 -20.38 41.31
C UNK P 56 1.64 -21.43 41.06
N UNK P 57 2.29 -21.92 42.10
CA UNK P 57 3.14 -23.08 42.00
C UNK P 57 4.59 -22.76 41.68
N UNK P 58 5.40 -23.81 41.69
CA UNK P 58 6.82 -23.74 41.37
C UNK P 58 7.15 -24.83 40.36
N UNK P 59 8.02 -24.50 39.41
CA UNK P 59 8.40 -25.43 38.36
C UNK P 59 9.92 -25.52 38.29
N UNK P 60 10.41 -26.68 37.85
CA UNK P 60 11.83 -27.01 38.00
C UNK P 60 12.37 -27.62 36.71
N UNK P 61 13.67 -27.41 36.50
CA UNK P 61 14.36 -28.09 35.42
C UNK P 61 14.53 -29.57 35.74
N ASP P 62 14.62 -30.39 34.68
CA ASP P 62 14.77 -31.83 34.89
C ASP P 62 16.07 -32.17 35.60
N SER P 63 17.12 -31.36 35.42
CA SER P 63 18.41 -31.68 35.98
C SER P 63 18.46 -31.49 37.49
N UNK P 64 17.54 -30.69 38.05
CA UNK P 64 17.52 -30.41 39.48
C UNK P 64 16.26 -30.92 40.16
N UNK P 65 15.36 -31.56 39.43
CA UNK P 65 14.12 -32.04 40.02
C UNK P 65 14.39 -33.03 41.15
N GLY P 66 13.76 -32.80 42.30
CA GLY P 66 13.92 -33.64 43.46
C GLY P 66 15.04 -33.23 44.40
N ARG P 67 15.89 -32.30 43.99
CA ARG P 67 17.01 -31.85 44.80
C ARG P 67 16.92 -30.39 45.21
N PHE P 68 16.36 -29.52 44.36
CA PHE P 68 16.27 -28.11 44.66
C PHE P 68 14.83 -27.73 45.00
N THR P 69 14.68 -26.71 45.86
CA THR P 69 13.39 -26.18 46.23
C THR P 69 13.46 -24.67 46.17
N UNK P 70 12.50 -24.06 45.47
CA UNK P 70 12.42 -22.61 45.36
C UNK P 70 11.25 -22.13 46.21
N SER P 71 11.41 -20.95 46.82
CA SER P 71 10.36 -20.38 47.65
C SER P 71 10.48 -18.86 47.64
N UNK P 72 9.44 -18.19 48.16
CA UNK P 72 9.35 -16.74 48.14
C UNK P 72 9.10 -16.20 49.53
N ASP P 73 9.50 -14.94 49.73
CA ASP P 73 9.13 -14.13 50.89
C ASP P 73 8.75 -12.77 50.33
N UNK P 74 7.47 -12.59 50.01
CA UNK P 74 7.02 -11.35 49.38
C UNK P 74 7.21 -10.15 50.30
N UNK P 75 7.10 -10.36 51.62
CA UNK P 75 7.31 -9.25 52.55
C UNK P 75 8.76 -8.76 52.53
N UNK P 76 9.70 -9.63 52.22
CA UNK P 76 11.11 -9.25 52.13
C UNK P 76 11.59 -9.06 50.69
N UNK P 77 10.69 -9.20 49.71
CA UNK P 77 11.02 -9.00 48.29
C UNK P 77 12.20 -9.87 47.87
N UNK P 78 12.22 -11.12 48.34
CA UNK P 78 13.35 -12.02 48.15
C UNK P 78 12.84 -13.40 47.76
N UNK P 79 13.59 -14.08 46.89
CA UNK P 79 13.30 -15.46 46.54
C UNK P 79 14.51 -16.30 46.92
N UNK P 80 14.25 -17.58 47.23
CA UNK P 80 15.30 -18.46 47.72
C UNK P 80 15.36 -19.72 46.87
N LEU P 81 16.55 -20.32 46.80
CA LEU P 81 16.77 -21.60 46.14
C LEU P 81 17.53 -22.50 47.09
N GLN P 82 16.86 -23.50 47.65
CA GLN P 82 17.48 -24.47 48.53
C GLN P 82 18.04 -25.61 47.69
N UNK P 83 19.36 -25.76 47.70
CA UNK P 83 20.07 -26.73 46.85
C UNK P 83 20.63 -27.85 47.73
N UNK P 84 20.07 -29.05 47.59
CA UNK P 84 20.53 -30.23 48.32
C UNK P 84 21.20 -31.22 47.37
N UNK P 85 21.96 -32.14 47.97
CA UNK P 85 22.62 -33.23 47.25
C UNK P 85 23.43 -32.72 46.07
N LEU P 86 24.24 -31.69 46.34
CA LEU P 86 24.96 -31.00 45.29
C LEU P 86 26.04 -31.88 44.66
N UNK P 87 26.22 -31.75 43.36
CA UNK P 87 27.20 -32.47 42.58
C UNK P 87 28.16 -31.49 41.93
N UNK P 88 29.39 -31.92 41.62
CA UNK P 88 30.33 -31.02 40.92
C UNK P 88 29.78 -30.42 39.65
N UNK P 89 28.91 -31.12 38.91
CA UNK P 89 28.34 -30.55 37.69
C UNK P 89 27.34 -29.43 37.99
N ASP P 90 26.94 -29.24 39.25
CA ASP P 90 26.13 -28.10 39.62
C ASP P 90 26.95 -26.82 39.78
N UNK P 91 28.27 -26.92 39.67
CA UNK P 91 29.12 -25.72 39.72
C UNK P 91 28.75 -24.78 38.59
N ALA P 92 28.44 -23.53 38.94
CA ALA P 92 27.97 -22.55 37.98
C ALA P 92 27.85 -21.21 38.71
N UNK P 93 27.71 -20.15 37.92
CA UNK P 93 27.22 -18.88 38.43
C UNK P 93 25.70 -18.94 38.34
N TYR P 94 25.03 -18.65 39.46
CA TYR P 94 23.58 -18.72 39.52
C TYR P 94 23.00 -17.33 39.51
N TYR P 95 22.02 -17.11 38.63
CA TYR P 95 21.39 -15.82 38.45
C TYR P 95 19.89 -15.94 38.72
N CYS P 96 19.33 -14.86 39.25
CA CYS P 96 17.89 -14.71 39.33
C CYS P 96 17.44 -13.62 38.36
N UNK P 97 16.24 -13.77 37.86
CA UNK P 97 15.67 -12.80 36.92
C UNK P 97 14.19 -12.65 37.24
N UNK P 98 13.68 -11.45 37.00
CA UNK P 98 12.25 -11.18 37.15
C UNK P 98 11.59 -11.42 35.80
N UNK P 99 10.48 -12.16 35.82
CA UNK P 99 9.61 -12.23 34.66
C UNK P 99 8.70 -11.01 34.68
N UNK P 100 8.94 -10.06 33.78
CA UNK P 100 8.17 -8.83 33.76
C UNK P 100 6.73 -9.05 33.32
N UNK P 101 6.42 -10.20 32.75
CA UNK P 101 5.06 -10.51 32.30
C UNK P 101 4.32 -11.20 33.43
N UNK P 102 3.30 -10.54 33.98
CA UNK P 102 2.51 -11.15 35.04
C UNK P 102 1.76 -12.39 34.57
N UNK P 103 1.65 -12.58 33.26
CA UNK P 103 1.04 -13.77 32.68
C UNK P 103 2.05 -14.89 32.44
N UNK P 104 3.30 -14.71 32.88
CA UNK P 104 4.28 -15.80 33.03
C UNK P 104 4.87 -16.28 31.71
N UNK P 105 4.96 -15.41 30.69
CA UNK P 105 5.53 -15.82 29.42
C UNK P 105 7.05 -15.77 29.40
N UNK P 106 7.69 -15.29 30.46
CA UNK P 106 9.14 -15.29 30.54
C UNK P 106 9.82 -14.09 29.91
N UNK P 107 9.30 -12.88 30.15
CA UNK P 107 9.94 -11.66 29.69
C UNK P 107 10.95 -11.22 30.75
N UNK P 108 12.14 -11.81 30.67
CA UNK P 108 13.20 -11.58 31.66
C UNK P 108 13.97 -10.33 31.28
N UNK P 109 13.54 -9.19 31.84
CA UNK P 109 14.18 -7.91 31.54
C UNK P 109 15.26 -7.53 32.55
N UNK P 110 15.11 -7.93 33.81
CA UNK P 110 16.05 -7.56 34.86
C UNK P 110 16.73 -8.80 35.40
N TRP P 111 18.05 -8.74 35.50
CA TRP P 111 18.88 -9.85 35.95
C TRP P 111 19.84 -9.35 37.01
N GLY P 112 20.18 -10.23 37.94
CA GLY P 112 21.27 -9.96 38.85
C GLY P 112 22.61 -10.25 38.20
N UNK P 113 23.68 -9.92 38.92
CA UNK P 113 25.02 -10.16 38.42
C UNK P 113 25.51 -11.57 38.72
N GLY P 114 24.82 -12.30 39.58
CA GLY P 114 25.14 -13.69 39.81
C GLY P 114 25.87 -13.91 41.13
N THR P 115 25.84 -15.16 41.59
CA THR P 115 26.57 -15.59 42.75
C THR P 115 27.19 -16.93 42.45
N UNK P 116 28.45 -17.10 42.86
CA UNK P 116 29.22 -18.27 42.47
C UNK P 116 28.91 -19.45 43.39
N VAL P 117 28.64 -20.60 42.79
CA VAL P 117 28.48 -21.85 43.52
C VAL P 117 29.52 -22.82 42.99
N THR P 118 30.33 -23.37 43.90
CA THR P 118 31.37 -24.33 43.54
C THR P 118 31.20 -25.60 44.35
N VAL P 119 31.20 -26.74 43.66
CA VAL P 119 31.19 -28.05 44.30
C VAL P 119 32.50 -28.73 43.94
N SER P 120 33.40 -28.85 44.91
CA SER P 120 34.72 -29.41 44.66
C SER P 120 35.19 -30.27 45.83
#